data_5M2T
#
_entry.id   5M2T
#
_cell.length_a   64.323
_cell.length_b   72.039
_cell.length_c   89.193
_cell.angle_alpha   110.560
_cell.angle_beta   107.530
_cell.angle_gamma   85.830
#
_symmetry.space_group_name_H-M   'P 1'
#
loop_
_entity.id
_entity.type
_entity.pdbx_description
1 polymer 'Uridine phosphorylase'
2 non-polymer URIDINE
3 non-polymer 'SODIUM ION'
4 non-polymer 'CHLORIDE ION'
5 non-polymer 'MAGNESIUM ION'
6 non-polymer 1,2-ETHANEDIOL
7 water water
#
_entity_poly.entity_id   1
_entity_poly.type   'polypeptide(L)'
_entity_poly.pdbx_seq_one_letter_code
;MTKTVFHLGVTEADLNGATLAIIPGDPARVQKIAELMDNPVFLASHREYTVYRAELDGQSVVVCSTGIGGPSTSIAVEEL
AQLGVRTFLRVGTTGAIQPHVNVGDMIVTTGSVRLDGASLHFAPMEFPAVPDFDVATAMKAAAQESGATVHMGVTASSDT
FYPGQERYDTFTGRVVRRFQGSMKEWQDMGVLNFEMESATLLTMCASSGLKAGCVAGVIINRTQKEIPDHATLKETEARS
IKVVVEAARKMLK
;
_entity_poly.pdbx_strand_id   A,B,C,D,E,F
#
loop_
_chem_comp.id
_chem_comp.type
_chem_comp.name
_chem_comp.formula
CL non-polymer 'CHLORIDE ION' 'Cl -1'
EDO non-polymer 1,2-ETHANEDIOL 'C2 H6 O2'
MG non-polymer 'MAGNESIUM ION' 'Mg 2'
NA non-polymer 'SODIUM ION' 'Na 1'
URI non-polymer URIDINE 'C9 H12 N2 O6'
#
# COMPACT_ATOMS: atom_id res chain seq x y z
N LYS A 3 -17.06 16.00 -33.99
CA LYS A 3 -18.04 16.00 -32.90
C LYS A 3 -18.67 14.61 -32.70
N THR A 4 -18.04 13.60 -33.27
CA THR A 4 -18.43 12.21 -33.06
C THR A 4 -17.43 11.59 -32.09
N VAL A 5 -17.92 11.03 -30.99
CA VAL A 5 -17.02 10.49 -29.99
C VAL A 5 -16.27 9.29 -30.56
N PHE A 6 -15.03 9.09 -30.09
CA PHE A 6 -14.10 8.19 -30.76
C PHE A 6 -14.56 6.75 -30.75
N HIS A 7 -15.00 6.22 -29.60
CA HIS A 7 -15.36 4.81 -29.53
C HIS A 7 -16.81 4.55 -29.89
N LEU A 8 -17.73 5.40 -29.38
CA LEU A 8 -19.16 5.09 -29.57
C LEU A 8 -19.64 5.47 -30.96
N GLY A 9 -18.99 6.41 -31.63
CA GLY A 9 -19.36 6.71 -33.00
C GLY A 9 -20.67 7.46 -33.14
N VAL A 10 -21.07 8.21 -32.13
CA VAL A 10 -22.28 9.01 -32.16
C VAL A 10 -21.95 10.47 -31.83
N THR A 11 -22.87 11.34 -32.20
CA THR A 11 -22.81 12.77 -31.93
C THR A 11 -23.85 13.12 -30.88
N GLU A 12 -23.71 14.33 -30.32
CA GLU A 12 -24.71 14.81 -29.38
C GLU A 12 -26.09 14.89 -30.04
N ALA A 13 -26.14 15.39 -31.28
CA ALA A 13 -27.43 15.48 -31.98
C ALA A 13 -28.10 14.11 -32.16
N ASP A 14 -27.32 13.05 -32.32
CA ASP A 14 -27.87 11.72 -32.47
C ASP A 14 -28.71 11.31 -31.24
N LEU A 15 -28.40 11.85 -30.06
CA LEU A 15 -29.07 11.44 -28.83
C LEU A 15 -30.39 12.17 -28.59
N ASN A 16 -30.71 13.17 -29.41
CA ASN A 16 -31.99 13.87 -29.33
C ASN A 16 -32.30 14.37 -27.93
N GLY A 17 -31.30 14.90 -27.24
CA GLY A 17 -31.48 15.53 -25.94
C GLY A 17 -31.45 14.57 -24.77
N ALA A 18 -31.12 13.30 -24.97
CA ALA A 18 -31.14 12.35 -23.86
C ALA A 18 -30.17 12.78 -22.76
N THR A 19 -30.62 12.68 -21.54
CA THR A 19 -29.73 12.89 -20.38
C THR A 19 -29.64 11.65 -19.50
N LEU A 20 -30.27 10.55 -19.89
CA LEU A 20 -30.26 9.31 -19.16
C LEU A 20 -29.90 8.20 -20.11
N ALA A 21 -29.05 7.28 -19.66
CA ALA A 21 -28.64 6.08 -20.36
C ALA A 21 -28.90 4.85 -19.53
N ILE A 22 -29.35 3.80 -20.16
CA ILE A 22 -29.37 2.44 -19.63
C ILE A 22 -28.19 1.72 -20.24
N ILE A 23 -27.37 1.08 -19.41
CA ILE A 23 -26.08 0.55 -19.83
C ILE A 23 -25.93 -0.92 -19.48
N PRO A 24 -26.47 -1.85 -20.29
CA PRO A 24 -26.19 -3.29 -20.09
C PRO A 24 -24.78 -3.61 -20.54
N GLY A 25 -24.31 -4.81 -20.18
CA GLY A 25 -22.99 -5.26 -20.62
C GLY A 25 -22.96 -5.81 -22.04
N ASP A 26 -23.96 -6.61 -22.39
CA ASP A 26 -23.97 -7.36 -23.61
C ASP A 26 -24.57 -6.54 -24.75
N PRO A 27 -23.84 -6.32 -25.85
CA PRO A 27 -24.43 -5.61 -26.99
C PRO A 27 -25.75 -6.19 -27.46
N ALA A 28 -25.96 -7.50 -27.38
CA ALA A 28 -27.21 -8.09 -27.85
C ALA A 28 -28.41 -7.73 -27.00
N ARG A 29 -28.19 -7.20 -25.80
CA ARG A 29 -29.30 -6.81 -24.94
C ARG A 29 -29.81 -5.40 -25.22
N VAL A 30 -29.06 -4.62 -25.97
CA VAL A 30 -29.39 -3.20 -26.17
C VAL A 30 -30.73 -3.07 -26.88
N GLN A 31 -30.90 -3.78 -28.00
CA GLN A 31 -32.15 -3.67 -28.72
C GLN A 31 -33.30 -4.19 -27.87
N LYS A 32 -33.05 -5.22 -27.04
CA LYS A 32 -34.13 -5.79 -26.23
CA LYS A 32 -34.12 -5.79 -26.22
C LYS A 32 -34.63 -4.80 -25.19
N ILE A 33 -33.74 -3.96 -24.65
CA ILE A 33 -34.16 -2.92 -23.74
C ILE A 33 -34.83 -1.81 -24.51
N ALA A 34 -34.22 -1.39 -25.60
CA ALA A 34 -34.77 -0.28 -26.36
C ALA A 34 -36.20 -0.55 -26.81
N GLU A 35 -36.51 -1.79 -27.16
CA GLU A 35 -37.85 -2.08 -27.70
C GLU A 35 -38.94 -2.08 -26.62
N LEU A 36 -38.56 -2.03 -25.34
CA LEU A 36 -39.51 -1.79 -24.26
C LEU A 36 -39.95 -0.33 -24.19
N MET A 37 -39.32 0.55 -24.94
CA MET A 37 -39.64 1.97 -24.98
C MET A 37 -40.19 2.33 -26.36
N ASP A 38 -40.48 3.60 -26.56
CA ASP A 38 -41.08 4.06 -27.80
C ASP A 38 -40.03 4.48 -28.81
N ASN A 39 -40.33 4.26 -30.08
CA ASN A 39 -39.50 4.73 -31.19
C ASN A 39 -38.03 4.37 -31.06
N PRO A 40 -37.71 3.11 -30.79
CA PRO A 40 -36.28 2.72 -30.73
C PRO A 40 -35.61 2.86 -32.08
N VAL A 41 -34.40 3.40 -32.10
CA VAL A 41 -33.62 3.57 -33.31
C VAL A 41 -32.19 3.20 -33.03
N PHE A 42 -31.64 2.35 -33.87
CA PHE A 42 -30.23 2.02 -33.88
C PHE A 42 -29.39 3.23 -34.26
N LEU A 43 -28.36 3.53 -33.47
CA LEU A 43 -27.45 4.62 -33.78
C LEU A 43 -26.11 4.12 -34.30
N ALA A 44 -25.48 3.16 -33.65
CA ALA A 44 -24.13 2.76 -34.02
C ALA A 44 -23.77 1.45 -33.33
N SER A 45 -22.80 0.75 -33.93
N SER A 45 -22.85 0.71 -33.95
CA SER A 45 -22.17 -0.40 -33.30
CA SER A 45 -22.21 -0.43 -33.30
C SER A 45 -20.71 -0.35 -33.70
C SER A 45 -20.74 -0.48 -33.69
N HIS A 46 -19.87 -0.30 -32.70
CA HIS A 46 -18.41 -0.36 -32.86
C HIS A 46 -17.89 -1.16 -31.69
N ARG A 47 -17.01 -2.13 -31.95
CA ARG A 47 -16.44 -2.91 -30.87
C ARG A 47 -17.59 -3.46 -30.01
N GLU A 48 -17.47 -3.42 -28.69
CA GLU A 48 -18.49 -3.91 -27.78
C GLU A 48 -19.61 -2.91 -27.51
N TYR A 49 -19.64 -1.78 -28.23
CA TYR A 49 -20.56 -0.69 -27.97
C TYR A 49 -21.66 -0.64 -29.03
N THR A 50 -22.84 -1.12 -28.70
CA THR A 50 -24.03 -0.95 -29.51
C THR A 50 -24.89 0.09 -28.83
N VAL A 51 -25.35 1.08 -29.61
CA VAL A 51 -26.01 2.28 -29.11
C VAL A 51 -27.35 2.44 -29.82
N TYR A 52 -28.43 2.53 -29.06
CA TYR A 52 -29.78 2.86 -29.54
C TYR A 52 -30.25 4.09 -28.81
N ARG A 53 -31.26 4.73 -29.39
N ARG A 53 -31.16 4.84 -29.43
CA ARG A 53 -32.00 5.79 -28.76
CA ARG A 53 -31.99 5.79 -28.74
C ARG A 53 -33.47 5.41 -28.77
C ARG A 53 -33.41 5.26 -28.66
N ALA A 54 -34.19 5.80 -27.73
CA ALA A 54 -35.62 5.52 -27.64
C ALA A 54 -36.25 6.67 -26.87
N GLU A 55 -37.57 6.57 -26.67
CA GLU A 55 -38.30 7.59 -25.95
C GLU A 55 -39.12 6.96 -24.84
N LEU A 56 -39.08 7.58 -23.68
CA LEU A 56 -39.79 7.08 -22.51
C LEU A 56 -40.60 8.23 -21.95
N ASP A 57 -41.93 8.09 -21.97
CA ASP A 57 -42.80 9.18 -21.51
C ASP A 57 -42.43 10.50 -22.19
N GLY A 58 -42.12 10.42 -23.47
CA GLY A 58 -41.83 11.60 -24.26
C GLY A 58 -40.40 12.12 -24.16
N GLN A 59 -39.54 11.50 -23.36
CA GLN A 59 -38.18 11.97 -23.18
C GLN A 59 -37.21 11.00 -23.83
N SER A 60 -36.12 11.52 -24.36
N SER A 60 -36.26 11.54 -24.56
CA SER A 60 -35.13 10.67 -25.01
CA SER A 60 -35.28 10.72 -25.22
C SER A 60 -34.31 9.90 -23.99
C SER A 60 -34.34 10.12 -24.20
N VAL A 61 -34.05 8.64 -24.30
N VAL A 61 -34.01 8.86 -24.40
CA VAL A 61 -33.23 7.73 -23.48
CA VAL A 61 -33.06 8.14 -23.58
C VAL A 61 -32.24 7.03 -24.39
C VAL A 61 -32.16 7.39 -24.53
N VAL A 62 -30.98 6.96 -23.96
N VAL A 62 -31.02 6.91 -24.02
CA VAL A 62 -29.98 6.14 -24.65
CA VAL A 62 -30.05 6.16 -24.80
C VAL A 62 -29.94 4.75 -24.05
C VAL A 62 -29.73 4.84 -24.11
N VAL A 63 -29.64 3.75 -24.87
CA VAL A 63 -29.25 2.44 -24.41
C VAL A 63 -27.91 2.13 -25.05
N CYS A 64 -26.92 1.79 -24.24
CA CYS A 64 -25.55 1.61 -24.75
C CYS A 64 -24.90 0.45 -24.02
N SER A 65 -24.39 -0.55 -24.72
CA SER A 65 -23.66 -1.61 -24.04
C SER A 65 -22.28 -1.13 -23.62
N THR A 66 -21.71 -1.85 -22.63
CA THR A 66 -20.45 -1.48 -21.99
C THR A 66 -19.33 -2.45 -22.26
N GLY A 67 -19.64 -3.68 -22.68
CA GLY A 67 -18.68 -4.75 -22.59
C GLY A 67 -18.51 -5.26 -21.17
N ILE A 68 -17.66 -6.26 -21.02
CA ILE A 68 -17.28 -6.80 -19.72
C ILE A 68 -16.15 -5.97 -19.15
N GLY A 69 -16.31 -5.56 -17.90
CA GLY A 69 -15.26 -4.96 -17.12
C GLY A 69 -15.30 -3.45 -17.02
N GLY A 70 -14.65 -2.96 -15.97
CA GLY A 70 -14.52 -1.55 -15.76
C GLY A 70 -13.87 -0.76 -16.87
N PRO A 71 -12.81 -1.26 -17.50
CA PRO A 71 -12.15 -0.45 -18.53
C PRO A 71 -13.08 -0.08 -19.69
N SER A 72 -13.76 -1.05 -20.26
CA SER A 72 -14.64 -0.75 -21.37
C SER A 72 -15.83 0.07 -20.90
N THR A 73 -16.33 -0.19 -19.71
CA THR A 73 -17.42 0.58 -19.15
C THR A 73 -17.05 2.05 -19.01
N SER A 74 -15.83 2.31 -18.55
CA SER A 74 -15.41 3.67 -18.30
C SER A 74 -15.37 4.51 -19.57
N ILE A 75 -15.04 3.88 -20.70
CA ILE A 75 -15.05 4.59 -21.97
C ILE A 75 -16.47 4.99 -22.35
N ALA A 76 -17.41 4.06 -22.24
CA ALA A 76 -18.79 4.36 -22.62
C ALA A 76 -19.37 5.46 -21.78
N VAL A 77 -19.17 5.41 -20.46
CA VAL A 77 -19.71 6.42 -19.57
C VAL A 77 -19.12 7.79 -19.89
N GLU A 78 -17.80 7.84 -20.07
CA GLU A 78 -17.15 9.11 -20.37
C GLU A 78 -17.69 9.72 -21.65
N GLU A 79 -17.77 8.91 -22.71
CA GLU A 79 -18.18 9.45 -24.02
C GLU A 79 -19.65 9.86 -23.99
N LEU A 80 -20.49 9.11 -23.30
CA LEU A 80 -21.88 9.53 -23.17
C LEU A 80 -21.99 10.83 -22.34
N ALA A 81 -21.19 10.97 -21.29
CA ALA A 81 -21.22 12.20 -20.51
C ALA A 81 -20.77 13.39 -21.35
N GLN A 82 -19.79 13.19 -22.24
CA GLN A 82 -19.39 14.27 -23.17
C GLN A 82 -20.55 14.74 -24.01
N LEU A 83 -21.48 13.85 -24.30
CA LEU A 83 -22.63 14.14 -25.15
C LEU A 83 -23.89 14.47 -24.35
N GLY A 84 -23.76 14.77 -23.06
CA GLY A 84 -24.81 15.31 -22.25
C GLY A 84 -25.50 14.35 -21.31
N VAL A 85 -25.13 13.08 -21.31
CA VAL A 85 -25.80 12.13 -20.42
C VAL A 85 -25.29 12.33 -19.00
N ARG A 86 -26.22 12.37 -18.04
CA ARG A 86 -25.91 12.62 -16.63
C ARG A 86 -26.33 11.53 -15.69
N THR A 87 -27.18 10.61 -16.09
CA THR A 87 -27.70 9.55 -15.25
C THR A 87 -27.49 8.23 -15.98
N PHE A 88 -26.98 7.24 -15.29
CA PHE A 88 -26.57 5.95 -15.85
C PHE A 88 -27.17 4.84 -15.01
N LEU A 89 -27.98 3.99 -15.63
N LEU A 89 -28.02 4.03 -15.62
CA LEU A 89 -28.65 2.89 -14.96
CA LEU A 89 -28.64 2.89 -14.97
C LEU A 89 -28.10 1.58 -15.51
C LEU A 89 -28.03 1.63 -15.54
N ARG A 90 -27.31 0.88 -14.71
CA ARG A 90 -26.75 -0.40 -15.12
C ARG A 90 -27.70 -1.51 -14.76
N VAL A 91 -27.91 -2.41 -15.71
CA VAL A 91 -28.66 -3.64 -15.52
C VAL A 91 -27.74 -4.80 -15.92
N GLY A 92 -27.63 -5.79 -15.05
N GLY A 92 -28.07 -5.97 -15.36
CA GLY A 92 -26.69 -6.86 -15.32
CA GLY A 92 -27.48 -7.22 -15.80
C GLY A 92 -27.14 -8.17 -14.71
C GLY A 92 -28.01 -8.37 -14.96
N THR A 93 -26.27 -9.16 -14.80
N THR A 93 -27.26 -9.48 -15.04
CA THR A 93 -26.46 -10.42 -14.11
CA THR A 93 -27.43 -10.71 -14.27
C THR A 93 -25.46 -10.51 -12.96
C THR A 93 -26.28 -10.85 -13.30
N THR A 94 -25.73 -11.41 -12.04
N THR A 94 -26.49 -11.60 -12.22
CA THR A 94 -24.91 -11.50 -10.86
CA THR A 94 -25.42 -11.75 -11.25
C THR A 94 -24.96 -12.88 -10.26
C THR A 94 -25.51 -13.09 -10.52
N GLY A 95 -23.93 -13.20 -9.47
N GLY A 95 -24.41 -13.43 -9.84
CA GLY A 95 -23.80 -14.46 -8.77
CA GLY A 95 -24.32 -14.58 -8.95
C GLY A 95 -23.97 -14.23 -7.29
C GLY A 95 -24.18 -14.20 -7.49
N ALA A 96 -25.03 -14.80 -6.69
CA ALA A 96 -25.16 -14.56 -5.29
C ALA A 96 -24.21 -15.46 -4.52
N ILE A 97 -23.76 -14.95 -3.38
CA ILE A 97 -22.88 -15.71 -2.50
C ILE A 97 -23.48 -15.94 -1.13
N GLN A 98 -24.71 -15.49 -0.90
CA GLN A 98 -25.41 -15.68 0.35
C GLN A 98 -26.51 -16.73 0.18
N PRO A 99 -26.67 -17.63 1.13
CA PRO A 99 -27.69 -18.68 1.00
C PRO A 99 -29.11 -18.16 0.92
N HIS A 100 -29.41 -16.98 1.46
CA HIS A 100 -30.80 -16.55 1.50
C HIS A 100 -31.25 -15.87 0.23
N VAL A 101 -30.35 -15.70 -0.74
CA VAL A 101 -30.67 -15.01 -1.98
C VAL A 101 -30.90 -16.08 -3.04
N ASN A 102 -32.09 -16.14 -3.58
CA ASN A 102 -32.39 -17.20 -4.53
C ASN A 102 -32.21 -16.72 -5.97
N VAL A 103 -31.97 -17.70 -6.85
CA VAL A 103 -32.03 -17.45 -8.28
C VAL A 103 -33.38 -16.84 -8.62
N GLY A 104 -33.39 -15.76 -9.38
CA GLY A 104 -34.61 -15.04 -9.69
C GLY A 104 -34.86 -13.82 -8.82
N ASP A 105 -34.18 -13.71 -7.69
CA ASP A 105 -34.28 -12.48 -6.92
C ASP A 105 -33.51 -11.37 -7.64
N MET A 106 -33.72 -10.15 -7.19
CA MET A 106 -33.01 -8.97 -7.70
CA MET A 106 -32.97 -9.01 -7.71
C MET A 106 -32.15 -8.37 -6.60
N ILE A 107 -31.03 -7.80 -6.99
CA ILE A 107 -30.12 -7.11 -6.08
C ILE A 107 -29.95 -5.68 -6.58
N VAL A 108 -30.12 -4.71 -5.69
CA VAL A 108 -29.76 -3.32 -5.95
C VAL A 108 -28.53 -3.03 -5.09
N THR A 109 -27.44 -2.64 -5.72
CA THR A 109 -26.18 -2.44 -5.01
C THR A 109 -26.20 -1.13 -4.24
N THR A 110 -25.89 -1.19 -2.95
CA THR A 110 -25.77 -0.01 -2.12
C THR A 110 -24.32 0.47 -1.98
N GLY A 111 -23.38 -0.37 -2.38
CA GLY A 111 -21.99 -0.04 -2.37
C GLY A 111 -21.23 -1.23 -2.94
N SER A 112 -20.05 -0.98 -3.49
CA SER A 112 -19.25 -2.05 -4.07
CA SER A 112 -19.26 -2.05 -4.08
C SER A 112 -17.88 -2.17 -3.44
N VAL A 113 -17.49 -3.43 -3.21
CA VAL A 113 -16.11 -3.74 -2.88
C VAL A 113 -15.29 -3.55 -4.15
N ARG A 114 -14.29 -2.68 -4.07
CA ARG A 114 -13.50 -2.26 -5.23
C ARG A 114 -12.35 -3.23 -5.51
N LEU A 115 -12.68 -4.36 -6.16
CA LEU A 115 -11.72 -5.39 -6.51
C LEU A 115 -11.31 -5.23 -7.98
N ASP A 116 -11.33 -3.98 -8.44
CA ASP A 116 -11.06 -3.59 -9.81
C ASP A 116 -9.82 -2.67 -9.83
N GLY A 117 -9.46 -2.17 -10.99
CA GLY A 117 -8.40 -1.21 -11.14
C GLY A 117 -8.89 0.14 -11.66
N ALA A 118 -9.92 0.18 -12.52
CA ALA A 118 -10.29 1.42 -13.16
C ALA A 118 -10.84 2.43 -12.15
N SER A 119 -11.49 1.95 -11.06
CA SER A 119 -11.99 2.89 -10.08
C SER A 119 -10.89 3.81 -9.56
N LEU A 120 -9.67 3.28 -9.38
CA LEU A 120 -8.54 4.02 -8.87
C LEU A 120 -8.07 5.11 -9.82
N HIS A 121 -8.54 5.06 -11.08
CA HIS A 121 -8.22 6.09 -12.04
C HIS A 121 -9.13 7.30 -11.90
N PHE A 122 -10.13 7.23 -11.01
CA PHE A 122 -11.04 8.30 -10.71
C PHE A 122 -10.97 8.79 -9.28
N ALA A 123 -10.70 7.90 -8.33
CA ALA A 123 -10.64 8.28 -6.93
C ALA A 123 -9.77 7.28 -6.21
N PRO A 124 -9.05 7.71 -5.16
CA PRO A 124 -8.23 6.76 -4.41
C PRO A 124 -9.12 5.74 -3.71
N MET A 125 -8.51 4.66 -3.23
CA MET A 125 -9.24 3.51 -2.72
C MET A 125 -10.17 3.86 -1.56
N GLU A 126 -9.83 4.86 -0.75
N GLU A 126 -9.81 4.88 -0.76
CA GLU A 126 -10.67 5.18 0.39
CA GLU A 126 -10.62 5.30 0.38
C GLU A 126 -12.01 5.79 0.00
C GLU A 126 -12.02 5.73 -0.04
N PHE A 127 -12.18 6.22 -1.25
CA PHE A 127 -13.46 6.76 -1.70
C PHE A 127 -14.48 5.64 -1.87
N PRO A 128 -15.73 5.85 -1.47
CA PRO A 128 -16.71 4.77 -1.52
C PRO A 128 -17.30 4.61 -2.93
N ALA A 129 -17.39 3.35 -3.37
CA ALA A 129 -18.07 3.03 -4.63
C ALA A 129 -19.57 2.90 -4.31
N VAL A 130 -20.27 4.02 -4.51
N VAL A 130 -20.28 4.04 -4.28
CA VAL A 130 -21.57 4.28 -3.94
CA VAL A 130 -21.70 4.05 -3.88
C VAL A 130 -22.53 4.69 -5.05
C VAL A 130 -22.54 4.67 -4.97
N PRO A 131 -23.77 4.20 -5.11
CA PRO A 131 -24.70 4.76 -6.08
C PRO A 131 -25.26 6.08 -5.65
N ASP A 132 -25.82 6.80 -6.62
CA ASP A 132 -26.72 7.89 -6.31
C ASP A 132 -27.96 7.40 -5.59
N PHE A 133 -28.34 8.09 -4.51
CA PHE A 133 -29.42 7.60 -3.66
C PHE A 133 -30.75 7.58 -4.39
N ASP A 134 -31.00 8.58 -5.25
CA ASP A 134 -32.25 8.57 -6.03
C ASP A 134 -32.30 7.39 -6.98
N VAL A 135 -31.20 7.08 -7.67
CA VAL A 135 -31.20 5.93 -8.57
C VAL A 135 -31.46 4.66 -7.78
N ALA A 136 -30.73 4.44 -6.69
CA ALA A 136 -30.94 3.22 -5.92
C ALA A 136 -32.37 3.10 -5.43
N THR A 137 -32.96 4.22 -5.01
CA THR A 137 -34.35 4.24 -4.54
C THR A 137 -35.33 3.88 -5.66
N ALA A 138 -35.10 4.44 -6.85
CA ALA A 138 -35.94 4.13 -8.01
C ALA A 138 -35.81 2.67 -8.39
N MET A 139 -34.58 2.13 -8.38
N MET A 139 -34.58 2.14 -8.39
CA MET A 139 -34.38 0.73 -8.71
CA MET A 139 -34.35 0.74 -8.70
C MET A 139 -35.05 -0.20 -7.72
C MET A 139 -35.10 -0.15 -7.74
N LYS A 140 -34.97 0.11 -6.44
CA LYS A 140 -35.68 -0.71 -5.45
C LYS A 140 -37.16 -0.70 -5.70
N ALA A 141 -37.73 0.49 -5.92
CA ALA A 141 -39.16 0.58 -6.12
C ALA A 141 -39.60 -0.18 -7.36
N ALA A 142 -38.87 0.00 -8.45
CA ALA A 142 -39.21 -0.70 -9.69
C ALA A 142 -39.12 -2.20 -9.51
N ALA A 143 -38.07 -2.65 -8.82
CA ALA A 143 -37.89 -4.08 -8.61
C ALA A 143 -39.02 -4.65 -7.77
N GLN A 144 -39.39 -3.97 -6.69
CA GLN A 144 -40.48 -4.46 -5.86
C GLN A 144 -41.79 -4.47 -6.66
N GLU A 145 -42.05 -3.44 -7.46
CA GLU A 145 -43.30 -3.36 -8.21
C GLU A 145 -43.41 -4.45 -9.24
N SER A 146 -42.32 -5.04 -9.69
CA SER A 146 -42.37 -6.16 -10.63
C SER A 146 -42.71 -7.48 -9.96
N GLY A 147 -42.83 -7.50 -8.64
CA GLY A 147 -43.12 -8.72 -7.90
C GLY A 147 -41.91 -9.49 -7.48
N ALA A 148 -40.70 -9.05 -7.84
CA ALA A 148 -39.48 -9.74 -7.45
C ALA A 148 -39.20 -9.58 -5.96
N THR A 149 -38.47 -10.54 -5.40
CA THR A 149 -37.88 -10.35 -4.09
C THR A 149 -36.57 -9.60 -4.28
N VAL A 150 -36.42 -8.48 -3.56
CA VAL A 150 -35.33 -7.54 -3.79
C VAL A 150 -34.45 -7.48 -2.56
N HIS A 151 -33.16 -7.46 -2.79
CA HIS A 151 -32.16 -7.32 -1.74
C HIS A 151 -31.33 -6.08 -2.00
N MET A 152 -31.16 -5.25 -0.98
CA MET A 152 -30.29 -4.10 -1.03
C MET A 152 -28.99 -4.49 -0.30
N GLY A 153 -27.82 -4.28 -0.88
CA GLY A 153 -26.61 -4.52 -0.12
C GLY A 153 -25.38 -4.41 -0.98
N VAL A 154 -24.29 -4.84 -0.37
CA VAL A 154 -22.94 -4.68 -0.93
C VAL A 154 -22.63 -5.76 -1.94
N THR A 155 -21.98 -5.35 -3.03
CA THR A 155 -21.55 -6.21 -4.12
C THR A 155 -20.05 -6.22 -4.22
N ALA A 156 -19.45 -7.38 -4.44
CA ALA A 156 -18.02 -7.46 -4.70
C ALA A 156 -17.77 -7.38 -6.20
N SER A 157 -17.02 -6.38 -6.63
CA SER A 157 -16.85 -6.07 -8.04
C SER A 157 -15.43 -6.34 -8.47
N SER A 158 -15.24 -7.39 -9.25
CA SER A 158 -13.94 -7.97 -9.59
C SER A 158 -13.50 -7.69 -11.02
N ASP A 159 -12.21 -7.40 -11.20
CA ASP A 159 -11.61 -7.29 -12.52
C ASP A 159 -11.43 -8.63 -13.24
N THR A 160 -11.69 -9.74 -12.58
CA THR A 160 -11.66 -11.02 -13.25
C THR A 160 -12.93 -11.82 -12.93
N PHE A 161 -13.25 -12.72 -13.88
CA PHE A 161 -14.34 -13.67 -13.68
C PHE A 161 -13.90 -14.85 -12.83
N TYR A 162 -12.64 -15.23 -12.97
CA TYR A 162 -12.12 -16.48 -12.43
C TYR A 162 -11.42 -16.27 -11.07
N PRO A 163 -10.14 -15.89 -10.99
CA PRO A 163 -9.51 -15.88 -9.64
C PRO A 163 -10.07 -14.85 -8.68
N GLY A 164 -10.49 -13.68 -9.18
CA GLY A 164 -11.06 -12.65 -8.29
C GLY A 164 -12.42 -12.97 -7.76
N GLN A 165 -13.06 -14.01 -8.29
CA GLN A 165 -14.30 -14.56 -7.76
C GLN A 165 -14.05 -15.91 -7.11
N GLU A 166 -12.77 -16.16 -6.81
CA GLU A 166 -12.28 -17.36 -6.16
C GLU A 166 -12.78 -18.64 -6.81
N ARG A 167 -12.65 -18.70 -8.13
CA ARG A 167 -12.94 -19.91 -8.88
CA ARG A 167 -12.94 -19.91 -8.89
CA ARG A 167 -12.93 -19.90 -8.91
C ARG A 167 -11.65 -20.70 -9.07
N TYR A 168 -11.69 -22.00 -8.76
CA TYR A 168 -10.55 -22.90 -8.91
C TYR A 168 -10.66 -23.83 -10.09
N ASP A 169 -11.81 -23.87 -10.74
CA ASP A 169 -12.05 -24.75 -11.88
C ASP A 169 -11.52 -24.09 -13.16
N THR A 170 -10.20 -23.97 -13.21
CA THR A 170 -9.53 -23.18 -14.23
C THR A 170 -8.31 -23.93 -14.76
N PHE A 171 -7.70 -23.34 -15.78
CA PHE A 171 -6.49 -23.89 -16.37
C PHE A 171 -5.40 -24.20 -15.34
N THR A 172 -5.09 -23.26 -14.49
CA THR A 172 -4.05 -23.53 -13.50
C THR A 172 -4.59 -24.10 -12.20
N GLY A 173 -5.84 -23.84 -11.88
CA GLY A 173 -6.35 -24.22 -10.59
C GLY A 173 -5.80 -23.41 -9.43
N ARG A 174 -5.08 -22.32 -9.71
N ARG A 174 -5.07 -22.35 -9.66
CA ARG A 174 -4.38 -21.45 -8.76
CA ARG A 174 -4.54 -21.58 -8.56
C ARG A 174 -5.21 -20.21 -8.50
C ARG A 174 -5.28 -20.27 -8.46
N VAL A 175 -5.29 -19.74 -7.26
CA VAL A 175 -5.77 -18.41 -6.96
C VAL A 175 -4.70 -17.70 -6.15
N VAL A 176 -4.31 -16.52 -6.58
CA VAL A 176 -3.26 -15.75 -5.92
C VAL A 176 -3.64 -15.49 -4.46
N ARG A 177 -2.61 -15.28 -3.64
N ARG A 177 -2.60 -15.35 -3.64
CA ARG A 177 -2.80 -15.17 -2.19
CA ARG A 177 -2.77 -15.16 -2.20
C ARG A 177 -3.87 -14.16 -1.79
C ARG A 177 -3.88 -14.18 -1.83
N ARG A 178 -3.86 -12.99 -2.44
CA ARG A 178 -4.84 -11.95 -2.15
C ARG A 178 -6.26 -12.50 -2.13
N PHE A 179 -6.60 -13.42 -3.06
CA PHE A 179 -7.96 -13.87 -3.22
C PHE A 179 -8.25 -15.23 -2.60
N GLN A 180 -7.25 -15.90 -2.04
CA GLN A 180 -7.50 -17.16 -1.35
C GLN A 180 -8.32 -16.89 -0.11
N GLY A 181 -9.42 -17.64 0.04
CA GLY A 181 -10.29 -17.41 1.17
C GLY A 181 -11.22 -16.24 1.01
N SER A 182 -11.14 -15.51 -0.08
CA SER A 182 -11.87 -14.26 -0.18
C SER A 182 -13.38 -14.45 -0.26
N MET A 183 -13.90 -15.49 -0.92
CA MET A 183 -15.35 -15.59 -0.99
C MET A 183 -15.93 -15.73 0.40
N LYS A 184 -15.34 -16.57 1.25
CA LYS A 184 -15.82 -16.73 2.61
CA LYS A 184 -15.85 -16.72 2.61
C LYS A 184 -15.71 -15.43 3.39
N GLU A 185 -14.62 -14.69 3.20
CA GLU A 185 -14.49 -13.40 3.85
CA GLU A 185 -14.49 -13.40 3.86
C GLU A 185 -15.64 -12.47 3.48
N TRP A 186 -15.93 -12.36 2.18
CA TRP A 186 -17.04 -11.51 1.78
C TRP A 186 -18.37 -12.03 2.31
N GLN A 187 -18.57 -13.35 2.28
CA GLN A 187 -19.79 -13.91 2.80
C GLN A 187 -19.98 -13.51 4.24
N ASP A 188 -18.93 -13.65 5.06
CA ASP A 188 -19.03 -13.31 6.49
C ASP A 188 -19.25 -11.82 6.72
N MET A 189 -18.82 -10.97 5.81
CA MET A 189 -19.05 -9.55 5.87
C MET A 189 -20.39 -9.15 5.30
N GLY A 190 -21.22 -10.10 4.87
CA GLY A 190 -22.57 -9.78 4.41
C GLY A 190 -22.69 -9.39 2.95
N VAL A 191 -21.60 -9.50 2.19
CA VAL A 191 -21.64 -9.16 0.77
C VAL A 191 -22.59 -10.11 0.06
N LEU A 192 -23.42 -9.57 -0.85
CA LEU A 192 -24.47 -10.36 -1.45
C LEU A 192 -24.03 -11.15 -2.69
N ASN A 193 -23.12 -10.61 -3.48
CA ASN A 193 -22.96 -11.06 -4.84
C ASN A 193 -21.64 -10.59 -5.46
N PHE A 194 -21.25 -11.25 -6.54
CA PHE A 194 -20.15 -10.85 -7.42
C PHE A 194 -20.66 -10.30 -8.76
N GLU A 195 -19.96 -9.31 -9.27
CA GLU A 195 -20.05 -8.91 -10.69
C GLU A 195 -18.73 -8.22 -11.04
N MET A 196 -18.66 -7.53 -12.19
CA MET A 196 -17.38 -7.05 -12.70
C MET A 196 -17.33 -5.58 -13.12
N GLU A 197 -18.37 -4.80 -12.93
CA GLU A 197 -18.40 -3.44 -13.45
C GLU A 197 -18.78 -2.37 -12.45
N SER A 198 -19.49 -2.72 -11.38
CA SER A 198 -20.10 -1.71 -10.52
C SER A 198 -19.05 -0.86 -9.81
N ALA A 199 -17.94 -1.42 -9.36
CA ALA A 199 -16.98 -0.58 -8.66
C ALA A 199 -16.51 0.54 -9.54
N THR A 200 -16.18 0.24 -10.79
CA THR A 200 -15.75 1.28 -11.70
C THR A 200 -16.86 2.28 -11.98
N LEU A 201 -18.03 1.77 -12.33
CA LEU A 201 -19.13 2.66 -12.66
C LEU A 201 -19.47 3.60 -11.51
N LEU A 202 -19.68 3.01 -10.34
CA LEU A 202 -20.13 3.81 -9.20
C LEU A 202 -19.07 4.81 -8.78
N THR A 203 -17.80 4.40 -8.74
CA THR A 203 -16.76 5.31 -8.31
C THR A 203 -16.60 6.44 -9.30
N MET A 204 -16.50 6.09 -10.58
N MET A 204 -16.58 6.14 -10.61
CA MET A 204 -16.38 7.09 -11.62
CA MET A 204 -16.35 7.19 -11.59
C MET A 204 -17.50 8.13 -11.47
C MET A 204 -17.53 8.16 -11.61
N CYS A 205 -18.76 7.67 -11.42
CA CYS A 205 -19.87 8.59 -11.45
C CYS A 205 -19.97 9.42 -10.17
N ALA A 206 -19.80 8.78 -9.00
CA ALA A 206 -19.91 9.49 -7.73
C ALA A 206 -18.85 10.55 -7.56
N SER A 207 -17.72 10.42 -8.26
CA SER A 207 -16.63 11.35 -8.16
C SER A 207 -16.59 12.34 -9.33
N SER A 208 -17.59 12.28 -10.24
CA SER A 208 -17.60 13.07 -11.46
C SER A 208 -18.90 13.81 -11.68
N GLY A 209 -19.80 13.88 -10.73
CA GLY A 209 -21.01 14.63 -10.91
C GLY A 209 -22.05 13.92 -11.75
N LEU A 210 -22.02 12.59 -11.81
CA LEU A 210 -22.96 11.81 -12.59
C LEU A 210 -23.73 10.92 -11.63
N LYS A 211 -24.99 10.66 -11.93
CA LYS A 211 -25.83 9.81 -11.11
C LYS A 211 -25.80 8.40 -11.66
N ALA A 212 -25.55 7.41 -10.84
CA ALA A 212 -25.48 6.03 -11.29
C ALA A 212 -26.05 5.08 -10.27
N GLY A 213 -26.52 3.92 -10.76
CA GLY A 213 -26.89 2.81 -9.90
C GLY A 213 -26.83 1.53 -10.70
N CYS A 214 -26.92 0.42 -9.98
N CYS A 214 -27.00 0.42 -9.99
CA CYS A 214 -26.87 -0.93 -10.53
CA CYS A 214 -26.87 -0.92 -10.57
C CYS A 214 -28.00 -1.77 -9.96
C CYS A 214 -27.88 -1.89 -9.96
N VAL A 215 -28.66 -2.53 -10.84
CA VAL A 215 -29.63 -3.55 -10.48
C VAL A 215 -29.32 -4.81 -11.27
N ALA A 216 -29.51 -5.96 -10.66
CA ALA A 216 -29.17 -7.20 -11.32
C ALA A 216 -30.10 -8.31 -10.91
N GLY A 217 -30.39 -9.19 -11.87
CA GLY A 217 -31.06 -10.42 -11.56
C GLY A 217 -30.06 -11.52 -11.19
N VAL A 218 -30.42 -12.29 -10.19
CA VAL A 218 -29.54 -13.36 -9.70
C VAL A 218 -29.71 -14.57 -10.60
N ILE A 219 -28.61 -15.02 -11.25
CA ILE A 219 -28.63 -16.13 -12.20
C ILE A 219 -27.99 -17.39 -11.65
N ILE A 220 -27.26 -17.28 -10.55
N ILE A 220 -27.14 -17.26 -10.63
CA ILE A 220 -26.64 -18.43 -9.96
CA ILE A 220 -26.55 -18.40 -9.95
C ILE A 220 -26.39 -18.07 -8.52
C ILE A 220 -26.41 -18.05 -8.49
N ASN A 221 -26.31 -19.08 -7.67
CA ASN A 221 -25.96 -18.93 -6.29
C ASN A 221 -24.79 -19.87 -6.02
N ARG A 222 -23.63 -19.30 -5.65
CA ARG A 222 -22.39 -20.03 -5.45
C ARG A 222 -22.48 -21.04 -4.31
N THR A 223 -23.52 -20.94 -3.47
CA THR A 223 -23.70 -21.84 -2.32
C THR A 223 -24.70 -22.96 -2.58
N GLN A 224 -25.39 -22.95 -3.71
CA GLN A 224 -26.46 -23.91 -3.95
C GLN A 224 -26.01 -24.91 -5.00
N LYS A 225 -26.31 -26.17 -4.75
CA LYS A 225 -26.02 -27.26 -5.69
C LYS A 225 -27.06 -27.34 -6.80
N GLU A 226 -28.33 -27.07 -6.49
N GLU A 226 -28.32 -27.04 -6.49
CA GLU A 226 -29.36 -27.17 -7.49
CA GLU A 226 -29.39 -27.09 -7.47
C GLU A 226 -29.08 -26.24 -8.67
C GLU A 226 -29.05 -26.23 -8.68
N ILE A 227 -29.43 -26.70 -9.86
CA ILE A 227 -29.22 -25.94 -11.09
C ILE A 227 -30.56 -25.30 -11.48
N PRO A 228 -30.63 -23.98 -11.67
CA PRO A 228 -31.92 -23.36 -11.96
C PRO A 228 -32.42 -23.76 -13.34
N ASP A 229 -33.73 -23.80 -13.50
CA ASP A 229 -34.23 -24.28 -14.77
C ASP A 229 -34.31 -23.15 -15.79
N HIS A 230 -34.59 -23.55 -17.03
CA HIS A 230 -34.54 -22.63 -18.15
C HIS A 230 -35.61 -21.55 -18.00
N ALA A 231 -36.82 -21.95 -17.59
CA ALA A 231 -37.91 -20.99 -17.49
C ALA A 231 -37.60 -19.90 -16.47
N THR A 232 -37.05 -20.29 -15.32
CA THR A 232 -36.70 -19.32 -14.28
C THR A 232 -35.67 -18.33 -14.79
N LEU A 233 -34.66 -18.83 -15.51
CA LEU A 233 -33.64 -17.94 -16.05
C LEU A 233 -34.24 -17.00 -17.10
N LYS A 234 -35.10 -17.51 -17.97
CA LYS A 234 -35.69 -16.64 -18.99
C LYS A 234 -36.55 -15.56 -18.34
N GLU A 235 -37.32 -15.92 -17.31
N GLU A 235 -37.33 -15.91 -17.32
CA GLU A 235 -38.18 -14.96 -16.61
CA GLU A 235 -38.17 -14.94 -16.62
C GLU A 235 -37.33 -13.90 -15.92
C GLU A 235 -37.32 -13.89 -15.93
N THR A 236 -36.19 -14.31 -15.36
CA THR A 236 -35.31 -13.37 -14.66
C THR A 236 -34.71 -12.36 -15.64
N GLU A 237 -34.28 -12.81 -16.81
N GLU A 237 -34.29 -12.82 -16.82
CA GLU A 237 -33.70 -11.87 -17.75
CA GLU A 237 -33.71 -11.93 -17.80
C GLU A 237 -34.74 -10.88 -18.24
C GLU A 237 -34.73 -10.89 -18.23
N ALA A 238 -35.95 -11.34 -18.53
CA ALA A 238 -36.99 -10.43 -18.97
C ALA A 238 -37.34 -9.45 -17.87
N ARG A 239 -37.46 -9.94 -16.64
N ARG A 239 -37.45 -9.94 -16.64
CA ARG A 239 -37.86 -9.07 -15.56
CA ARG A 239 -37.84 -9.06 -15.55
C ARG A 239 -36.80 -8.01 -15.29
C ARG A 239 -36.79 -8.00 -15.31
N SER A 240 -35.52 -8.36 -15.41
N SER A 240 -35.51 -8.34 -15.41
CA SER A 240 -34.48 -7.39 -15.13
CA SER A 240 -34.47 -7.35 -15.08
C SER A 240 -34.58 -6.17 -16.02
C SER A 240 -34.52 -6.17 -16.03
N ILE A 241 -34.81 -6.38 -17.30
CA ILE A 241 -34.88 -5.24 -18.22
C ILE A 241 -36.18 -4.47 -18.10
N LYS A 242 -37.30 -5.13 -17.78
N LYS A 242 -37.29 -5.15 -17.77
CA LYS A 242 -38.50 -4.37 -17.45
CA LYS A 242 -38.51 -4.42 -17.44
C LYS A 242 -38.25 -3.46 -16.25
C LYS A 242 -38.31 -3.51 -16.24
N VAL A 243 -37.59 -4.02 -15.23
CA VAL A 243 -37.30 -3.25 -14.01
C VAL A 243 -36.44 -2.04 -14.31
N VAL A 244 -35.39 -2.19 -15.11
CA VAL A 244 -34.50 -1.04 -15.32
C VAL A 244 -35.23 0.06 -16.11
N VAL A 245 -36.13 -0.30 -17.05
CA VAL A 245 -36.89 0.70 -17.77
C VAL A 245 -37.86 1.42 -16.84
N GLU A 246 -38.50 0.67 -15.92
N GLU A 246 -38.52 0.67 -15.95
CA GLU A 246 -39.36 1.33 -14.94
CA GLU A 246 -39.36 1.31 -14.95
C GLU A 246 -38.58 2.21 -13.96
C GLU A 246 -38.54 2.27 -14.08
N ALA A 247 -37.35 1.82 -13.63
CA ALA A 247 -36.51 2.71 -12.81
C ALA A 247 -36.17 3.98 -13.57
N ALA A 248 -35.88 3.85 -14.87
CA ALA A 248 -35.63 5.04 -15.69
C ALA A 248 -36.84 5.95 -15.70
N ARG A 249 -38.04 5.38 -15.83
CA ARG A 249 -39.24 6.20 -15.81
CA ARG A 249 -39.24 6.20 -15.82
C ARG A 249 -39.34 7.01 -14.53
N LYS A 250 -39.01 6.38 -13.40
CA LYS A 250 -39.04 7.07 -12.10
C LYS A 250 -38.00 8.18 -12.02
N MET A 251 -36.88 8.02 -12.68
CA MET A 251 -35.84 9.04 -12.66
C MET A 251 -36.18 10.24 -13.52
N LEU A 252 -36.99 10.06 -14.55
CA LEU A 252 -37.32 11.12 -15.48
C LEU A 252 -38.55 11.89 -15.04
N LYS A 253 -39.25 11.35 -14.05
CA LYS A 253 -40.33 12.00 -13.26
C LYS A 253 -41.71 11.47 -13.58
N THR B 2 -16.37 -32.01 -24.76
CA THR B 2 -17.32 -31.68 -25.82
C THR B 2 -18.16 -30.45 -25.45
N LYS B 3 -18.00 -29.93 -24.31
CA LYS B 3 -18.78 -28.73 -23.99
C LYS B 3 -18.07 -27.48 -24.50
N THR B 4 -18.86 -26.44 -24.67
CA THR B 4 -18.32 -25.14 -25.03
C THR B 4 -17.83 -24.43 -23.78
N VAL B 5 -16.77 -23.63 -23.94
CA VAL B 5 -16.38 -22.77 -22.86
C VAL B 5 -17.42 -21.69 -22.64
N PHE B 6 -17.43 -21.15 -21.40
CA PHE B 6 -18.56 -20.39 -20.90
C PHE B 6 -18.83 -19.13 -21.71
N HIS B 7 -17.81 -18.33 -22.01
CA HIS B 7 -18.00 -17.06 -22.71
C HIS B 7 -17.78 -17.18 -24.21
N LEU B 8 -16.73 -17.89 -24.64
CA LEU B 8 -16.32 -17.85 -26.04
C LEU B 8 -17.21 -18.70 -26.93
N GLY B 9 -17.93 -19.70 -26.40
CA GLY B 9 -18.88 -20.42 -27.22
C GLY B 9 -18.26 -21.41 -28.19
N VAL B 10 -17.03 -21.83 -27.95
CA VAL B 10 -16.32 -22.77 -28.80
C VAL B 10 -15.90 -23.96 -27.98
N THR B 11 -15.71 -25.06 -28.71
CA THR B 11 -15.24 -26.33 -28.17
C THR B 11 -13.80 -26.57 -28.59
N GLU B 12 -13.18 -27.56 -27.94
CA GLU B 12 -11.83 -27.95 -28.38
C GLU B 12 -11.87 -28.39 -29.83
N ALA B 13 -12.89 -29.15 -30.22
CA ALA B 13 -12.96 -29.64 -31.59
C ALA B 13 -13.02 -28.49 -32.60
N ASP B 14 -13.70 -27.40 -32.23
CA ASP B 14 -13.78 -26.25 -33.12
C ASP B 14 -12.40 -25.71 -33.46
N LEU B 15 -11.43 -25.84 -32.56
CA LEU B 15 -10.11 -25.27 -32.78
CA LEU B 15 -10.10 -25.26 -32.80
C LEU B 15 -9.23 -26.09 -33.71
N ASN B 16 -9.65 -27.30 -34.07
N ASN B 16 -9.64 -27.33 -33.98
CA ASN B 16 -8.90 -28.16 -35.00
CA ASN B 16 -8.97 -28.18 -34.94
C ASN B 16 -7.42 -28.26 -34.67
C ASN B 16 -7.47 -28.32 -34.66
N GLY B 17 -7.11 -28.43 -33.38
CA GLY B 17 -5.74 -28.65 -32.97
C GLY B 17 -4.95 -27.40 -32.68
N ALA B 18 -5.54 -26.21 -32.78
CA ALA B 18 -4.76 -25.00 -32.58
C ALA B 18 -4.19 -24.92 -31.18
N THR B 19 -2.92 -24.53 -31.09
CA THR B 19 -2.31 -24.24 -29.80
C THR B 19 -1.76 -22.83 -29.75
N LEU B 20 -2.02 -22.02 -30.75
CA LEU B 20 -1.63 -20.63 -30.85
C LEU B 20 -2.85 -19.82 -31.20
N ALA B 21 -3.01 -18.69 -30.54
CA ALA B 21 -4.06 -17.73 -30.79
C ALA B 21 -3.47 -16.35 -31.08
N ILE B 22 -4.07 -15.69 -32.06
CA ILE B 22 -3.90 -14.26 -32.28
C ILE B 22 -5.10 -13.58 -31.65
N ILE B 23 -4.85 -12.61 -30.79
CA ILE B 23 -5.90 -11.98 -29.98
C ILE B 23 -5.93 -10.47 -30.17
N PRO B 24 -6.60 -10.01 -31.23
CA PRO B 24 -6.85 -8.56 -31.37
C PRO B 24 -7.89 -8.09 -30.36
N GLY B 25 -7.97 -6.77 -30.15
CA GLY B 25 -9.01 -6.24 -29.28
C GLY B 25 -10.36 -6.13 -29.93
N ASP B 26 -10.36 -5.60 -31.12
CA ASP B 26 -11.57 -5.25 -31.83
C ASP B 26 -12.13 -6.48 -32.52
N PRO B 27 -13.37 -6.87 -32.24
CA PRO B 27 -14.02 -7.97 -32.98
C PRO B 27 -13.92 -7.84 -34.49
N ALA B 28 -13.96 -6.63 -35.04
CA ALA B 28 -13.93 -6.48 -36.50
C ALA B 28 -12.58 -6.88 -37.10
N ARG B 29 -11.51 -6.93 -36.32
N ARG B 29 -11.50 -6.91 -36.34
CA ARG B 29 -10.22 -7.31 -36.84
CA ARG B 29 -10.25 -7.32 -36.91
C ARG B 29 -10.10 -8.82 -36.98
C ARG B 29 -10.16 -8.83 -37.08
N VAL B 30 -11.02 -9.61 -36.40
CA VAL B 30 -10.85 -11.06 -36.35
C VAL B 30 -10.94 -11.65 -37.76
N GLN B 31 -12.01 -11.36 -38.48
CA GLN B 31 -12.12 -11.91 -39.82
C GLN B 31 -11.00 -11.41 -40.72
N LYS B 32 -10.55 -10.16 -40.53
CA LYS B 32 -9.45 -9.61 -41.35
C LYS B 32 -8.16 -10.38 -41.15
N ILE B 33 -7.84 -10.72 -39.92
CA ILE B 33 -6.66 -11.51 -39.63
C ILE B 33 -6.83 -12.91 -40.18
N ALA B 34 -8.00 -13.50 -39.96
CA ALA B 34 -8.19 -14.88 -40.42
C ALA B 34 -8.03 -15.00 -41.93
N GLU B 35 -8.47 -13.98 -42.66
CA GLU B 35 -8.42 -14.00 -44.11
C GLU B 35 -7.03 -13.77 -44.66
N LEU B 36 -6.06 -13.40 -43.84
CA LEU B 36 -4.66 -13.42 -44.23
C LEU B 36 -4.09 -14.83 -44.25
N MET B 37 -4.80 -15.81 -43.70
CA MET B 37 -4.36 -17.18 -43.60
C MET B 37 -5.22 -18.07 -44.49
N ASP B 38 -4.98 -19.35 -44.46
CA ASP B 38 -5.70 -20.30 -45.33
C ASP B 38 -6.93 -20.87 -44.61
N ASN B 39 -7.96 -21.22 -45.36
CA ASN B 39 -9.13 -21.88 -44.82
C ASN B 39 -9.72 -21.16 -43.60
N PRO B 40 -9.98 -19.85 -43.68
CA PRO B 40 -10.62 -19.16 -42.54
C PRO B 40 -12.04 -19.66 -42.35
N VAL B 41 -12.42 -19.90 -41.11
CA VAL B 41 -13.74 -20.38 -40.76
C VAL B 41 -14.23 -19.63 -39.52
N PHE B 42 -15.42 -19.06 -39.64
CA PHE B 42 -16.11 -18.46 -38.51
C PHE B 42 -16.54 -19.54 -37.54
N LEU B 43 -16.21 -19.35 -36.24
CA LEU B 43 -16.61 -20.28 -35.20
C LEU B 43 -17.77 -19.78 -34.34
N ALA B 44 -17.69 -18.57 -33.81
CA ALA B 44 -18.71 -18.09 -32.87
C ALA B 44 -18.53 -16.60 -32.69
N SER B 45 -19.61 -15.95 -32.27
CA SER B 45 -19.53 -14.58 -31.81
C SER B 45 -20.54 -14.40 -30.66
N HIS B 46 -20.03 -13.91 -29.53
N HIS B 46 -20.06 -13.88 -29.54
CA HIS B 46 -20.80 -13.67 -28.30
CA HIS B 46 -20.91 -13.55 -28.41
C HIS B 46 -20.19 -12.44 -27.64
C HIS B 46 -20.22 -12.42 -27.69
N ARG B 47 -20.99 -11.41 -27.30
CA ARG B 47 -20.43 -10.25 -26.62
C ARG B 47 -19.24 -9.71 -27.44
N GLU B 48 -18.15 -9.35 -26.81
CA GLU B 48 -16.97 -8.84 -27.49
C GLU B 48 -16.07 -9.93 -28.07
N TYR B 49 -16.52 -11.19 -28.05
CA TYR B 49 -15.69 -12.34 -28.43
C TYR B 49 -16.15 -12.89 -29.77
N THR B 50 -15.42 -12.57 -30.83
CA THR B 50 -15.60 -13.17 -32.14
C THR B 50 -14.41 -14.10 -32.35
N VAL B 51 -14.69 -15.32 -32.81
CA VAL B 51 -13.70 -16.39 -32.87
C VAL B 51 -13.72 -17.01 -34.26
N TYR B 52 -12.58 -17.06 -34.91
CA TYR B 52 -12.33 -17.73 -36.19
C TYR B 52 -11.22 -18.73 -35.97
N ARG B 53 -11.17 -19.76 -36.81
N ARG B 53 -11.17 -19.68 -36.89
CA ARG B 53 -9.92 -20.46 -36.99
CA ARG B 53 -10.03 -20.57 -37.06
C ARG B 53 -9.43 -20.26 -38.42
C ARG B 53 -9.48 -20.39 -38.47
N ALA B 54 -8.18 -20.60 -38.62
CA ALA B 54 -7.56 -20.56 -39.93
C ALA B 54 -6.38 -21.52 -39.91
N GLU B 55 -5.68 -21.60 -41.03
CA GLU B 55 -4.52 -22.48 -41.16
C GLU B 55 -3.34 -21.68 -41.68
N LEU B 56 -2.19 -21.89 -41.06
CA LEU B 56 -0.94 -21.19 -41.38
C LEU B 56 0.14 -22.24 -41.54
N ASP B 57 0.65 -22.39 -42.76
CA ASP B 57 1.64 -23.43 -43.04
C ASP B 57 1.12 -24.78 -42.58
N GLY B 58 -0.16 -25.02 -42.83
CA GLY B 58 -0.75 -26.32 -42.53
C GLY B 58 -1.17 -26.52 -41.09
N GLN B 59 -0.93 -25.55 -40.21
CA GLN B 59 -1.25 -25.68 -38.79
C GLN B 59 -2.41 -24.77 -38.42
N SER B 60 -3.29 -25.28 -37.57
N SER B 60 -3.26 -25.28 -37.54
CA SER B 60 -4.44 -24.49 -37.16
CA SER B 60 -4.42 -24.51 -37.11
C SER B 60 -4.01 -23.37 -36.23
C SER B 60 -4.00 -23.37 -36.20
N VAL B 61 -4.64 -22.22 -36.40
CA VAL B 61 -4.47 -21.02 -35.57
C VAL B 61 -5.87 -20.52 -35.22
N VAL B 62 -6.04 -20.08 -34.01
N VAL B 62 -6.07 -20.08 -34.00
CA VAL B 62 -7.24 -19.40 -33.56
CA VAL B 62 -7.33 -19.48 -33.61
C VAL B 62 -7.03 -17.91 -33.72
C VAL B 62 -7.14 -17.97 -33.49
N VAL B 63 -8.13 -17.21 -33.98
CA VAL B 63 -8.16 -15.77 -33.88
C VAL B 63 -9.37 -15.40 -33.03
N CYS B 64 -9.14 -14.68 -31.93
CA CYS B 64 -10.21 -14.40 -30.97
C CYS B 64 -10.08 -12.98 -30.46
N SER B 65 -11.11 -12.16 -30.60
CA SER B 65 -11.05 -10.82 -30.04
C SER B 65 -11.15 -10.87 -28.51
N THR B 66 -10.61 -9.83 -27.87
CA THR B 66 -10.57 -9.73 -26.41
C THR B 66 -11.53 -8.71 -25.84
N GLY B 67 -12.00 -7.76 -26.64
CA GLY B 67 -12.59 -6.55 -26.12
C GLY B 67 -11.53 -5.62 -25.56
N ILE B 68 -11.99 -4.48 -25.08
CA ILE B 68 -11.11 -3.51 -24.45
C ILE B 68 -10.91 -3.89 -22.98
N GLY B 69 -9.66 -3.92 -22.57
CA GLY B 69 -9.29 -4.00 -21.17
C GLY B 69 -8.88 -5.39 -20.69
N GLY B 70 -8.21 -5.35 -19.55
CA GLY B 70 -7.76 -6.56 -18.91
C GLY B 70 -8.85 -7.53 -18.51
N PRO B 71 -9.99 -7.07 -17.96
CA PRO B 71 -11.00 -8.03 -17.51
C PRO B 71 -11.49 -8.93 -18.64
N SER B 72 -11.90 -8.33 -19.77
CA SER B 72 -12.41 -9.16 -20.87
CA SER B 72 -12.41 -9.12 -20.88
C SER B 72 -11.30 -9.98 -21.50
N THR B 73 -10.08 -9.44 -21.57
CA THR B 73 -8.94 -10.20 -22.07
C THR B 73 -8.70 -11.44 -21.21
N SER B 74 -8.76 -11.29 -19.89
CA SER B 74 -8.44 -12.40 -18.99
C SER B 74 -9.38 -13.56 -19.18
N ILE B 75 -10.65 -13.30 -19.47
CA ILE B 75 -11.62 -14.34 -19.75
C ILE B 75 -11.23 -15.12 -21.00
N ALA B 76 -10.91 -14.40 -22.07
CA ALA B 76 -10.57 -15.06 -23.32
C ALA B 76 -9.33 -15.92 -23.19
N VAL B 77 -8.31 -15.41 -22.54
CA VAL B 77 -7.07 -16.17 -22.38
C VAL B 77 -7.34 -17.43 -21.58
N GLU B 78 -8.07 -17.31 -20.48
CA GLU B 78 -8.37 -18.46 -19.63
C GLU B 78 -9.08 -19.54 -20.43
N GLU B 79 -10.14 -19.14 -21.15
CA GLU B 79 -10.97 -20.12 -21.81
C GLU B 79 -10.24 -20.75 -22.99
N LEU B 80 -9.43 -19.98 -23.71
CA LEU B 80 -8.62 -20.56 -24.76
C LEU B 80 -7.59 -21.54 -24.18
N ALA B 81 -6.98 -21.19 -23.05
CA ALA B 81 -6.03 -22.09 -22.41
C ALA B 81 -6.71 -23.39 -21.99
N GLN B 82 -7.96 -23.31 -21.51
CA GLN B 82 -8.70 -24.52 -21.19
C GLN B 82 -8.81 -25.47 -22.37
N LEU B 83 -8.85 -24.92 -23.57
CA LEU B 83 -8.98 -25.70 -24.80
C LEU B 83 -7.66 -26.07 -25.43
N GLY B 84 -6.53 -25.75 -24.79
CA GLY B 84 -5.22 -26.19 -25.25
C GLY B 84 -4.35 -25.13 -25.85
N VAL B 85 -4.81 -23.88 -25.92
CA VAL B 85 -3.95 -22.83 -26.46
C VAL B 85 -2.88 -22.49 -25.44
N ARG B 86 -1.63 -22.38 -25.92
CA ARG B 86 -0.49 -22.09 -25.05
C ARG B 86 0.29 -20.84 -25.42
N THR B 87 0.09 -20.31 -26.63
CA THR B 87 0.79 -19.14 -27.13
C THR B 87 -0.23 -18.12 -27.58
N PHE B 88 -0.07 -16.88 -27.14
CA PHE B 88 -1.00 -15.79 -27.34
C PHE B 88 -0.25 -14.59 -27.92
N LEU B 89 -0.65 -14.16 -29.12
CA LEU B 89 -0.06 -13.02 -29.80
CA LEU B 89 -0.05 -13.01 -29.80
C LEU B 89 -1.09 -11.91 -29.84
N ARG B 90 -0.84 -10.87 -29.08
N ARG B 90 -0.96 -10.90 -28.98
CA ARG B 90 -1.69 -9.69 -29.04
CA ARG B 90 -1.85 -9.73 -29.05
C ARG B 90 -1.29 -8.75 -30.17
C ARG B 90 -1.34 -8.74 -30.08
N VAL B 91 -2.28 -8.26 -30.90
CA VAL B 91 -2.08 -7.16 -31.81
C VAL B 91 -3.08 -6.08 -31.44
N GLY B 92 -2.64 -4.86 -31.41
CA GLY B 92 -3.53 -3.78 -31.00
C GLY B 92 -3.11 -2.46 -31.57
N THR B 93 -3.75 -1.42 -31.12
CA THR B 93 -3.40 -0.05 -31.42
C THR B 93 -2.82 0.60 -30.16
N THR B 94 -2.09 1.70 -30.35
CA THR B 94 -1.43 2.32 -29.20
C THR B 94 -1.21 3.81 -29.45
N GLY B 95 -1.02 4.55 -28.36
CA GLY B 95 -0.63 5.96 -28.41
C GLY B 95 0.83 6.10 -27.98
N ALA B 96 1.62 6.76 -28.78
CA ALA B 96 3.02 6.97 -28.47
C ALA B 96 3.17 8.09 -27.47
N ILE B 97 4.10 7.87 -26.53
N ILE B 97 4.10 7.79 -26.52
CA ILE B 97 4.45 8.83 -25.45
CA ILE B 97 4.49 8.71 -25.46
C ILE B 97 5.78 9.58 -25.76
C ILE B 97 5.76 9.56 -25.79
N GLN B 98 6.62 8.98 -26.61
CA GLN B 98 7.88 9.59 -27.01
C GLN B 98 7.69 10.41 -28.29
N PRO B 99 8.40 11.51 -28.41
CA PRO B 99 8.15 12.44 -29.52
C PRO B 99 8.50 11.87 -30.86
N HIS B 100 9.52 10.98 -30.91
N HIS B 100 9.48 11.01 -31.00
CA HIS B 100 10.15 10.41 -32.12
CA HIS B 100 9.82 10.58 -32.36
C HIS B 100 9.39 9.21 -32.71
C HIS B 100 9.50 9.12 -32.61
N VAL B 101 8.43 8.67 -31.97
CA VAL B 101 7.70 7.48 -32.36
C VAL B 101 6.47 7.93 -33.11
N ASN B 102 6.39 7.64 -34.41
CA ASN B 102 5.42 8.25 -35.29
C ASN B 102 4.24 7.32 -35.56
N VAL B 103 3.13 7.92 -35.98
CA VAL B 103 1.98 7.16 -36.44
C VAL B 103 2.41 6.20 -37.53
N GLY B 104 1.96 4.96 -37.43
CA GLY B 104 2.31 3.91 -38.36
C GLY B 104 3.49 3.07 -37.91
N ASP B 105 4.27 3.54 -36.93
CA ASP B 105 5.33 2.70 -36.40
C ASP B 105 4.74 1.53 -35.61
N MET B 106 5.54 0.51 -35.40
N MET B 106 5.55 0.49 -35.40
CA MET B 106 5.15 -0.61 -34.57
CA MET B 106 5.17 -0.68 -34.61
C MET B 106 5.90 -0.51 -33.25
C MET B 106 5.96 -0.73 -33.32
N ILE B 107 5.28 -1.07 -32.24
CA ILE B 107 5.94 -1.23 -30.96
CA ILE B 107 5.87 -1.19 -30.89
C ILE B 107 5.77 -2.65 -30.49
N VAL B 108 6.88 -3.27 -30.09
CA VAL B 108 6.88 -4.58 -29.44
C VAL B 108 7.24 -4.36 -27.96
N THR B 109 6.32 -4.75 -27.09
CA THR B 109 6.48 -4.52 -25.65
C THR B 109 7.48 -5.48 -25.03
N THR B 110 8.48 -4.94 -24.31
CA THR B 110 9.43 -5.77 -23.56
C THR B 110 9.03 -5.89 -22.09
N GLY B 111 8.10 -5.08 -21.63
CA GLY B 111 7.58 -5.10 -20.29
C GLY B 111 6.52 -4.03 -20.17
N SER B 112 5.55 -4.23 -19.28
CA SER B 112 4.48 -3.27 -19.10
C SER B 112 4.45 -2.70 -17.69
N VAL B 113 4.21 -1.38 -17.65
CA VAL B 113 3.83 -0.71 -16.41
C VAL B 113 2.40 -1.13 -16.08
N ARG B 114 2.21 -1.70 -14.91
CA ARG B 114 0.93 -2.30 -14.50
C ARG B 114 0.02 -1.26 -13.90
N LEU B 115 -0.66 -0.49 -14.76
CA LEU B 115 -1.63 0.52 -14.39
C LEU B 115 -3.04 -0.04 -14.52
N ASP B 116 -3.17 -1.35 -14.29
CA ASP B 116 -4.39 -2.11 -14.43
C ASP B 116 -4.73 -2.76 -13.05
N GLY B 117 -5.87 -3.41 -13.00
CA GLY B 117 -6.29 -4.14 -11.86
C GLY B 117 -6.21 -5.64 -12.04
N ALA B 118 -6.49 -6.16 -13.22
CA ALA B 118 -6.62 -7.60 -13.37
C ALA B 118 -5.29 -8.29 -13.17
N SER B 119 -4.17 -7.64 -13.49
CA SER B 119 -2.88 -8.30 -13.31
C SER B 119 -2.72 -8.77 -11.85
N LEU B 120 -3.21 -7.99 -10.90
CA LEU B 120 -3.12 -8.28 -9.45
C LEU B 120 -3.94 -9.47 -9.07
N HIS B 121 -4.85 -9.94 -9.95
CA HIS B 121 -5.58 -11.15 -9.68
C HIS B 121 -4.83 -12.42 -10.05
N PHE B 122 -3.62 -12.25 -10.64
CA PHE B 122 -2.73 -13.32 -11.00
C PHE B 122 -1.40 -13.28 -10.27
N ALA B 123 -0.87 -12.11 -9.97
CA ALA B 123 0.42 -12.02 -9.33
C ALA B 123 0.47 -10.70 -8.61
N PRO B 124 1.20 -10.61 -7.48
CA PRO B 124 1.32 -9.35 -6.77
C PRO B 124 2.09 -8.35 -7.60
N MET B 125 2.03 -7.07 -7.23
CA MET B 125 2.55 -5.99 -8.05
C MET B 125 4.05 -6.11 -8.34
N GLU B 126 4.81 -6.74 -7.44
N GLU B 126 4.81 -6.72 -7.45
CA GLU B 126 6.25 -6.91 -7.62
CA GLU B 126 6.24 -6.83 -7.65
C GLU B 126 6.58 -7.72 -8.86
C GLU B 126 6.62 -7.80 -8.76
N PHE B 127 5.68 -8.60 -9.27
CA PHE B 127 5.95 -9.51 -10.38
C PHE B 127 6.00 -8.72 -11.70
N PRO B 128 6.94 -9.03 -12.58
CA PRO B 128 7.08 -8.24 -13.81
C PRO B 128 6.05 -8.65 -14.87
N ALA B 129 5.44 -7.66 -15.50
CA ALA B 129 4.57 -7.91 -16.66
C ALA B 129 5.44 -7.99 -17.91
N VAL B 130 6.07 -9.14 -18.13
N VAL B 130 5.85 -9.22 -18.21
CA VAL B 130 7.01 -9.29 -19.24
CA VAL B 130 6.97 -9.50 -19.09
C VAL B 130 6.53 -10.39 -20.20
C VAL B 130 6.48 -10.45 -20.20
N PRO B 131 6.82 -10.22 -21.48
CA PRO B 131 6.47 -11.21 -22.49
C PRO B 131 7.39 -12.41 -22.44
N ASP B 132 6.90 -13.49 -23.04
CA ASP B 132 7.77 -14.61 -23.36
C ASP B 132 8.84 -14.17 -24.34
N PHE B 133 10.07 -14.58 -24.09
CA PHE B 133 11.19 -14.09 -24.88
C PHE B 133 11.08 -14.57 -26.34
N ASP B 134 10.64 -15.80 -26.54
CA ASP B 134 10.47 -16.30 -27.91
C ASP B 134 9.41 -15.50 -28.66
N VAL B 135 8.28 -15.17 -28.03
CA VAL B 135 7.24 -14.40 -28.73
C VAL B 135 7.75 -13.01 -29.04
N ALA B 136 8.40 -12.35 -28.07
CA ALA B 136 8.91 -11.00 -28.34
C ALA B 136 9.92 -11.04 -29.49
N THR B 137 10.78 -12.04 -29.49
CA THR B 137 11.77 -12.19 -30.55
C THR B 137 11.12 -12.38 -31.92
N ALA B 138 10.06 -13.18 -31.98
CA ALA B 138 9.33 -13.41 -33.21
C ALA B 138 8.64 -12.14 -33.68
N MET B 139 8.04 -11.40 -32.74
CA MET B 139 7.38 -10.16 -33.12
CA MET B 139 7.38 -10.14 -33.08
C MET B 139 8.37 -9.15 -33.66
N LYS B 140 9.52 -9.00 -33.00
CA LYS B 140 10.54 -8.06 -33.49
C LYS B 140 10.96 -8.46 -34.90
N ALA B 141 11.25 -9.74 -35.10
CA ALA B 141 11.72 -10.21 -36.41
C ALA B 141 10.66 -10.00 -37.48
N ALA B 142 9.40 -10.33 -37.18
CA ALA B 142 8.36 -10.12 -38.16
C ALA B 142 8.22 -8.66 -38.50
N ALA B 143 8.25 -7.79 -37.48
CA ALA B 143 8.10 -6.38 -37.73
C ALA B 143 9.26 -5.86 -38.58
N GLN B 144 10.49 -6.18 -38.19
CA GLN B 144 11.63 -5.68 -38.93
C GLN B 144 11.68 -6.24 -40.35
N GLU B 145 11.41 -7.54 -40.51
CA GLU B 145 11.46 -8.14 -41.84
C GLU B 145 10.44 -7.51 -42.76
N SER B 146 9.35 -7.01 -42.20
CA SER B 146 8.29 -6.40 -43.00
C SER B 146 8.67 -5.02 -43.50
N GLY B 147 9.76 -4.44 -43.02
CA GLY B 147 10.12 -3.10 -43.40
C GLY B 147 9.54 -2.02 -42.52
N ALA B 148 8.79 -2.39 -41.49
CA ALA B 148 8.21 -1.40 -40.61
C ALA B 148 9.30 -0.71 -39.80
N THR B 149 8.96 0.44 -39.28
CA THR B 149 9.78 1.08 -38.26
C THR B 149 9.31 0.55 -36.92
N VAL B 150 10.23 -0.08 -36.19
CA VAL B 150 9.90 -0.87 -35.01
C VAL B 150 10.64 -0.33 -33.80
N HIS B 151 9.96 -0.25 -32.65
CA HIS B 151 10.56 0.13 -31.38
C HIS B 151 10.28 -0.98 -30.37
N MET B 152 11.32 -1.37 -29.63
N MET B 152 11.29 -1.32 -29.60
CA MET B 152 11.23 -2.31 -28.52
CA MET B 152 11.15 -2.32 -28.54
C MET B 152 11.28 -1.51 -27.24
C MET B 152 11.35 -1.63 -27.20
N GLY B 153 10.39 -1.78 -26.29
CA GLY B 153 10.57 -1.16 -25.00
C GLY B 153 9.33 -1.29 -24.14
N VAL B 154 9.32 -0.48 -23.09
CA VAL B 154 8.31 -0.52 -22.03
C VAL B 154 7.04 0.18 -22.47
N THR B 155 5.91 -0.42 -22.14
CA THR B 155 4.59 0.09 -22.42
C THR B 155 3.82 0.37 -21.14
N ALA B 156 3.14 1.49 -21.03
CA ALA B 156 2.28 1.77 -19.90
C ALA B 156 0.88 1.25 -20.21
N SER B 157 0.38 0.34 -19.38
CA SER B 157 -0.86 -0.37 -19.66
C SER B 157 -1.93 -0.02 -18.64
N SER B 158 -2.93 0.74 -19.08
CA SER B 158 -3.89 1.41 -18.23
C SER B 158 -5.28 0.78 -18.28
N ASP B 159 -5.96 0.74 -17.12
CA ASP B 159 -7.35 0.34 -17.04
C ASP B 159 -8.33 1.40 -17.56
N THR B 160 -7.88 2.58 -17.92
CA THR B 160 -8.72 3.57 -18.54
C THR B 160 -8.07 4.09 -19.81
N PHE B 161 -8.93 4.56 -20.71
CA PHE B 161 -8.47 5.28 -21.89
C PHE B 161 -8.18 6.74 -21.56
N TYR B 162 -8.97 7.30 -20.63
CA TYR B 162 -8.98 8.73 -20.40
C TYR B 162 -8.05 9.11 -19.24
N PRO B 163 -8.44 9.09 -17.95
CA PRO B 163 -7.53 9.65 -16.94
C PRO B 163 -6.23 8.92 -16.76
N GLY B 164 -6.23 7.58 -16.89
CA GLY B 164 -5.02 6.79 -16.72
C GLY B 164 -4.00 6.97 -17.81
N GLN B 165 -4.43 7.59 -18.94
CA GLN B 165 -3.54 7.99 -20.01
C GLN B 165 -3.35 9.49 -20.01
N GLU B 166 -3.70 10.13 -18.89
CA GLU B 166 -3.59 11.57 -18.66
C GLU B 166 -4.21 12.39 -19.80
N ARG B 167 -5.42 11.98 -20.22
CA ARG B 167 -6.23 12.79 -21.12
C ARG B 167 -7.06 13.77 -20.32
N TYR B 168 -7.06 15.04 -20.75
CA TYR B 168 -7.80 16.12 -20.12
C TYR B 168 -9.02 16.59 -20.91
N ASP B 169 -9.12 16.25 -22.20
N ASP B 169 -9.18 16.20 -22.18
CA ASP B 169 -10.27 16.67 -23.00
CA ASP B 169 -10.29 16.67 -23.02
C ASP B 169 -11.38 15.67 -22.72
C ASP B 169 -11.52 15.83 -22.79
N THR B 170 -12.01 15.87 -21.57
CA THR B 170 -13.00 14.97 -21.07
C THR B 170 -14.15 15.78 -20.45
N PHE B 171 -15.17 15.07 -20.03
CA PHE B 171 -16.32 15.67 -19.40
C PHE B 171 -15.92 16.52 -18.18
N THR B 172 -15.12 15.98 -17.28
CA THR B 172 -14.75 16.77 -16.11
C THR B 172 -13.47 17.58 -16.32
N GLY B 173 -12.60 17.15 -17.22
CA GLY B 173 -11.29 17.75 -17.33
C GLY B 173 -10.36 17.46 -16.18
N ARG B 174 -10.68 16.55 -15.31
N ARG B 174 -10.79 16.55 -15.25
CA ARG B 174 -9.80 16.35 -14.19
CA ARG B 174 -10.12 16.18 -13.98
C ARG B 174 -9.13 15.02 -14.34
C ARG B 174 -9.23 14.96 -14.24
N VAL B 175 -7.98 14.92 -13.70
CA VAL B 175 -7.25 13.68 -13.57
C VAL B 175 -6.84 13.54 -12.10
N VAL B 176 -7.14 12.38 -11.52
CA VAL B 176 -6.81 12.11 -10.12
C VAL B 176 -5.33 12.27 -9.88
N ARG B 177 -4.98 12.59 -8.64
CA ARG B 177 -3.63 12.90 -8.25
C ARG B 177 -2.60 11.89 -8.76
N ARG B 178 -2.89 10.60 -8.61
CA ARG B 178 -1.97 9.56 -9.03
C ARG B 178 -1.49 9.76 -10.48
N PHE B 179 -2.37 10.23 -11.37
CA PHE B 179 -2.10 10.34 -12.79
C PHE B 179 -1.71 11.72 -13.24
N GLN B 180 -1.83 12.74 -12.40
N GLN B 180 -1.77 12.73 -12.38
CA GLN B 180 -1.36 14.07 -12.78
CA GLN B 180 -1.36 14.08 -12.78
C GLN B 180 0.14 14.02 -13.01
C GLN B 180 0.15 14.12 -12.97
N GLY B 181 0.60 14.54 -14.14
CA GLY B 181 2.00 14.56 -14.46
C GLY B 181 2.56 13.20 -14.83
N SER B 182 1.73 12.15 -14.91
CA SER B 182 2.22 10.82 -15.17
C SER B 182 2.76 10.65 -16.57
N MET B 183 2.18 11.28 -17.58
CA MET B 183 2.68 11.06 -18.92
C MET B 183 4.13 11.54 -19.05
N LYS B 184 4.45 12.72 -18.51
CA LYS B 184 5.83 13.17 -18.57
C LYS B 184 6.75 12.28 -17.74
N GLU B 185 6.29 11.79 -16.61
N GLU B 185 6.26 11.76 -16.61
CA GLU B 185 7.10 10.86 -15.84
CA GLU B 185 7.03 10.84 -15.79
C GLU B 185 7.43 9.63 -16.68
C GLU B 185 7.38 9.57 -16.55
N TRP B 186 6.41 9.02 -17.29
CA TRP B 186 6.69 7.86 -18.12
C TRP B 186 7.62 8.23 -19.26
N GLN B 187 7.40 9.40 -19.88
CA GLN B 187 8.26 9.80 -21.00
C GLN B 187 9.71 9.92 -20.54
N ASP B 188 9.92 10.54 -19.39
CA ASP B 188 11.28 10.70 -18.88
C ASP B 188 11.90 9.37 -18.53
N MET B 189 11.13 8.37 -18.16
CA MET B 189 11.57 7.02 -17.86
C MET B 189 11.71 6.17 -19.11
N GLY B 190 11.49 6.72 -20.30
CA GLY B 190 11.73 5.99 -21.53
C GLY B 190 10.58 5.12 -21.98
N VAL B 191 9.42 5.20 -21.35
CA VAL B 191 8.29 4.40 -21.75
C VAL B 191 7.82 4.87 -23.14
N LEU B 192 7.51 3.89 -24.00
CA LEU B 192 7.22 4.22 -25.39
C LEU B 192 5.80 4.64 -25.65
N ASN B 193 4.83 4.03 -24.96
CA ASN B 193 3.45 4.03 -25.45
C ASN B 193 2.48 3.65 -24.35
N PHE B 194 1.21 3.97 -24.60
CA PHE B 194 0.07 3.59 -23.78
C PHE B 194 -0.81 2.59 -24.53
N GLU B 195 -1.29 1.60 -23.81
CA GLU B 195 -2.43 0.76 -24.27
C GLU B 195 -3.14 0.25 -23.02
N MET B 196 -4.06 -0.72 -23.16
CA MET B 196 -4.93 -1.09 -22.07
C MET B 196 -4.96 -2.57 -21.71
N GLU B 197 -4.27 -3.45 -22.38
CA GLU B 197 -4.42 -4.88 -22.19
C GLU B 197 -3.13 -5.62 -21.82
N SER B 198 -1.97 -5.06 -22.17
CA SER B 198 -0.74 -5.83 -22.06
C SER B 198 -0.37 -6.17 -20.63
N ALA B 199 -0.60 -5.29 -19.65
CA ALA B 199 -0.19 -5.65 -18.29
C ALA B 199 -0.96 -6.89 -17.84
N THR B 200 -2.25 -6.94 -18.09
CA THR B 200 -3.01 -8.11 -17.70
C THR B 200 -2.55 -9.34 -18.46
N LEU B 201 -2.46 -9.23 -19.77
CA LEU B 201 -2.10 -10.38 -20.61
C LEU B 201 -0.75 -10.93 -20.19
N LEU B 202 0.23 -10.04 -20.11
CA LEU B 202 1.59 -10.51 -19.89
C LEU B 202 1.73 -11.08 -18.47
N THR B 203 1.12 -10.44 -17.47
CA THR B 203 1.23 -10.93 -16.10
C THR B 203 0.55 -12.26 -15.96
N MET B 204 -0.68 -12.34 -16.47
N MET B 204 -0.66 -12.40 -16.52
CA MET B 204 -1.44 -13.59 -16.42
CA MET B 204 -1.40 -13.65 -16.34
C MET B 204 -0.61 -14.71 -17.02
C MET B 204 -0.70 -14.79 -17.08
N CYS B 205 -0.09 -14.51 -18.23
CA CYS B 205 0.55 -15.58 -18.94
C CYS B 205 1.88 -15.96 -18.32
N ALA B 206 2.69 -14.96 -17.95
CA ALA B 206 4.01 -15.23 -17.39
C ALA B 206 3.93 -15.96 -16.07
N SER B 207 2.82 -15.83 -15.35
CA SER B 207 2.63 -16.47 -14.07
C SER B 207 1.80 -17.74 -14.15
N SER B 208 1.40 -18.16 -15.36
CA SER B 208 0.50 -19.27 -15.57
C SER B 208 1.01 -20.29 -16.57
N GLY B 209 2.26 -20.21 -17.02
CA GLY B 209 2.79 -21.19 -17.93
C GLY B 209 2.35 -21.03 -19.36
N LEU B 210 1.98 -19.82 -19.77
CA LEU B 210 1.54 -19.50 -21.11
C LEU B 210 2.52 -18.54 -21.74
N LYS B 211 2.70 -18.61 -23.06
CA LYS B 211 3.60 -17.74 -23.78
CA LYS B 211 3.61 -17.72 -23.77
C LYS B 211 2.83 -16.59 -24.41
N ALA B 212 3.20 -15.34 -24.13
CA ALA B 212 2.47 -14.21 -24.68
C ALA B 212 3.42 -13.10 -25.10
N GLY B 213 2.95 -12.28 -26.02
CA GLY B 213 3.60 -11.04 -26.40
C GLY B 213 2.59 -10.09 -26.99
N CYS B 214 3.01 -8.81 -27.13
N CYS B 214 3.05 -8.86 -27.19
CA CYS B 214 2.15 -7.72 -27.60
CA CYS B 214 2.23 -7.78 -27.70
C CYS B 214 2.88 -6.85 -28.63
C CYS B 214 3.00 -7.02 -28.75
N VAL B 215 2.28 -6.72 -29.85
CA VAL B 215 2.74 -5.79 -30.86
C VAL B 215 1.59 -4.83 -31.15
N ALA B 216 1.91 -3.57 -31.38
CA ALA B 216 0.87 -2.58 -31.56
C ALA B 216 1.29 -1.57 -32.60
N GLY B 217 0.31 -1.10 -33.39
CA GLY B 217 0.54 -0.02 -34.31
C GLY B 217 0.18 1.32 -33.68
N VAL B 218 1.07 2.30 -33.89
CA VAL B 218 0.88 3.63 -33.33
C VAL B 218 -0.16 4.40 -34.13
N ILE B 219 -1.22 4.82 -33.48
CA ILE B 219 -2.31 5.55 -34.14
C ILE B 219 -2.38 7.01 -33.73
N ILE B 220 -1.55 7.44 -32.76
CA ILE B 220 -1.54 8.83 -32.32
C ILE B 220 -0.22 9.05 -31.60
N ASN B 221 0.30 10.27 -31.70
CA ASN B 221 1.44 10.69 -30.87
C ASN B 221 0.90 11.67 -29.84
N ARG B 222 0.98 11.28 -28.57
CA ARG B 222 0.41 12.04 -27.48
C ARG B 222 1.15 13.31 -27.15
N THR B 223 2.33 13.54 -27.71
CA THR B 223 2.95 14.86 -27.56
C THR B 223 2.25 15.91 -28.40
N GLN B 224 1.38 15.45 -29.32
CA GLN B 224 0.61 16.31 -30.21
C GLN B 224 -0.81 16.50 -29.74
N LYS B 225 -1.55 15.41 -29.51
CA LYS B 225 -2.98 15.53 -29.26
C LYS B 225 -3.48 14.27 -28.58
N GLU B 226 -4.78 14.29 -28.23
CA GLU B 226 -5.41 13.21 -27.47
C GLU B 226 -6.27 12.25 -28.27
N ILE B 227 -6.97 12.70 -29.30
CA ILE B 227 -7.93 11.84 -29.99
C ILE B 227 -7.32 11.42 -31.32
N PRO B 228 -7.23 10.12 -31.59
CA PRO B 228 -6.60 9.70 -32.86
C PRO B 228 -7.36 10.18 -34.05
N ASP B 229 -6.59 10.55 -35.09
CA ASP B 229 -7.18 10.90 -36.37
C ASP B 229 -7.69 9.65 -37.06
N HIS B 230 -8.87 9.76 -37.68
N HIS B 230 -8.87 9.77 -37.68
CA HIS B 230 -9.42 8.58 -38.35
CA HIS B 230 -9.47 8.63 -38.35
C HIS B 230 -8.67 8.21 -39.61
C HIS B 230 -8.71 8.22 -39.61
N ALA B 231 -8.09 9.17 -40.32
CA ALA B 231 -7.61 8.90 -41.67
C ALA B 231 -6.51 7.85 -41.71
N THR B 232 -5.69 7.77 -40.68
CA THR B 232 -4.55 6.87 -40.67
C THR B 232 -4.83 5.53 -39.97
N LEU B 233 -6.06 5.29 -39.52
CA LEU B 233 -6.31 4.06 -38.78
C LEU B 233 -6.23 2.84 -39.70
N LYS B 234 -6.78 2.91 -40.92
CA LYS B 234 -6.88 1.71 -41.76
CA LYS B 234 -6.88 1.73 -41.79
C LYS B 234 -5.50 1.20 -42.20
N GLU B 235 -4.62 2.11 -42.65
CA GLU B 235 -3.29 1.68 -43.09
C GLU B 235 -2.48 1.12 -41.93
N THR B 236 -2.59 1.72 -40.74
CA THR B 236 -1.80 1.23 -39.62
C THR B 236 -2.31 -0.13 -39.20
N GLU B 237 -3.62 -0.31 -39.19
CA GLU B 237 -4.21 -1.60 -38.86
C GLU B 237 -3.74 -2.69 -39.82
N ALA B 238 -3.75 -2.40 -41.14
CA ALA B 238 -3.35 -3.40 -42.12
C ALA B 238 -1.93 -3.86 -41.89
N ARG B 239 -1.03 -2.93 -41.58
CA ARG B 239 0.37 -3.26 -41.31
C ARG B 239 0.49 -4.12 -40.07
N SER B 240 -0.22 -3.73 -39.02
N SER B 240 -0.22 -3.75 -39.01
CA SER B 240 -0.13 -4.46 -37.77
CA SER B 240 -0.06 -4.49 -37.75
C SER B 240 -0.54 -5.91 -37.93
C SER B 240 -0.57 -5.92 -37.87
N ILE B 241 -1.62 -6.16 -38.64
CA ILE B 241 -2.11 -7.53 -38.73
C ILE B 241 -1.23 -8.38 -39.65
N LYS B 242 -0.63 -7.78 -40.65
CA LYS B 242 0.35 -8.52 -41.45
CA LYS B 242 0.36 -8.50 -41.45
C LYS B 242 1.53 -8.95 -40.58
N VAL B 243 2.01 -8.04 -39.73
CA VAL B 243 3.12 -8.36 -38.85
C VAL B 243 2.75 -9.50 -37.90
N VAL B 244 1.58 -9.42 -37.26
CA VAL B 244 1.26 -10.44 -36.27
C VAL B 244 1.11 -11.80 -36.89
N VAL B 245 0.60 -11.91 -38.11
CA VAL B 245 0.49 -13.21 -38.76
C VAL B 245 1.88 -13.76 -39.07
N GLU B 246 2.81 -12.91 -39.54
N GLU B 246 2.82 -12.90 -39.49
N GLU B 246 2.81 -12.91 -39.52
CA GLU B 246 4.18 -13.39 -39.72
CA GLU B 246 4.18 -13.36 -39.71
CA GLU B 246 4.17 -13.38 -39.73
C GLU B 246 4.79 -13.84 -38.39
C GLU B 246 4.90 -13.74 -38.42
C GLU B 246 4.80 -13.81 -38.40
N ALA B 247 4.54 -13.08 -37.31
CA ALA B 247 5.07 -13.51 -36.01
C ALA B 247 4.51 -14.87 -35.62
N ALA B 248 3.23 -15.10 -35.89
CA ALA B 248 2.64 -16.41 -35.64
C ALA B 248 3.37 -17.48 -36.44
N ARG B 249 3.66 -17.22 -37.71
CA ARG B 249 4.39 -18.19 -38.52
CA ARG B 249 4.39 -18.19 -38.52
C ARG B 249 5.70 -18.56 -37.84
N LYS B 250 6.39 -17.59 -37.28
CA LYS B 250 7.69 -17.81 -36.61
C LYS B 250 7.55 -18.61 -35.34
N MET B 251 6.39 -18.60 -34.70
CA MET B 251 6.18 -19.34 -33.46
C MET B 251 5.71 -20.76 -33.72
N LEU B 252 5.28 -21.10 -34.92
CA LEU B 252 4.80 -22.45 -35.15
C LEU B 252 5.92 -23.48 -35.04
N LYS B 253 5.50 -24.66 -34.56
CA LYS B 253 6.24 -25.93 -34.35
C LYS B 253 7.51 -25.79 -33.56
N LYS C 3 34.80 15.59 -10.78
CA LYS C 3 35.69 15.00 -11.78
C LYS C 3 36.00 13.52 -11.42
N THR C 4 36.28 13.26 -10.14
CA THR C 4 36.39 11.89 -9.62
C THR C 4 35.09 11.57 -8.88
N VAL C 5 34.41 10.49 -9.27
CA VAL C 5 33.15 10.16 -8.63
C VAL C 5 33.37 9.73 -7.20
N PHE C 6 32.32 9.92 -6.37
CA PHE C 6 32.46 9.91 -4.91
C PHE C 6 32.94 8.58 -4.37
N HIS C 7 32.43 7.47 -4.88
CA HIS C 7 32.75 6.14 -4.34
C HIS C 7 33.77 5.37 -5.13
N LEU C 8 33.72 5.42 -6.47
CA LEU C 8 34.52 4.53 -7.29
C LEU C 8 35.96 4.99 -7.43
N GLY C 9 36.26 6.26 -7.19
CA GLY C 9 37.63 6.71 -7.20
C GLY C 9 38.28 6.75 -8.56
N VAL C 10 37.52 6.93 -9.62
CA VAL C 10 38.01 7.02 -10.98
C VAL C 10 37.42 8.26 -11.65
N THR C 11 38.12 8.73 -12.66
CA THR C 11 37.67 9.81 -13.53
C THR C 11 37.23 9.26 -14.87
N GLU C 12 36.59 10.12 -15.66
N GLU C 12 36.59 10.13 -15.65
CA GLU C 12 36.17 9.71 -16.99
CA GLU C 12 36.18 9.72 -16.98
C GLU C 12 37.37 9.37 -17.85
C GLU C 12 37.39 9.35 -17.82
N ALA C 13 38.46 10.14 -17.73
CA ALA C 13 39.65 9.84 -18.51
C ALA C 13 40.23 8.46 -18.18
N ASP C 14 40.13 8.01 -16.92
CA ASP C 14 40.63 6.69 -16.53
C ASP C 14 39.98 5.57 -17.32
N LEU C 15 38.74 5.77 -17.79
CA LEU C 15 38.02 4.72 -18.50
C LEU C 15 38.36 4.64 -19.98
N ASN C 16 39.14 5.58 -20.51
CA ASN C 16 39.61 5.49 -21.90
C ASN C 16 38.46 5.30 -22.89
N GLY C 17 37.35 5.99 -22.64
CA GLY C 17 36.26 6.00 -23.57
C GLY C 17 35.27 4.86 -23.42
N ALA C 18 35.40 4.03 -22.38
CA ALA C 18 34.49 2.90 -22.23
C ALA C 18 33.06 3.36 -22.13
N THR C 19 32.17 2.69 -22.84
CA THR C 19 30.73 2.90 -22.66
C THR C 19 30.00 1.64 -22.21
N LEU C 20 30.71 0.55 -21.96
CA LEU C 20 30.17 -0.70 -21.48
C LEU C 20 30.92 -1.13 -20.25
N ALA C 21 30.16 -1.61 -19.25
CA ALA C 21 30.71 -2.18 -18.04
C ALA C 21 30.17 -3.57 -17.83
N ILE C 22 31.04 -4.45 -17.34
CA ILE C 22 30.67 -5.74 -16.77
C ILE C 22 30.72 -5.60 -15.26
N ILE C 23 29.62 -5.96 -14.59
CA ILE C 23 29.42 -5.66 -13.17
C ILE C 23 29.17 -6.94 -12.36
N PRO C 24 30.21 -7.69 -11.95
CA PRO C 24 30.02 -8.79 -11.01
C PRO C 24 29.74 -8.24 -9.61
N GLY C 25 29.29 -9.11 -8.70
CA GLY C 25 29.11 -8.66 -7.33
C GLY C 25 30.37 -8.67 -6.47
N ASP C 26 31.19 -9.69 -6.65
CA ASP C 26 32.32 -9.93 -5.76
C ASP C 26 33.55 -9.22 -6.28
N PRO C 27 34.19 -8.35 -5.49
CA PRO C 27 35.43 -7.72 -5.95
C PRO C 27 36.49 -8.68 -6.46
N ALA C 28 36.56 -9.91 -5.92
CA ALA C 28 37.60 -10.85 -6.34
C ALA C 28 37.40 -11.35 -7.75
N ARG C 29 36.19 -11.22 -8.31
CA ARG C 29 35.91 -11.66 -9.66
C ARG C 29 36.31 -10.64 -10.71
N VAL C 30 36.60 -9.41 -10.30
CA VAL C 30 36.86 -8.36 -11.28
C VAL C 30 38.10 -8.68 -12.10
N GLN C 31 39.21 -9.00 -11.45
CA GLN C 31 40.42 -9.31 -12.19
C GLN C 31 40.24 -10.54 -13.07
N LYS C 32 39.42 -11.50 -12.64
CA LYS C 32 39.25 -12.72 -13.40
C LYS C 32 38.50 -12.46 -14.69
N ILE C 33 37.55 -11.54 -14.65
CA ILE C 33 36.86 -11.12 -15.87
C ILE C 33 37.79 -10.28 -16.73
N ALA C 34 38.47 -9.32 -16.13
CA ALA C 34 39.31 -8.44 -16.93
C ALA C 34 40.40 -9.20 -17.66
N GLU C 35 40.94 -10.27 -17.07
CA GLU C 35 42.05 -10.96 -17.72
C GLU C 35 41.60 -11.77 -18.92
N LEU C 36 40.29 -11.95 -19.12
CA LEU C 36 39.81 -12.55 -20.37
C LEU C 36 39.87 -11.59 -21.54
N MET C 37 40.17 -10.32 -21.29
CA MET C 37 40.22 -9.29 -22.31
C MET C 37 41.67 -8.81 -22.43
N ASP C 38 41.90 -7.83 -23.27
CA ASP C 38 43.26 -7.36 -23.53
C ASP C 38 43.64 -6.22 -22.61
N ASN C 39 44.92 -6.18 -22.25
CA ASN C 39 45.47 -5.06 -21.49
C ASN C 39 44.66 -4.71 -20.24
N PRO C 40 44.36 -5.68 -19.38
CA PRO C 40 43.67 -5.34 -18.12
C PRO C 40 44.53 -4.51 -17.20
N VAL C 41 43.93 -3.50 -16.62
CA VAL C 41 44.64 -2.61 -15.71
C VAL C 41 43.74 -2.28 -14.53
N PHE C 42 44.26 -2.46 -13.33
CA PHE C 42 43.60 -2.04 -12.10
C PHE C 42 43.52 -0.53 -12.03
N LEU C 43 42.35 -0.01 -11.75
CA LEU C 43 42.14 1.43 -11.58
C LEU C 43 41.99 1.84 -10.12
N ALA C 44 41.14 1.17 -9.35
CA ALA C 44 40.86 1.61 -7.99
C ALA C 44 40.16 0.50 -7.22
N SER C 45 40.30 0.54 -5.89
CA SER C 45 39.51 -0.30 -5.00
C SER C 45 39.15 0.52 -3.77
N HIS C 46 37.85 0.62 -3.51
N HIS C 46 37.86 0.66 -3.52
CA HIS C 46 37.31 1.33 -2.36
CA HIS C 46 37.37 1.33 -2.32
C HIS C 46 36.09 0.56 -1.94
C HIS C 46 36.15 0.57 -1.88
N ARG C 47 35.97 0.27 -0.63
N ARG C 47 36.17 0.02 -0.68
CA ARG C 47 34.84 -0.50 -0.09
CA ARG C 47 35.04 -0.74 -0.17
C ARG C 47 34.70 -1.78 -0.92
C ARG C 47 34.75 -1.84 -1.16
N GLU C 48 33.48 -2.13 -1.39
CA GLU C 48 33.19 -3.27 -2.23
C GLU C 48 33.40 -3.01 -3.74
N TYR C 49 33.95 -1.84 -4.12
CA TYR C 49 34.10 -1.45 -5.52
C TYR C 49 35.54 -1.59 -5.97
N THR C 50 35.82 -2.63 -6.74
CA THR C 50 37.10 -2.80 -7.41
C THR C 50 36.85 -2.58 -8.89
N VAL C 51 37.69 -1.75 -9.51
CA VAL C 51 37.48 -1.26 -10.86
C VAL C 51 38.72 -1.56 -11.68
N TYR C 52 38.55 -2.25 -12.81
CA TYR C 52 39.58 -2.48 -13.82
C TYR C 52 39.08 -1.94 -15.15
N ARG C 53 40.00 -1.58 -16.02
N ARG C 53 40.01 -1.57 -16.02
CA ARG C 53 39.68 -1.39 -17.41
CA ARG C 53 39.76 -1.30 -17.43
C ARG C 53 40.38 -2.46 -18.24
C ARG C 53 40.41 -2.40 -18.26
N ALA C 54 39.85 -2.71 -19.42
CA ALA C 54 40.47 -3.63 -20.36
C ALA C 54 39.98 -3.25 -21.75
N GLU C 55 40.41 -4.02 -22.76
N GLU C 55 40.46 -3.98 -22.76
CA GLU C 55 40.05 -3.73 -24.13
CA GLU C 55 40.09 -3.75 -24.15
C GLU C 55 39.50 -5.00 -24.79
C GLU C 55 39.44 -5.02 -24.70
N LEU C 56 38.41 -4.85 -25.51
CA LEU C 56 37.72 -5.97 -26.13
C LEU C 56 37.54 -5.59 -27.58
N ASP C 57 38.19 -6.30 -28.50
CA ASP C 57 38.10 -5.98 -29.92
C ASP C 57 38.46 -4.52 -30.18
N GLY C 58 39.46 -4.04 -29.45
CA GLY C 58 39.93 -2.69 -29.63
C GLY C 58 39.15 -1.63 -28.90
N GLN C 59 38.07 -1.98 -28.21
CA GLN C 59 37.25 -0.99 -27.50
C GLN C 59 37.43 -1.13 -25.99
N SER C 60 37.38 -0.02 -25.28
N SER C 60 37.61 0.01 -25.33
CA SER C 60 37.56 -0.05 -23.84
CA SER C 60 37.78 0.02 -23.89
C SER C 60 36.31 -0.61 -23.12
C SER C 60 36.46 -0.36 -23.25
N VAL C 61 36.56 -1.44 -22.12
N VAL C 61 36.56 -1.20 -22.23
CA VAL C 61 35.51 -2.02 -21.29
CA VAL C 61 35.45 -1.58 -21.37
C VAL C 61 35.89 -1.85 -19.82
C VAL C 61 35.91 -1.38 -19.94
N VAL C 62 34.93 -1.47 -19.01
N VAL C 62 34.97 -1.43 -18.99
CA VAL C 62 35.13 -1.40 -17.58
CA VAL C 62 35.28 -1.35 -17.57
C VAL C 62 34.67 -2.72 -16.97
C VAL C 62 34.61 -2.51 -16.84
N VAL C 63 35.34 -3.09 -15.88
CA VAL C 63 34.84 -4.16 -15.00
C VAL C 63 34.78 -3.58 -13.60
N CYS C 64 33.62 -3.64 -12.95
CA CYS C 64 33.42 -2.98 -11.67
C CYS C 64 32.56 -3.86 -10.78
N SER C 65 33.05 -4.24 -9.59
CA SER C 65 32.20 -4.96 -8.66
C SER C 65 31.15 -4.05 -8.02
N THR C 66 30.05 -4.66 -7.57
CA THR C 66 28.91 -3.93 -7.04
C THR C 66 28.67 -4.15 -5.56
N GLY C 67 29.25 -5.18 -4.96
CA GLY C 67 28.83 -5.64 -3.64
C GLY C 67 27.55 -6.41 -3.67
N ILE C 68 27.08 -6.83 -2.51
CA ILE C 68 25.80 -7.50 -2.36
C ILE C 68 24.70 -6.48 -2.20
N GLY C 69 23.65 -6.64 -2.97
CA GLY C 69 22.42 -5.89 -2.77
C GLY C 69 22.25 -4.71 -3.70
N GLY C 70 20.97 -4.33 -3.84
CA GLY C 70 20.62 -3.18 -4.62
C GLY C 70 21.25 -1.87 -4.22
N PRO C 71 21.33 -1.54 -2.93
CA PRO C 71 21.89 -0.24 -2.56
C PRO C 71 23.31 -0.03 -3.07
N SER C 72 24.18 -1.01 -2.80
N SER C 72 24.19 -1.00 -2.83
CA SER C 72 25.57 -0.91 -3.24
CA SER C 72 25.56 -0.79 -3.28
C SER C 72 25.66 -0.89 -4.77
C SER C 72 25.66 -0.85 -4.80
N THR C 73 24.81 -1.67 -5.43
CA THR C 73 24.79 -1.73 -6.88
C THR C 73 24.38 -0.39 -7.47
N SER C 74 23.38 0.26 -6.88
CA SER C 74 22.86 1.51 -7.40
C SER C 74 23.91 2.61 -7.42
N ILE C 75 24.80 2.61 -6.43
CA ILE C 75 25.88 3.60 -6.39
C ILE C 75 26.82 3.39 -7.57
N ALA C 76 27.25 2.14 -7.78
CA ALA C 76 28.21 1.85 -8.85
C ALA C 76 27.62 2.20 -10.22
N VAL C 77 26.38 1.82 -10.48
CA VAL C 77 25.77 2.11 -11.77
C VAL C 77 25.66 3.61 -12.00
N GLU C 78 25.19 4.35 -10.99
CA GLU C 78 25.08 5.81 -11.14
C GLU C 78 26.42 6.43 -11.47
N GLU C 79 27.45 6.07 -10.71
CA GLU C 79 28.74 6.73 -10.88
C GLU C 79 29.38 6.34 -12.21
N LEU C 80 29.25 5.08 -12.63
CA LEU C 80 29.72 4.70 -13.96
C LEU C 80 28.97 5.47 -15.05
N ALA C 81 27.67 5.66 -14.89
CA ALA C 81 26.91 6.41 -15.87
C ALA C 81 27.35 7.86 -15.92
N GLN C 82 27.69 8.46 -14.77
CA GLN C 82 28.26 9.82 -14.76
C GLN C 82 29.52 9.91 -15.59
N LEU C 83 30.26 8.81 -15.68
CA LEU C 83 31.51 8.76 -16.41
C LEU C 83 31.38 8.23 -17.82
N GLY C 84 30.17 8.09 -18.31
CA GLY C 84 29.89 7.82 -19.70
C GLY C 84 29.46 6.40 -20.01
N VAL C 85 29.37 5.52 -19.03
CA VAL C 85 28.97 4.14 -19.32
C VAL C 85 27.45 4.10 -19.55
N ARG C 86 27.04 3.39 -20.60
CA ARG C 86 25.64 3.30 -20.98
C ARG C 86 25.09 1.89 -21.04
N THR C 87 25.93 0.85 -21.01
CA THR C 87 25.52 -0.54 -21.08
C THR C 87 26.17 -1.29 -19.94
N PHE C 88 25.36 -2.05 -19.19
CA PHE C 88 25.76 -2.75 -17.98
C PHE C 88 25.38 -4.22 -18.10
N LEU C 89 26.38 -5.09 -18.02
N LEU C 89 26.38 -5.09 -18.03
CA LEU C 89 26.19 -6.54 -18.10
CA LEU C 89 26.19 -6.53 -18.06
C LEU C 89 26.51 -7.19 -16.76
C LEU C 89 26.50 -7.11 -16.70
N ARG C 90 25.48 -7.60 -16.02
CA ARG C 90 25.67 -8.26 -14.74
C ARG C 90 25.91 -9.74 -14.97
N VAL C 91 26.92 -10.27 -14.28
CA VAL C 91 27.16 -11.69 -14.20
C VAL C 91 27.21 -12.08 -12.72
N GLY C 92 26.48 -13.13 -12.34
N GLY C 92 26.95 -13.37 -12.52
CA GLY C 92 26.37 -13.45 -10.92
CA GLY C 92 27.19 -14.03 -11.27
C GLY C 92 26.07 -14.92 -10.67
C GLY C 92 26.94 -15.50 -11.43
N THR C 93 25.76 -15.27 -9.42
N THR C 93 26.92 -16.17 -10.29
CA THR C 93 25.36 -16.63 -9.08
CA THR C 93 26.43 -17.53 -10.11
C THR C 93 23.91 -16.63 -8.62
C THR C 93 25.15 -17.44 -9.31
N THR C 94 23.28 -17.80 -8.66
N THR C 94 24.24 -18.41 -9.47
CA THR C 94 21.86 -17.84 -8.35
CA THR C 94 22.95 -18.27 -8.80
C THR C 94 21.44 -19.18 -7.75
C THR C 94 22.39 -19.61 -8.34
N GLY C 95 20.31 -19.18 -7.05
N GLY C 95 21.28 -19.53 -7.60
CA GLY C 95 19.74 -20.41 -6.56
CA GLY C 95 20.48 -20.71 -7.23
C GLY C 95 18.51 -20.74 -7.36
C GLY C 95 19.04 -20.69 -7.73
N ALA C 96 18.56 -21.87 -8.09
CA ALA C 96 17.37 -22.21 -8.82
C ALA C 96 16.31 -22.70 -7.85
N ILE C 97 15.05 -22.47 -8.23
CA ILE C 97 13.93 -22.94 -7.44
C ILE C 97 13.04 -23.86 -8.25
N GLN C 98 13.40 -24.14 -9.53
CA GLN C 98 12.66 -25.04 -10.40
C GLN C 98 13.42 -26.35 -10.53
N PRO C 99 12.72 -27.48 -10.42
CA PRO C 99 13.42 -28.78 -10.45
C PRO C 99 14.08 -29.06 -11.78
N HIS C 100 13.62 -28.46 -12.86
CA HIS C 100 14.17 -28.78 -14.18
C HIS C 100 15.45 -28.03 -14.47
N VAL C 101 15.85 -27.09 -13.61
CA VAL C 101 17.05 -26.32 -13.79
C VAL C 101 18.16 -27.00 -13.00
N ASN C 102 19.27 -27.27 -13.64
CA ASN C 102 20.36 -28.00 -13.00
C ASN C 102 21.53 -27.09 -12.68
N VAL C 103 22.27 -27.48 -11.63
CA VAL C 103 23.55 -26.82 -11.35
C VAL C 103 24.39 -26.88 -12.62
N GLY C 104 25.03 -25.76 -12.97
CA GLY C 104 25.78 -25.65 -14.20
C GLY C 104 25.02 -25.01 -15.34
N ASP C 105 23.69 -24.98 -15.28
CA ASP C 105 22.92 -24.29 -16.30
C ASP C 105 23.11 -22.79 -16.14
N MET C 106 22.71 -22.06 -17.18
N MET C 106 22.76 -22.06 -17.20
N MET C 106 22.71 -22.05 -17.18
CA MET C 106 22.74 -20.61 -17.12
CA MET C 106 22.74 -20.61 -17.20
CA MET C 106 22.78 -20.58 -17.16
C MET C 106 21.32 -20.09 -17.21
C MET C 106 21.30 -20.14 -17.13
C MET C 106 21.38 -20.00 -17.33
N ILE C 107 21.10 -18.95 -16.56
CA ILE C 107 19.82 -18.23 -16.58
C ILE C 107 20.06 -16.82 -17.09
N VAL C 108 19.29 -16.40 -18.09
CA VAL C 108 19.24 -15.00 -18.53
C VAL C 108 17.88 -14.48 -18.08
N THR C 109 17.91 -13.45 -17.23
CA THR C 109 16.68 -12.89 -16.66
C THR C 109 15.91 -12.07 -17.70
N THR C 110 14.64 -12.40 -17.89
CA THR C 110 13.75 -11.62 -18.76
C THR C 110 12.94 -10.60 -17.98
N GLY C 111 12.91 -10.70 -16.65
CA GLY C 111 12.19 -9.79 -15.78
C GLY C 111 12.43 -10.24 -14.37
N SER C 112 12.40 -9.30 -13.43
N SER C 112 12.33 -9.31 -13.42
CA SER C 112 12.59 -9.60 -12.02
CA SER C 112 12.63 -9.62 -12.02
C SER C 112 11.35 -9.28 -11.19
C SER C 112 11.48 -9.23 -11.10
N VAL C 113 11.10 -10.16 -10.23
CA VAL C 113 10.19 -9.88 -9.13
C VAL C 113 10.89 -8.92 -8.18
N ARG C 114 10.29 -7.77 -7.95
CA ARG C 114 10.92 -6.68 -7.21
C ARG C 114 10.69 -6.84 -5.71
N LEU C 115 11.51 -7.70 -5.07
CA LEU C 115 11.46 -7.95 -3.62
C LEU C 115 12.55 -7.16 -2.92
N ASP C 116 12.88 -6.02 -3.49
CA ASP C 116 13.94 -5.11 -3.05
C ASP C 116 13.31 -3.75 -2.63
N GLY C 117 14.13 -2.83 -2.24
CA GLY C 117 13.73 -1.49 -1.94
C GLY C 117 14.29 -0.47 -2.88
N ALA C 118 15.51 -0.65 -3.37
CA ALA C 118 16.14 0.41 -4.14
C ALA C 118 15.42 0.63 -5.45
N SER C 119 14.81 -0.39 -6.05
CA SER C 119 14.13 -0.19 -7.31
C SER C 119 13.08 0.92 -7.18
N LEU C 120 12.41 1.01 -6.02
CA LEU C 120 11.38 2.00 -5.77
C LEU C 120 11.93 3.42 -5.70
N HIS C 121 13.25 3.58 -5.61
CA HIS C 121 13.86 4.88 -5.64
C HIS C 121 14.08 5.38 -7.05
N PHE C 122 13.74 4.55 -8.05
CA PHE C 122 13.83 4.90 -9.47
C PHE C 122 12.47 4.86 -10.16
N ALA C 123 11.58 3.96 -9.78
CA ALA C 123 10.29 3.86 -10.46
C ALA C 123 9.33 3.21 -9.49
N PRO C 124 8.06 3.55 -9.55
CA PRO C 124 7.07 2.92 -8.67
C PRO C 124 6.92 1.46 -9.00
N MET C 125 6.32 0.70 -8.09
CA MET C 125 6.31 -0.76 -8.15
C MET C 125 5.70 -1.29 -9.44
N GLU C 126 4.74 -0.55 -10.02
N GLU C 126 4.74 -0.58 -10.03
CA GLU C 126 4.06 -0.93 -11.25
CA GLU C 126 4.09 -1.07 -11.24
C GLU C 126 5.02 -1.10 -12.43
C GLU C 126 5.04 -1.12 -12.45
N PHE C 127 6.16 -0.41 -12.40
CA PHE C 127 7.10 -0.41 -13.50
C PHE C 127 7.82 -1.77 -13.58
N PRO C 128 8.04 -2.31 -14.77
CA PRO C 128 8.63 -3.64 -14.88
C PRO C 128 10.14 -3.60 -14.74
N ALA C 129 10.68 -4.53 -13.94
CA ALA C 129 12.13 -4.71 -13.85
C ALA C 129 12.56 -5.62 -14.99
N VAL C 130 12.93 -4.99 -16.11
N VAL C 130 12.76 -5.05 -16.18
CA VAL C 130 13.04 -5.63 -17.40
CA VAL C 130 13.07 -5.85 -17.37
C VAL C 130 14.44 -5.32 -17.95
C VAL C 130 14.37 -5.35 -17.98
N PRO C 131 15.12 -6.28 -18.60
CA PRO C 131 16.39 -5.95 -19.24
C PRO C 131 16.13 -5.26 -20.58
N ASP C 132 17.19 -4.63 -21.06
CA ASP C 132 17.25 -4.20 -22.45
C ASP C 132 17.20 -5.43 -23.34
N PHE C 133 16.38 -5.37 -24.40
CA PHE C 133 16.19 -6.55 -25.23
C PHE C 133 17.45 -6.95 -25.99
N ASP C 134 18.24 -5.98 -26.45
CA ASP C 134 19.49 -6.32 -27.11
C ASP C 134 20.46 -7.02 -26.18
N VAL C 135 20.57 -6.56 -24.93
CA VAL C 135 21.47 -7.22 -23.99
C VAL C 135 21.01 -8.63 -23.70
N ALA C 136 19.72 -8.82 -23.43
CA ALA C 136 19.21 -10.17 -23.17
C ALA C 136 19.47 -11.09 -24.36
N THR C 137 19.26 -10.57 -25.56
CA THR C 137 19.50 -11.34 -26.79
C THR C 137 20.98 -11.74 -26.90
N ALA C 138 21.88 -10.80 -26.64
CA ALA C 138 23.32 -11.09 -26.70
C ALA C 138 23.70 -12.11 -25.64
N MET C 139 23.13 -11.98 -24.42
CA MET C 139 23.45 -12.92 -23.38
CA MET C 139 23.44 -12.93 -23.36
C MET C 139 22.96 -14.33 -23.69
N LYS C 140 21.75 -14.45 -24.24
CA LYS C 140 21.27 -15.76 -24.64
C LYS C 140 22.19 -16.39 -25.67
N ALA C 141 22.54 -15.64 -26.70
CA ALA C 141 23.40 -16.18 -27.76
C ALA C 141 24.75 -16.60 -27.18
N ALA C 142 25.38 -15.74 -26.39
CA ALA C 142 26.67 -16.10 -25.81
C ALA C 142 26.57 -17.34 -24.93
N ALA C 143 25.50 -17.43 -24.13
CA ALA C 143 25.32 -18.58 -23.25
C ALA C 143 25.14 -19.86 -24.05
N GLN C 144 24.35 -19.78 -25.12
CA GLN C 144 24.16 -20.96 -25.95
C GLN C 144 25.47 -21.38 -26.61
N GLU C 145 26.22 -20.41 -27.12
CA GLU C 145 27.48 -20.74 -27.80
C GLU C 145 28.50 -21.38 -26.89
N SER C 146 28.41 -21.18 -25.58
CA SER C 146 29.32 -21.83 -24.66
C SER C 146 29.02 -23.30 -24.45
N GLY C 147 27.90 -23.79 -25.00
CA GLY C 147 27.50 -25.17 -24.81
C GLY C 147 26.61 -25.40 -23.61
N ALA C 148 26.37 -24.39 -22.79
CA ALA C 148 25.53 -24.55 -21.60
C ALA C 148 24.07 -24.69 -21.99
N THR C 149 23.31 -25.34 -21.11
CA THR C 149 21.85 -25.28 -21.16
C THR C 149 21.41 -23.92 -20.60
N VAL C 150 20.62 -23.18 -21.39
CA VAL C 150 20.25 -21.80 -21.08
C VAL C 150 18.76 -21.74 -20.83
N HIS C 151 18.37 -21.04 -19.76
CA HIS C 151 16.96 -20.77 -19.44
C HIS C 151 16.72 -19.27 -19.48
N MET C 152 15.65 -18.87 -20.16
CA MET C 152 15.18 -17.49 -20.16
C MET C 152 13.99 -17.43 -19.22
N GLY C 153 13.97 -16.48 -18.29
CA GLY C 153 12.76 -16.39 -17.49
C GLY C 153 12.90 -15.40 -16.35
N VAL C 154 11.91 -15.47 -15.46
CA VAL C 154 11.75 -14.50 -14.38
C VAL C 154 12.60 -14.90 -13.18
N THR C 155 13.22 -13.91 -12.56
CA THR C 155 14.03 -14.09 -11.37
C THR C 155 13.42 -13.34 -10.22
N ALA C 156 13.44 -13.91 -9.02
CA ALA C 156 12.98 -13.22 -7.83
C ALA C 156 14.18 -12.55 -7.18
N SER C 157 14.10 -11.23 -6.98
CA SER C 157 15.23 -10.44 -6.55
C SER C 157 14.98 -9.83 -5.17
N SER C 158 15.66 -10.37 -4.16
CA SER C 158 15.38 -10.12 -2.76
C SER C 158 16.42 -9.24 -2.09
N ASP C 159 15.95 -8.33 -1.21
CA ASP C 159 16.82 -7.54 -0.36
C ASP C 159 17.45 -8.33 0.77
N THR C 160 17.06 -9.57 0.98
CA THR C 160 17.70 -10.40 1.99
C THR C 160 18.10 -11.75 1.40
N PHE C 161 19.12 -12.35 1.99
CA PHE C 161 19.52 -13.70 1.68
C PHE C 161 18.65 -14.73 2.36
N TYR C 162 18.17 -14.39 3.56
CA TYR C 162 17.54 -15.33 4.46
C TYR C 162 16.00 -15.25 4.37
N PRO C 163 15.29 -14.34 5.07
CA PRO C 163 13.83 -14.46 5.08
C PRO C 163 13.18 -14.20 3.72
N GLY C 164 13.73 -13.28 2.92
CA GLY C 164 13.16 -12.98 1.60
C GLY C 164 13.36 -14.08 0.59
N GLN C 165 14.21 -15.05 0.89
CA GLN C 165 14.36 -16.26 0.09
C GLN C 165 13.74 -17.46 0.82
N GLU C 166 12.90 -17.16 1.81
CA GLU C 166 12.17 -18.12 2.62
C GLU C 166 13.08 -19.20 3.21
N ARG C 167 14.18 -18.78 3.80
N ARG C 167 14.20 -18.79 3.77
CA ARG C 167 15.05 -19.68 4.54
CA ARG C 167 15.08 -19.68 4.52
C ARG C 167 14.68 -19.67 6.02
C ARG C 167 14.66 -19.68 6.00
N TYR C 168 14.51 -20.86 6.59
CA TYR C 168 14.13 -21.03 7.98
C TYR C 168 15.28 -21.49 8.86
N ASP C 169 16.39 -21.93 8.27
N ASP C 169 16.41 -21.77 8.24
CA ASP C 169 17.53 -22.38 9.07
CA ASP C 169 17.66 -22.26 8.82
C ASP C 169 18.36 -21.16 9.50
C ASP C 169 18.45 -21.20 9.60
N THR C 170 17.79 -20.43 10.44
CA THR C 170 18.31 -19.13 10.85
C THR C 170 18.24 -19.02 12.36
N PHE C 171 18.80 -17.92 12.86
CA PHE C 171 18.78 -17.62 14.28
C PHE C 171 17.39 -17.70 14.87
N THR C 172 16.43 -17.02 14.27
CA THR C 172 15.08 -17.03 14.83
C THR C 172 14.21 -18.15 14.29
N GLY C 173 14.53 -18.66 13.10
CA GLY C 173 13.68 -19.64 12.48
C GLY C 173 12.34 -19.10 12.01
N ARG C 174 12.16 -17.75 12.06
N ARG C 174 12.16 -17.81 11.98
CA ARG C 174 10.93 -16.98 11.74
CA ARG C 174 10.90 -17.25 11.55
C ARG C 174 11.06 -16.40 10.34
C ARG C 174 11.10 -16.56 10.22
N VAL C 175 9.98 -16.45 9.53
CA VAL C 175 9.87 -15.62 8.33
C VAL C 175 8.61 -14.78 8.46
N VAL C 176 8.74 -13.48 8.23
CA VAL C 176 7.63 -12.55 8.32
C VAL C 176 6.50 -12.99 7.40
N ARG C 177 5.29 -12.61 7.78
CA ARG C 177 4.08 -13.03 7.07
CA ARG C 177 4.07 -13.00 7.09
C ARG C 177 4.19 -12.85 5.56
N ARG C 178 4.68 -11.70 5.11
CA ARG C 178 4.80 -11.41 3.68
C ARG C 178 5.47 -12.54 2.92
N PHE C 179 6.49 -13.14 3.52
CA PHE C 179 7.31 -14.13 2.84
C PHE C 179 7.00 -15.57 3.20
N GLN C 180 6.08 -15.82 4.11
CA GLN C 180 5.67 -17.19 4.38
C GLN C 180 4.96 -17.77 3.16
N GLY C 181 5.40 -18.95 2.71
CA GLY C 181 4.83 -19.59 1.53
C GLY C 181 5.28 -18.98 0.24
N SER C 182 6.18 -18.02 0.27
CA SER C 182 6.53 -17.30 -0.94
C SER C 182 7.33 -18.15 -1.93
N MET C 183 8.24 -19.02 -1.45
N MET C 183 8.23 -19.04 -1.48
CA MET C 183 9.01 -19.84 -2.38
CA MET C 183 9.00 -19.77 -2.47
C MET C 183 8.06 -20.62 -3.27
C MET C 183 8.09 -20.65 -3.30
N LYS C 184 7.11 -21.32 -2.67
CA LYS C 184 6.15 -22.12 -3.44
CA LYS C 184 6.14 -22.12 -3.43
C LYS C 184 5.32 -21.24 -4.38
N GLU C 185 4.95 -20.05 -3.93
N GLU C 185 4.93 -20.07 -3.92
CA GLU C 185 4.20 -19.15 -4.82
CA GLU C 185 4.23 -19.14 -4.78
C GLU C 185 5.01 -18.78 -6.05
C GLU C 185 5.03 -18.87 -6.04
N TRP C 186 6.29 -18.46 -5.88
CA TRP C 186 7.13 -18.16 -7.04
C TRP C 186 7.32 -19.38 -7.93
N GLN C 187 7.55 -20.54 -7.32
CA GLN C 187 7.71 -21.75 -8.10
C GLN C 187 6.49 -21.98 -8.98
N ASP C 188 5.31 -21.85 -8.39
CA ASP C 188 4.08 -22.10 -9.14
C ASP C 188 3.84 -21.08 -10.23
N MET C 189 4.39 -19.88 -10.10
CA MET C 189 4.33 -18.82 -11.10
C MET C 189 5.43 -18.93 -12.12
N GLY C 190 6.27 -19.97 -12.04
CA GLY C 190 7.29 -20.20 -13.04
C GLY C 190 8.58 -19.46 -12.86
N VAL C 191 8.78 -18.81 -11.72
CA VAL C 191 10.02 -18.10 -11.46
C VAL C 191 11.15 -19.11 -11.38
N LEU C 192 12.29 -18.76 -11.95
CA LEU C 192 13.39 -19.72 -12.08
C LEU C 192 14.32 -19.74 -10.88
N ASN C 193 14.54 -18.60 -10.22
CA ASN C 193 15.70 -18.48 -9.38
C ASN C 193 15.59 -17.26 -8.48
N PHE C 194 16.41 -17.25 -7.44
CA PHE C 194 16.58 -16.11 -6.51
C PHE C 194 17.97 -15.50 -6.71
N GLU C 195 18.03 -14.18 -6.55
CA GLU C 195 19.27 -13.44 -6.36
C GLU C 195 18.92 -12.14 -5.65
N MET C 196 19.86 -11.18 -5.58
CA MET C 196 19.69 -10.01 -4.74
C MET C 196 19.91 -8.67 -5.39
N GLU C 197 20.17 -8.58 -6.67
CA GLU C 197 20.54 -7.30 -7.28
C GLU C 197 19.76 -6.95 -8.54
N SER C 198 19.23 -7.92 -9.27
N SER C 198 19.13 -7.92 -9.19
CA SER C 198 18.64 -7.66 -10.59
CA SER C 198 18.60 -7.73 -10.55
C SER C 198 17.47 -6.70 -10.54
C SER C 198 17.43 -6.76 -10.58
N ALA C 199 16.57 -6.78 -9.55
CA ALA C 199 15.44 -5.84 -9.57
C ALA C 199 15.94 -4.41 -9.54
N THR C 200 16.92 -4.10 -8.70
CA THR C 200 17.43 -2.74 -8.65
C THR C 200 18.10 -2.39 -9.95
N LEU C 201 18.99 -3.23 -10.41
CA LEU C 201 19.75 -2.93 -11.62
C LEU C 201 18.82 -2.69 -12.80
N LEU C 202 17.91 -3.63 -13.04
CA LEU C 202 17.07 -3.56 -14.23
C LEU C 202 16.11 -2.39 -14.15
N THR C 203 15.51 -2.12 -12.98
CA THR C 203 14.60 -1.01 -12.87
C THR C 203 15.31 0.31 -13.05
N MET C 204 16.46 0.47 -12.41
N MET C 204 16.42 0.46 -12.35
CA MET C 204 17.15 1.77 -12.50
CA MET C 204 17.20 1.68 -12.46
C MET C 204 17.65 2.00 -13.93
C MET C 204 17.51 1.94 -13.94
N CYS C 205 18.08 0.95 -14.62
CA CYS C 205 18.57 1.18 -15.97
C CYS C 205 17.42 1.40 -16.97
N ALA C 206 16.35 0.60 -16.87
CA ALA C 206 15.23 0.71 -17.80
C ALA C 206 14.51 2.03 -17.66
N SER C 207 14.59 2.69 -16.50
CA SER C 207 13.94 3.96 -16.28
C SER C 207 14.89 5.14 -16.40
N SER C 208 16.16 4.93 -16.80
CA SER C 208 17.18 5.96 -16.80
C SER C 208 17.93 6.03 -18.13
N GLY C 209 17.52 5.31 -19.17
CA GLY C 209 18.18 5.42 -20.43
C GLY C 209 19.46 4.64 -20.53
N LEU C 210 19.60 3.60 -19.73
CA LEU C 210 20.78 2.73 -19.71
C LEU C 210 20.36 1.33 -20.11
N LYS C 211 21.24 0.61 -20.80
CA LYS C 211 20.95 -0.74 -21.26
C LYS C 211 21.52 -1.71 -20.24
N ALA C 212 20.74 -2.65 -19.74
CA ALA C 212 21.23 -3.61 -18.77
C ALA C 212 20.67 -4.99 -19.02
N GLY C 213 21.39 -5.98 -18.53
CA GLY C 213 20.91 -7.36 -18.50
C GLY C 213 21.68 -8.13 -17.45
N CYS C 214 21.17 -9.31 -17.15
N CYS C 214 21.20 -9.33 -17.17
CA CYS C 214 21.72 -10.22 -16.13
CA CYS C 214 21.76 -10.18 -16.12
C CYS C 214 21.81 -11.62 -16.68
C CYS C 214 21.79 -11.64 -16.57
N VAL C 215 22.98 -12.24 -16.46
CA VAL C 215 23.19 -13.67 -16.72
C VAL C 215 23.84 -14.30 -15.50
N ALA C 216 23.47 -15.53 -15.18
CA ALA C 216 23.99 -16.18 -13.99
C ALA C 216 24.14 -17.67 -14.20
N GLY C 217 25.17 -18.24 -13.55
N GLY C 217 25.19 -18.23 -13.61
CA GLY C 217 25.26 -19.68 -13.41
CA GLY C 217 25.37 -19.67 -13.62
C GLY C 217 24.58 -20.16 -12.14
C GLY C 217 24.70 -20.27 -12.40
N VAL C 218 23.93 -21.31 -12.25
N VAL C 218 24.03 -21.39 -12.61
CA VAL C 218 23.21 -21.88 -11.13
CA VAL C 218 23.31 -22.05 -11.52
C VAL C 218 24.21 -22.62 -10.25
C VAL C 218 24.29 -22.91 -10.72
N ILE C 219 24.32 -22.21 -8.99
N ILE C 219 24.33 -22.69 -9.40
CA ILE C 219 25.25 -22.84 -8.05
CA ILE C 219 25.23 -23.41 -8.50
C ILE C 219 24.58 -23.73 -7.04
C ILE C 219 24.47 -24.18 -7.40
N ILE C 220 23.26 -23.75 -7.01
CA ILE C 220 22.49 -24.50 -6.03
C ILE C 220 21.05 -24.59 -6.50
N ASN C 221 20.36 -25.66 -6.15
CA ASN C 221 18.94 -25.79 -6.44
C ASN C 221 18.22 -25.99 -5.12
N ARG C 222 17.32 -25.07 -4.78
CA ARG C 222 16.63 -25.13 -3.51
C ARG C 222 15.77 -26.38 -3.37
N THR C 223 15.51 -27.10 -4.49
CA THR C 223 14.69 -28.32 -4.49
C THR C 223 15.49 -29.62 -4.50
N GLN C 224 16.76 -29.60 -4.97
CA GLN C 224 17.61 -30.80 -5.06
C GLN C 224 18.59 -30.68 -3.91
N LYS C 225 18.30 -31.42 -2.84
CA LYS C 225 19.18 -31.39 -1.65
C LYS C 225 20.36 -32.37 -1.84
N GLU C 226 21.18 -32.12 -2.85
CA GLU C 226 22.42 -32.92 -3.12
C GLU C 226 23.62 -31.94 -3.25
N ILE C 227 24.86 -32.37 -3.02
CA ILE C 227 25.86 -31.35 -3.12
C ILE C 227 26.51 -31.42 -4.51
N PRO C 228 26.51 -30.32 -5.29
CA PRO C 228 27.07 -30.34 -6.61
C PRO C 228 28.57 -30.56 -6.59
N ASP C 229 29.01 -31.28 -7.60
N ASP C 229 29.01 -31.28 -7.61
CA ASP C 229 30.41 -31.67 -7.79
CA ASP C 229 30.40 -31.65 -7.85
C ASP C 229 31.30 -30.43 -7.82
C ASP C 229 31.30 -30.41 -7.82
N HIS C 230 32.48 -30.56 -7.22
CA HIS C 230 33.40 -29.42 -7.12
C HIS C 230 33.84 -28.95 -8.49
N ALA C 231 34.35 -29.86 -9.33
CA ALA C 231 34.77 -29.46 -10.66
C ALA C 231 33.62 -28.77 -11.41
N THR C 232 32.39 -29.26 -11.22
CA THR C 232 31.24 -28.62 -11.84
C THR C 232 31.12 -27.17 -11.39
N LEU C 233 31.28 -26.91 -10.09
CA LEU C 233 31.16 -25.53 -9.63
C LEU C 233 32.23 -24.66 -10.26
N LYS C 234 33.48 -25.13 -10.26
CA LYS C 234 34.54 -24.32 -10.85
C LYS C 234 34.31 -24.09 -12.34
N GLU C 235 33.81 -25.10 -13.05
CA GLU C 235 33.61 -24.93 -14.49
C GLU C 235 32.49 -23.94 -14.76
N THR C 236 31.47 -23.96 -13.90
CA THR C 236 30.36 -23.04 -14.06
C THR C 236 30.81 -21.62 -13.85
N GLU C 237 31.67 -21.41 -12.84
CA GLU C 237 32.18 -20.07 -12.60
C GLU C 237 32.97 -19.57 -13.80
N ALA C 238 33.83 -20.43 -14.34
CA ALA C 238 34.63 -20.04 -15.50
C ALA C 238 33.75 -19.79 -16.70
N ARG C 239 32.74 -20.64 -16.90
N ARG C 239 32.75 -20.65 -16.92
CA ARG C 239 31.84 -20.47 -18.03
CA ARG C 239 31.87 -20.45 -18.07
C ARG C 239 31.04 -19.19 -17.90
C ARG C 239 31.06 -19.17 -17.93
N SER C 240 30.57 -18.85 -16.70
N SER C 240 30.58 -18.86 -16.73
CA SER C 240 29.75 -17.65 -16.56
CA SER C 240 29.75 -17.66 -16.58
C SER C 240 30.52 -16.42 -17.00
C SER C 240 30.52 -16.40 -16.98
N ILE C 241 31.80 -16.32 -16.64
CA ILE C 241 32.53 -15.12 -17.01
C ILE C 241 32.97 -15.13 -18.47
N LYS C 242 33.22 -16.30 -19.05
N LYS C 242 33.25 -16.32 -19.02
N LYS C 242 33.24 -16.32 -19.01
CA LYS C 242 33.46 -16.31 -20.49
CA LYS C 242 33.44 -16.42 -20.46
CA LYS C 242 33.44 -16.42 -20.46
C LYS C 242 32.20 -15.92 -21.24
C LYS C 242 32.21 -15.91 -21.19
C LYS C 242 32.21 -15.92 -21.20
N VAL C 243 31.03 -16.35 -20.75
CA VAL C 243 29.79 -15.96 -21.39
C VAL C 243 29.60 -14.46 -21.34
N VAL C 244 29.79 -13.84 -20.16
CA VAL C 244 29.48 -12.42 -20.11
C VAL C 244 30.43 -11.61 -21.01
N VAL C 245 31.70 -12.04 -21.13
CA VAL C 245 32.62 -11.34 -22.02
C VAL C 245 32.20 -11.50 -23.48
N GLU C 246 31.75 -12.69 -23.84
N GLU C 246 31.77 -12.69 -23.87
CA GLU C 246 31.26 -12.90 -25.20
CA GLU C 246 31.27 -12.84 -25.24
C GLU C 246 29.97 -12.14 -25.47
C GLU C 246 30.01 -12.01 -25.46
N ALA C 247 29.13 -11.94 -24.45
CA ALA C 247 27.94 -11.09 -24.62
C ALA C 247 28.34 -9.63 -24.82
N ALA C 248 29.37 -9.19 -24.09
CA ALA C 248 29.90 -7.84 -24.26
C ALA C 248 30.42 -7.64 -25.69
N ARG C 249 31.14 -8.64 -26.20
N ARG C 249 31.15 -8.64 -26.20
CA ARG C 249 31.62 -8.56 -27.58
CA ARG C 249 31.61 -8.56 -27.58
C ARG C 249 30.46 -8.35 -28.55
C ARG C 249 30.45 -8.32 -28.53
N LYS C 250 29.34 -9.02 -28.32
CA LYS C 250 28.22 -8.89 -29.23
C LYS C 250 27.57 -7.53 -29.11
N MET C 251 27.62 -6.92 -27.93
CA MET C 251 27.03 -5.59 -27.76
C MET C 251 27.90 -4.51 -28.37
N LEU C 252 29.21 -4.73 -28.51
CA LEU C 252 30.07 -3.71 -29.08
C LEU C 252 30.04 -3.69 -30.60
N LYS C 253 29.54 -4.76 -31.22
CA LYS C 253 29.52 -4.95 -32.68
C LYS C 253 30.89 -4.92 -33.32
N THR D 2 30.56 -28.05 14.20
CA THR D 2 30.57 -26.63 14.56
C THR D 2 30.70 -25.75 13.31
N LYS D 3 29.56 -25.32 12.78
CA LYS D 3 29.52 -24.80 11.42
C LYS D 3 30.35 -23.53 11.25
N THR D 4 30.79 -23.33 10.01
CA THR D 4 31.22 -22.03 9.51
C THR D 4 30.04 -21.41 8.76
N VAL D 5 29.64 -20.22 9.18
CA VAL D 5 28.53 -19.53 8.48
C VAL D 5 28.91 -19.21 7.05
N PHE D 6 27.88 -18.98 6.22
CA PHE D 6 28.05 -19.05 4.77
C PHE D 6 28.91 -17.92 4.23
N HIS D 7 28.75 -16.70 4.72
CA HIS D 7 29.45 -15.56 4.16
C HIS D 7 30.63 -15.13 4.99
N LEU D 8 30.54 -15.13 6.33
CA LEU D 8 31.57 -14.50 7.16
C LEU D 8 32.81 -15.34 7.35
N GLY D 9 32.75 -16.65 7.15
CA GLY D 9 33.98 -17.43 7.15
C GLY D 9 34.57 -17.68 8.52
N VAL D 10 33.76 -17.58 9.56
CA VAL D 10 34.20 -17.82 10.91
C VAL D 10 33.28 -18.83 11.57
N THR D 11 33.80 -19.44 12.63
CA THR D 11 33.06 -20.37 13.47
C THR D 11 32.74 -19.72 14.80
N GLU D 12 31.86 -20.38 15.55
CA GLU D 12 31.56 -19.91 16.89
C GLU D 12 32.82 -19.91 17.76
N ALA D 13 33.64 -20.96 17.65
CA ALA D 13 34.85 -21.02 18.45
C ALA D 13 35.79 -19.85 18.16
N ASP D 14 35.84 -19.37 16.90
CA ASP D 14 36.71 -18.27 16.53
C ASP D 14 36.38 -17.00 17.31
N LEU D 15 35.14 -16.85 17.78
CA LEU D 15 34.71 -15.65 18.46
C LEU D 15 35.05 -15.67 19.95
N ASN D 16 35.53 -16.79 20.47
CA ASN D 16 36.00 -16.85 21.86
C ASN D 16 34.97 -16.32 22.85
N GLY D 17 33.71 -16.67 22.62
CA GLY D 17 32.63 -16.36 23.51
C GLY D 17 32.03 -14.98 23.34
N ALA D 18 32.44 -14.22 22.34
CA ALA D 18 31.91 -12.86 22.17
C ALA D 18 30.40 -12.88 22.00
N THR D 19 29.74 -11.96 22.68
CA THR D 19 28.31 -11.76 22.50
C THR D 19 27.97 -10.35 22.03
N LEU D 20 28.99 -9.52 21.78
CA LEU D 20 28.84 -8.16 21.32
C LEU D 20 29.70 -7.96 20.08
N ALA D 21 29.12 -7.29 19.07
CA ALA D 21 29.85 -6.93 17.87
C ALA D 21 29.73 -5.43 17.62
N ILE D 22 30.86 -4.85 17.17
CA ILE D 22 30.89 -3.52 16.59
C ILE D 22 30.88 -3.70 15.07
N ILE D 23 29.95 -3.03 14.41
CA ILE D 23 29.69 -3.26 12.99
C ILE D 23 29.81 -1.99 12.17
N PRO D 24 31.04 -1.60 11.78
CA PRO D 24 31.21 -0.49 10.81
C PRO D 24 30.79 -0.94 9.41
N GLY D 25 30.59 0.01 8.50
CA GLY D 25 30.29 -0.32 7.11
C GLY D 25 31.51 -0.73 6.30
N ASP D 26 32.60 0.03 6.45
CA ASP D 26 33.77 -0.07 5.58
C ASP D 26 34.72 -1.14 6.11
N PRO D 27 35.06 -2.17 5.33
CA PRO D 27 36.04 -3.16 5.78
C PRO D 27 37.34 -2.54 6.28
N ALA D 28 37.76 -1.44 5.70
CA ALA D 28 39.04 -0.84 6.08
C ALA D 28 39.02 -0.30 7.49
N ARG D 29 37.82 -0.05 8.06
N ARG D 29 37.85 -0.07 8.07
N ARG D 29 37.84 -0.04 8.08
CA ARG D 29 37.66 0.47 9.42
CA ARG D 29 37.77 0.47 9.41
CA ARG D 29 37.79 0.48 9.44
C ARG D 29 37.83 -0.61 10.48
C ARG D 29 37.81 -0.62 10.49
C ARG D 29 37.79 -0.62 10.49
N VAL D 30 37.71 -1.89 10.11
CA VAL D 30 37.61 -2.96 11.11
C VAL D 30 38.88 -3.05 11.94
N GLN D 31 40.02 -3.13 11.27
N GLN D 31 40.03 -3.10 11.26
CA GLN D 31 41.28 -3.24 11.99
CA GLN D 31 41.31 -3.23 11.97
C GLN D 31 41.51 -2.04 12.90
C GLN D 31 41.55 -2.04 12.88
N LYS D 32 41.15 -0.84 12.44
CA LYS D 32 41.35 0.37 13.24
C LYS D 32 40.55 0.32 14.54
N ILE D 33 39.31 -0.13 14.46
CA ILE D 33 38.50 -0.29 15.66
C ILE D 33 39.08 -1.38 16.54
N ALA D 34 39.44 -2.52 15.95
CA ALA D 34 39.98 -3.61 16.75
C ALA D 34 41.23 -3.19 17.53
N GLU D 35 42.09 -2.36 16.93
N GLU D 35 42.07 -2.37 16.93
CA GLU D 35 43.33 -2.00 17.61
CA GLU D 35 43.32 -1.96 17.55
C GLU D 35 43.10 -1.06 18.79
C GLU D 35 43.14 -0.92 18.65
N LEU D 36 41.92 -0.43 18.86
CA LEU D 36 41.63 0.37 20.03
C LEU D 36 41.41 -0.52 21.23
N MET D 37 41.27 -1.82 21.02
CA MET D 37 41.03 -2.76 22.08
C MET D 37 42.31 -3.59 22.25
N ASP D 38 42.25 -4.65 23.07
CA ASP D 38 43.44 -5.44 23.40
C ASP D 38 43.51 -6.71 22.56
N ASN D 39 44.73 -7.07 22.18
CA ASN D 39 45.00 -8.32 21.50
C ASN D 39 44.09 -8.53 20.28
N PRO D 40 44.06 -7.58 19.35
CA PRO D 40 43.25 -7.77 18.14
C PRO D 40 43.79 -8.90 17.30
N VAL D 41 42.87 -9.68 16.72
CA VAL D 41 43.21 -10.87 15.95
C VAL D 41 42.33 -10.84 14.69
N PHE D 42 42.97 -10.87 13.53
CA PHE D 42 42.26 -11.03 12.26
C PHE D 42 41.68 -12.43 12.16
N LEU D 43 40.39 -12.51 11.85
CA LEU D 43 39.72 -13.79 11.66
C LEU D 43 39.48 -14.14 10.20
N ALA D 44 38.94 -13.23 9.39
CA ALA D 44 38.58 -13.60 8.02
C ALA D 44 38.25 -12.35 7.22
N SER D 45 38.38 -12.46 5.91
CA SER D 45 37.89 -11.42 5.01
C SER D 45 37.33 -12.07 3.76
N HIS D 46 36.08 -11.75 3.43
N HIS D 46 36.08 -11.75 3.43
CA HIS D 46 35.38 -12.31 2.29
CA HIS D 46 35.44 -12.25 2.21
C HIS D 46 34.43 -11.21 1.78
C HIS D 46 34.47 -11.18 1.77
N ARG D 47 34.50 -10.82 0.49
CA ARG D 47 33.62 -9.79 -0.04
C ARG D 47 33.74 -8.57 0.90
N GLU D 48 32.63 -7.94 1.24
CA GLU D 48 32.64 -6.76 2.09
C GLU D 48 32.76 -7.07 3.59
N TYR D 49 33.00 -8.32 3.98
CA TYR D 49 33.00 -8.74 5.38
C TYR D 49 34.43 -9.04 5.86
N THR D 50 34.99 -8.12 6.62
CA THR D 50 36.26 -8.32 7.32
C THR D 50 35.92 -8.44 8.80
N VAL D 51 36.48 -9.48 9.43
CA VAL D 51 36.10 -9.88 10.78
C VAL D 51 37.36 -9.98 11.64
N TYR D 52 37.36 -9.27 12.77
CA TYR D 52 38.41 -9.34 13.78
C TYR D 52 37.76 -9.67 15.11
N ARG D 53 38.58 -10.19 16.02
N ARG D 53 38.56 -10.22 16.05
CA ARG D 53 38.25 -10.29 17.42
CA ARG D 53 38.15 -10.23 17.44
C ARG D 53 39.19 -9.38 18.20
C ARG D 53 39.20 -9.53 18.30
N ALA D 54 38.76 -8.95 19.40
CA ALA D 54 39.68 -8.32 20.34
C ALA D 54 39.09 -8.49 21.72
N GLU D 55 39.83 -8.03 22.75
N GLU D 55 39.80 -7.95 22.72
CA GLU D 55 39.32 -8.07 24.10
CA GLU D 55 39.40 -8.05 24.12
C GLU D 55 39.17 -6.67 24.65
C GLU D 55 39.17 -6.65 24.66
N LEU D 56 38.07 -6.48 25.38
CA LEU D 56 37.73 -5.20 25.99
C LEU D 56 37.44 -5.51 27.45
N ASP D 57 38.26 -4.93 28.34
CA ASP D 57 38.14 -5.25 29.77
C ASP D 57 38.08 -6.76 29.99
N GLY D 58 38.88 -7.49 29.24
CA GLY D 58 39.00 -8.92 29.43
C GLY D 58 37.95 -9.74 28.70
N GLN D 59 36.98 -9.13 28.03
CA GLN D 59 35.89 -9.86 27.38
C GLN D 59 36.07 -9.81 25.87
N SER D 60 35.72 -10.88 25.17
N SER D 60 35.90 -10.96 25.23
CA SER D 60 35.89 -10.84 23.72
CA SER D 60 36.03 -11.00 23.79
C SER D 60 34.83 -9.97 23.03
C SER D 60 34.85 -10.30 23.15
N VAL D 61 35.26 -9.25 21.99
N VAL D 61 35.14 -9.48 22.14
CA VAL D 61 34.41 -8.37 21.19
CA VAL D 61 34.16 -8.81 21.32
C VAL D 61 34.71 -8.66 19.73
C VAL D 61 34.59 -9.06 19.88
N VAL D 62 33.66 -8.81 18.94
N VAL D 62 33.67 -8.84 18.93
CA VAL D 62 33.83 -8.96 17.50
CA VAL D 62 33.97 -9.02 17.51
C VAL D 62 33.78 -7.58 16.86
C VAL D 62 33.70 -7.72 16.77
N VAL D 63 34.54 -7.41 15.78
CA VAL D 63 34.38 -6.27 14.89
C VAL D 63 34.18 -6.84 13.49
N CYS D 64 33.10 -6.46 12.83
CA CYS D 64 32.75 -7.05 11.54
C CYS D 64 32.15 -5.96 10.66
N SER D 65 32.72 -5.76 9.47
CA SER D 65 32.12 -4.81 8.55
C SER D 65 30.87 -5.38 7.91
N THR D 66 30.01 -4.45 7.44
CA THR D 66 28.71 -4.78 6.86
C THR D 66 28.58 -4.55 5.37
N GLY D 67 29.44 -3.75 4.77
CA GLY D 67 29.19 -3.20 3.45
C GLY D 67 28.17 -2.07 3.48
N ILE D 68 27.87 -1.55 2.30
CA ILE D 68 26.87 -0.51 2.10
C ILE D 68 25.50 -1.15 1.94
N GLY D 69 24.53 -0.69 2.70
CA GLY D 69 23.14 -1.04 2.49
C GLY D 69 22.61 -2.11 3.43
N GLY D 70 21.29 -2.09 3.54
CA GLY D 70 20.61 -3.08 4.32
C GLY D 70 20.81 -4.52 3.92
N PRO D 71 20.83 -4.84 2.64
CA PRO D 71 20.98 -6.26 2.26
C PRO D 71 22.26 -6.88 2.78
N SER D 72 23.41 -6.24 2.55
N SER D 72 23.39 -6.20 2.55
CA SER D 72 24.63 -6.83 3.05
CA SER D 72 24.68 -6.70 3.00
C SER D 72 24.70 -6.79 4.57
C SER D 72 24.77 -6.74 4.52
N THR D 73 24.17 -5.74 5.18
CA THR D 73 24.12 -5.68 6.63
C THR D 73 23.33 -6.83 7.23
N SER D 74 22.20 -7.16 6.62
CA SER D 74 21.32 -8.18 7.16
C SER D 74 22.01 -9.54 7.17
N ILE D 75 22.86 -9.82 6.18
CA ILE D 75 23.59 -11.07 6.16
C ILE D 75 24.54 -11.15 7.36
N ALA D 76 25.31 -10.08 7.56
CA ALA D 76 26.30 -10.08 8.64
C ALA D 76 25.63 -10.26 9.99
N VAL D 77 24.54 -9.53 10.23
CA VAL D 77 23.88 -9.60 11.54
C VAL D 77 23.35 -11.00 11.75
N GLU D 78 22.68 -11.58 10.75
CA GLU D 78 22.14 -12.93 10.88
C GLU D 78 23.23 -13.93 11.22
N GLU D 79 24.34 -13.88 10.48
CA GLU D 79 25.36 -14.88 10.66
C GLU D 79 26.07 -14.70 12.00
N LEU D 80 26.30 -13.47 12.43
CA LEU D 80 26.85 -13.24 13.76
C LEU D 80 25.91 -13.75 14.85
N ALA D 81 24.60 -13.54 14.68
CA ALA D 81 23.65 -14.03 15.67
C ALA D 81 23.65 -15.55 15.73
N GLN D 82 23.82 -16.22 14.58
CA GLN D 82 23.96 -17.68 14.58
C GLN D 82 25.14 -18.14 15.41
N LEU D 83 26.17 -17.31 15.50
CA LEU D 83 27.38 -17.62 16.25
C LEU D 83 27.37 -17.05 17.65
N GLY D 84 26.24 -16.58 18.14
CA GLY D 84 26.05 -16.23 19.53
C GLY D 84 26.06 -14.73 19.82
N VAL D 85 26.25 -13.86 18.83
CA VAL D 85 26.25 -12.43 19.09
C VAL D 85 24.84 -11.95 19.31
N ARG D 86 24.65 -11.13 20.36
CA ARG D 86 23.34 -10.64 20.74
C ARG D 86 23.23 -9.13 20.75
N THR D 87 24.35 -8.41 20.76
CA THR D 87 24.37 -6.95 20.84
C THR D 87 25.21 -6.44 19.68
N PHE D 88 24.68 -5.45 18.95
CA PHE D 88 25.28 -4.91 17.73
C PHE D 88 25.35 -3.40 17.84
N LEU D 89 26.56 -2.86 17.76
N LEU D 89 26.56 -2.87 17.78
CA LEU D 89 26.79 -1.42 17.87
CA LEU D 89 26.79 -1.44 17.79
C LEU D 89 27.32 -0.90 16.53
C LEU D 89 27.27 -0.99 16.44
N ARG D 90 26.45 -0.21 15.78
CA ARG D 90 26.82 0.35 14.48
C ARG D 90 27.49 1.69 14.68
N VAL D 91 28.63 1.89 14.01
CA VAL D 91 29.30 3.17 13.95
C VAL D 91 29.45 3.54 12.47
N GLY D 92 29.68 4.85 12.27
N GLY D 92 29.00 4.72 12.11
CA GLY D 92 29.93 5.44 10.96
CA GLY D 92 28.98 5.01 10.70
C GLY D 92 30.11 6.93 11.04
C GLY D 92 29.21 6.47 10.50
N THR D 93 30.23 7.55 9.88
N THR D 93 29.10 6.89 9.25
CA THR D 93 30.15 8.98 9.78
CA THR D 93 29.14 8.30 8.88
C THR D 93 29.01 9.31 8.81
C THR D 93 27.76 8.74 8.43
N THR D 94 28.46 10.52 8.91
N THR D 94 27.53 10.05 8.46
CA THR D 94 27.20 10.77 8.23
CA THR D 94 26.19 10.53 8.15
C THR D 94 27.09 12.23 7.80
C THR D 94 26.22 11.95 7.62
N GLY D 95 26.05 12.48 7.00
N GLY D 95 25.18 12.29 6.87
CA GLY D 95 25.63 13.82 6.61
CA GLY D 95 24.98 13.60 6.31
C GLY D 95 24.27 14.23 7.16
C GLY D 95 23.87 14.31 7.07
N ALA D 96 24.25 15.42 7.74
CA ALA D 96 23.19 16.11 8.44
C ALA D 96 22.35 16.92 7.47
N ILE D 97 21.08 17.07 7.80
CA ILE D 97 20.16 17.87 7.01
C ILE D 97 19.59 19.03 7.79
N GLN D 98 19.96 19.21 9.04
CA GLN D 98 19.49 20.31 9.87
C GLN D 98 20.58 21.34 9.97
N PRO D 99 20.24 22.63 9.87
CA PRO D 99 21.29 23.67 9.93
C PRO D 99 22.00 23.75 11.27
N HIS D 100 21.38 23.30 12.37
CA HIS D 100 22.01 23.45 13.67
C HIS D 100 23.00 22.36 13.97
N VAL D 101 23.07 21.31 13.16
CA VAL D 101 23.99 20.21 13.37
C VAL D 101 25.26 20.50 12.60
N ASN D 102 26.39 20.52 13.28
CA ASN D 102 27.63 20.86 12.62
C ASN D 102 28.46 19.62 12.30
N VAL D 103 29.29 19.75 11.25
CA VAL D 103 30.31 18.76 10.98
C VAL D 103 31.13 18.57 12.25
N GLY D 104 31.36 17.31 12.63
CA GLY D 104 32.05 16.98 13.86
C GLY D 104 31.14 16.64 15.04
N ASP D 105 29.86 17.02 14.97
CA ASP D 105 28.92 16.58 15.99
C ASP D 105 28.68 15.08 15.85
N MET D 106 28.09 14.48 16.88
N MET D 106 27.99 14.53 16.82
CA MET D 106 27.68 13.09 16.86
CA MET D 106 27.65 13.11 16.77
C MET D 106 26.15 13.02 16.83
C MET D 106 26.14 12.94 16.92
N ILE D 107 25.61 11.96 16.21
CA ILE D 107 24.20 11.66 16.23
C ILE D 107 24.02 10.24 16.77
N VAL D 108 23.12 10.07 17.73
CA VAL D 108 22.65 8.77 18.18
C VAL D 108 21.21 8.65 17.72
N THR D 109 20.95 7.63 16.91
CA THR D 109 19.62 7.47 16.31
C THR D 109 18.64 6.95 17.33
N THR D 110 17.51 7.64 17.51
CA THR D 110 16.43 7.15 18.37
C THR D 110 15.35 6.41 17.60
N GLY D 111 15.35 6.52 16.27
CA GLY D 111 14.43 5.85 15.37
C GLY D 111 14.80 6.18 13.95
N SER D 112 14.50 5.28 13.03
CA SER D 112 14.81 5.51 11.61
C SER D 112 13.56 5.54 10.76
N VAL D 113 13.57 6.49 9.81
CA VAL D 113 12.61 6.49 8.72
C VAL D 113 13.00 5.36 7.78
N ARG D 114 12.10 4.42 7.55
CA ARG D 114 12.37 3.18 6.82
C ARG D 114 12.21 3.41 5.30
N LEU D 115 13.23 4.01 4.69
CA LEU D 115 13.28 4.24 3.24
C LEU D 115 14.11 3.16 2.55
N ASP D 116 14.06 1.95 3.13
CA ASP D 116 14.79 0.77 2.70
C ASP D 116 13.79 -0.32 2.27
N GLY D 117 14.30 -1.45 1.87
CA GLY D 117 13.52 -2.61 1.58
C GLY D 117 13.74 -3.76 2.52
N ALA D 118 14.95 -3.94 3.03
CA ALA D 118 15.24 -5.13 3.81
C ALA D 118 14.48 -5.12 5.12
N SER D 119 14.19 -3.95 5.70
CA SER D 119 13.47 -3.96 6.96
C SER D 119 12.15 -4.70 6.83
N LEU D 120 11.48 -4.59 5.67
CA LEU D 120 10.20 -5.24 5.40
C LEU D 120 10.31 -6.75 5.33
N HIS D 121 11.53 -7.28 5.24
CA HIS D 121 11.75 -8.72 5.29
C HIS D 121 11.76 -9.26 6.70
N PHE D 122 11.66 -8.37 7.69
CA PHE D 122 11.62 -8.71 9.10
C PHE D 122 10.35 -8.28 9.79
N ALA D 123 9.77 -7.15 9.43
CA ALA D 123 8.57 -6.66 10.07
C ALA D 123 7.85 -5.76 9.10
N PRO D 124 6.53 -5.71 9.17
CA PRO D 124 5.77 -4.82 8.28
C PRO D 124 6.10 -3.37 8.61
N MET D 125 5.74 -2.47 7.71
CA MET D 125 6.17 -1.07 7.77
C MET D 125 5.72 -0.37 9.04
N GLU D 126 4.62 -0.78 9.63
N GLU D 126 4.60 -0.80 9.62
CA GLU D 126 4.14 -0.10 10.83
CA GLU D 126 4.07 -0.21 10.85
C GLU D 126 5.03 -0.34 12.06
C GLU D 126 5.04 -0.33 12.02
N PHE D 127 5.92 -1.34 12.00
CA PHE D 127 6.80 -1.62 13.10
C PHE D 127 7.89 -0.56 13.17
N PRO D 128 8.25 -0.08 14.37
CA PRO D 128 9.22 1.01 14.47
C PRO D 128 10.67 0.53 14.34
N ALA D 129 11.45 1.25 13.54
CA ALA D 129 12.89 1.00 13.44
C ALA D 129 13.56 1.73 14.59
N VAL D 130 13.63 1.05 15.73
N VAL D 130 13.54 1.11 15.77
CA VAL D 130 13.99 1.64 17.02
CA VAL D 130 14.07 1.76 16.98
C VAL D 130 15.19 0.92 17.60
C VAL D 130 15.17 0.94 17.64
N PRO D 131 16.15 1.63 18.22
CA PRO D 131 17.25 0.94 18.90
C PRO D 131 16.77 0.34 20.22
N ASP D 132 17.57 -0.60 20.70
CA ASP D 132 17.49 -1.03 22.09
C ASP D 132 17.80 0.14 23.02
N PHE D 133 17.00 0.31 24.05
CA PHE D 133 17.13 1.47 24.92
C PHE D 133 18.47 1.47 25.66
N ASP D 134 18.93 0.28 26.09
CA ASP D 134 20.23 0.20 26.77
C ASP D 134 21.38 0.60 25.83
N VAL D 135 21.35 0.15 24.59
CA VAL D 135 22.39 0.52 23.66
C VAL D 135 22.35 2.02 23.38
N ALA D 136 21.18 2.57 23.13
CA ALA D 136 21.08 4.00 22.86
C ALA D 136 21.58 4.80 24.06
N THR D 137 21.24 4.36 25.26
CA THR D 137 21.71 5.00 26.49
C THR D 137 23.23 4.99 26.56
N ALA D 138 23.83 3.84 26.29
CA ALA D 138 25.29 3.70 26.32
C ALA D 138 25.96 4.56 25.28
N MET D 139 25.38 4.62 24.07
N MET D 139 25.38 4.59 24.06
CA MET D 139 25.96 5.45 23.04
CA MET D 139 25.89 5.43 23.00
C MET D 139 25.85 6.93 23.36
C MET D 139 25.87 6.90 23.40
N LYS D 140 24.71 7.38 23.89
CA LYS D 140 24.60 8.77 24.29
CA LYS D 140 24.59 8.77 24.30
C LYS D 140 25.64 9.11 25.35
N ALA D 141 25.78 8.25 26.35
CA ALA D 141 26.75 8.51 27.42
C ALA D 141 28.16 8.55 26.88
N ALA D 142 28.54 7.58 26.05
CA ALA D 142 29.88 7.58 25.51
C ALA D 142 30.14 8.81 24.65
N ALA D 143 29.15 9.16 23.81
CA ALA D 143 29.34 10.32 22.94
C ALA D 143 29.45 11.59 23.75
N GLN D 144 28.61 11.78 24.75
CA GLN D 144 28.66 13.00 25.56
C GLN D 144 29.95 13.05 26.39
N GLU D 145 30.39 11.91 26.92
CA GLU D 145 31.62 11.90 27.74
C GLU D 145 32.83 12.26 26.89
N SER D 146 32.76 12.02 25.58
CA SER D 146 33.88 12.37 24.72
C SER D 146 34.09 13.87 24.58
N GLY D 147 33.11 14.67 24.94
CA GLY D 147 33.14 16.11 24.78
C GLY D 147 32.46 16.60 23.53
N ALA D 148 31.97 15.69 22.69
CA ALA D 148 31.26 16.05 21.47
C ALA D 148 29.94 16.70 21.77
N THR D 149 29.44 17.48 20.81
CA THR D 149 28.05 17.88 20.80
C THR D 149 27.24 16.72 20.21
N VAL D 150 26.25 16.26 20.95
CA VAL D 150 25.52 15.04 20.66
C VAL D 150 24.05 15.36 20.41
N HIS D 151 23.52 14.83 19.32
CA HIS D 151 22.11 14.97 19.02
C HIS D 151 21.44 13.60 19.03
N MET D 152 20.31 13.51 19.73
CA MET D 152 19.48 12.32 19.77
C MET D 152 18.32 12.61 18.84
N GLY D 153 18.03 11.73 17.91
CA GLY D 153 16.87 11.98 17.08
C GLY D 153 16.76 11.00 15.93
N VAL D 154 15.84 11.34 15.04
CA VAL D 154 15.42 10.48 13.94
C VAL D 154 16.37 10.61 12.77
N THR D 155 16.66 9.48 12.15
CA THR D 155 17.51 9.37 10.99
C THR D 155 16.70 8.84 9.81
N ALA D 156 16.91 9.38 8.61
CA ALA D 156 16.29 8.84 7.41
C ALA D 156 17.24 7.84 6.77
N SER D 157 16.80 6.60 6.63
CA SER D 157 17.64 5.50 6.19
C SER D 157 17.20 5.01 4.82
N SER D 158 18.03 5.31 3.83
CA SER D 158 17.69 5.15 2.42
C SER D 158 18.42 3.98 1.76
N ASP D 159 17.71 3.26 0.88
CA ASP D 159 18.33 2.24 0.02
C ASP D 159 19.16 2.80 -1.11
N THR D 160 19.17 4.11 -1.32
CA THR D 160 20.06 4.73 -2.30
C THR D 160 20.83 5.88 -1.69
N PHE D 161 21.96 6.15 -2.29
CA PHE D 161 22.76 7.33 -1.94
C PHE D 161 22.26 8.56 -2.67
N TYR D 162 21.70 8.37 -3.89
CA TYR D 162 21.39 9.47 -4.80
C TYR D 162 19.90 9.83 -4.72
N PRO D 163 18.96 9.19 -5.41
CA PRO D 163 17.58 9.74 -5.40
C PRO D 163 16.89 9.71 -4.06
N GLY D 164 17.14 8.68 -3.26
CA GLY D 164 16.51 8.56 -1.95
C GLY D 164 17.01 9.54 -0.93
N GLN D 165 18.12 10.21 -1.24
CA GLN D 165 18.60 11.33 -0.45
C GLN D 165 18.40 12.64 -1.18
N GLU D 166 17.52 12.62 -2.19
CA GLU D 166 17.11 13.75 -3.01
C GLU D 166 18.32 14.51 -3.55
N ARG D 167 19.26 13.77 -4.15
CA ARG D 167 20.37 14.35 -4.89
C ARG D 167 19.98 14.50 -6.34
N TYR D 168 20.26 15.68 -6.90
CA TYR D 168 19.98 15.98 -8.30
C TYR D 168 21.23 16.05 -9.17
N ASP D 169 22.42 16.07 -8.57
CA ASP D 169 23.68 16.17 -9.32
C ASP D 169 24.07 14.78 -9.80
N THR D 170 23.27 14.27 -10.71
CA THR D 170 23.35 12.87 -11.12
C THR D 170 23.27 12.78 -12.64
N PHE D 171 23.44 11.55 -13.12
CA PHE D 171 23.37 11.29 -14.54
C PHE D 171 22.04 11.78 -15.14
N THR D 172 20.90 11.43 -14.55
CA THR D 172 19.63 11.86 -15.13
C THR D 172 19.19 13.20 -14.60
N GLY D 173 19.62 13.58 -13.41
CA GLY D 173 19.12 14.78 -12.81
C GLY D 173 17.69 14.73 -12.36
N ARG D 174 17.13 13.58 -12.22
N ARG D 174 17.08 13.49 -12.43
CA ARG D 174 15.75 13.50 -11.80
CA ARG D 174 15.67 13.08 -12.13
C ARG D 174 15.66 12.66 -10.57
C ARG D 174 15.57 12.46 -10.73
N VAL D 175 14.52 12.80 -9.93
CA VAL D 175 14.15 12.01 -8.78
C VAL D 175 12.70 11.60 -8.92
N VAL D 176 12.41 10.33 -8.68
CA VAL D 176 11.07 9.79 -8.78
C VAL D 176 10.14 10.56 -7.83
N ARG D 177 8.85 10.57 -8.19
CA ARG D 177 7.85 11.33 -7.48
C ARG D 177 7.94 11.13 -5.97
N ARG D 178 8.03 9.88 -5.52
CA ARG D 178 8.06 9.57 -4.09
C ARG D 178 9.08 10.46 -3.35
N PHE D 179 10.22 10.73 -3.95
CA PHE D 179 11.31 11.41 -3.28
C PHE D 179 11.45 12.88 -3.64
N GLN D 180 10.64 13.39 -4.55
N GLN D 180 10.67 13.38 -4.59
CA GLN D 180 10.65 14.81 -4.86
CA GLN D 180 10.68 14.80 -4.88
C GLN D 180 10.13 15.56 -3.65
C GLN D 180 10.14 15.56 -3.67
N GLY D 181 10.89 16.57 -3.23
CA GLY D 181 10.55 17.35 -2.04
C GLY D 181 10.78 16.65 -0.74
N SER D 182 11.35 15.45 -0.75
CA SER D 182 11.46 14.66 0.46
C SER D 182 12.46 15.23 1.45
N MET D 183 13.57 15.81 1.01
N MET D 183 13.57 15.78 0.97
CA MET D 183 14.53 16.32 2.01
CA MET D 183 14.56 16.40 1.86
C MET D 183 13.86 17.42 2.83
C MET D 183 13.88 17.41 2.78
N LYS D 184 13.17 18.36 2.18
CA LYS D 184 12.50 19.42 2.93
CA LYS D 184 12.50 19.41 2.93
C LYS D 184 11.43 18.84 3.85
N GLU D 185 10.71 17.82 3.40
N GLU D 185 10.71 17.81 3.42
CA GLU D 185 9.74 17.15 4.25
CA GLU D 185 9.73 17.18 4.30
C GLU D 185 10.41 16.62 5.52
C GLU D 185 10.40 16.59 5.55
N TRP D 186 11.50 15.89 5.37
CA TRP D 186 12.20 15.34 6.53
C TRP D 186 12.76 16.46 7.40
N GLN D 187 13.29 17.50 6.79
CA GLN D 187 13.82 18.62 7.57
C GLN D 187 12.72 19.20 8.44
N ASP D 188 11.56 19.44 7.85
CA ASP D 188 10.46 20.04 8.59
C ASP D 188 9.94 19.13 9.70
N MET D 189 10.08 17.81 9.55
CA MET D 189 9.70 16.83 10.54
C MET D 189 10.79 16.63 11.60
N GLY D 190 11.92 17.35 11.52
CA GLY D 190 12.94 17.27 12.56
C GLY D 190 13.97 16.19 12.34
N VAL D 191 13.94 15.47 11.23
CA VAL D 191 14.90 14.42 10.97
C VAL D 191 16.30 15.02 10.89
N LEU D 192 17.28 14.35 11.50
CA LEU D 192 18.60 14.94 11.62
C LEU D 192 19.53 14.68 10.43
N ASN D 193 19.41 13.53 9.79
CA ASN D 193 20.49 13.03 8.94
C ASN D 193 19.98 11.93 8.04
N PHE D 194 20.77 11.66 7.01
CA PHE D 194 20.62 10.51 6.12
C PHE D 194 21.75 9.51 6.34
N GLU D 195 21.42 8.23 6.22
CA GLU D 195 22.40 7.14 6.04
C GLU D 195 21.66 6.01 5.33
N MET D 196 22.26 4.81 5.25
CA MET D 196 21.75 3.76 4.40
C MET D 196 21.58 2.40 5.05
N GLU D 197 21.78 2.24 6.35
CA GLU D 197 21.74 0.90 6.96
C GLU D 197 20.88 0.80 8.22
N SER D 198 20.63 1.90 8.93
N SER D 198 20.59 1.91 8.89
CA SER D 198 19.99 1.82 10.23
CA SER D 198 19.98 1.83 10.22
C SER D 198 18.58 1.27 10.20
C SER D 198 18.60 1.22 10.18
N ALA D 199 17.77 1.59 9.21
CA ALA D 199 16.42 1.05 9.22
C ALA D 199 16.45 -0.48 9.20
N THR D 200 17.29 -1.05 8.37
CA THR D 200 17.39 -2.50 8.30
C THR D 200 17.90 -3.05 9.63
N LEU D 201 19.02 -2.51 10.10
CA LEU D 201 19.62 -3.04 11.33
C LEU D 201 18.67 -2.95 12.50
N LEU D 202 18.06 -1.80 12.70
CA LEU D 202 17.24 -1.61 13.88
C LEU D 202 15.98 -2.43 13.80
N THR D 203 15.34 -2.49 12.63
CA THR D 203 14.13 -3.27 12.51
C THR D 203 14.41 -4.75 12.70
N MET D 204 15.43 -5.24 12.02
N MET D 204 15.47 -5.27 12.06
CA MET D 204 15.80 -6.64 12.14
CA MET D 204 15.74 -6.70 12.16
C MET D 204 16.02 -6.99 13.61
C MET D 204 16.11 -7.08 13.59
N CYS D 205 16.84 -6.21 14.30
CA CYS D 205 17.23 -6.58 15.65
C CYS D 205 16.06 -6.44 16.62
N ALA D 206 15.28 -5.36 16.52
CA ALA D 206 14.18 -5.13 17.43
C ALA D 206 13.07 -6.14 17.30
N SER D 207 12.98 -6.82 16.15
CA SER D 207 11.98 -7.83 15.92
C SER D 207 12.51 -9.25 16.05
N SER D 208 13.79 -9.41 16.45
CA SER D 208 14.48 -10.69 16.47
C SER D 208 15.17 -10.99 17.80
N GLY D 209 14.95 -10.20 18.82
CA GLY D 209 15.55 -10.48 20.10
C GLY D 209 17.00 -10.10 20.18
N LEU D 210 17.45 -9.15 19.41
CA LEU D 210 18.83 -8.71 19.40
C LEU D 210 18.84 -7.25 19.81
N LYS D 211 19.90 -6.80 20.47
CA LYS D 211 20.05 -5.42 20.93
CA LYS D 211 20.03 -5.43 20.92
C LYS D 211 20.90 -4.66 19.93
N ALA D 212 20.42 -3.54 19.42
CA ALA D 212 21.19 -2.77 18.45
C ALA D 212 21.03 -1.27 18.69
N GLY D 213 22.03 -0.55 18.23
CA GLY D 213 21.98 0.90 18.17
C GLY D 213 22.95 1.41 17.13
N CYS D 214 22.84 2.72 16.84
CA CYS D 214 23.64 3.40 15.81
CA CYS D 214 23.65 3.39 15.83
C CYS D 214 24.13 4.74 16.34
N VAL D 215 25.43 5.00 16.17
CA VAL D 215 26.05 6.29 16.44
C VAL D 215 26.87 6.68 15.23
N ALA D 216 26.90 7.97 14.94
CA ALA D 216 27.62 8.44 13.76
C ALA D 216 28.21 9.82 13.99
N GLY D 217 29.39 10.05 13.41
CA GLY D 217 29.92 11.38 13.30
C GLY D 217 29.42 12.06 12.03
N VAL D 218 29.15 13.35 12.16
CA VAL D 218 28.65 14.12 11.03
C VAL D 218 29.83 14.58 10.20
N ILE D 219 29.87 14.16 8.92
CA ILE D 219 30.95 14.50 7.99
C ILE D 219 30.57 15.54 6.94
N ILE D 220 29.28 15.83 6.78
CA ILE D 220 28.82 16.80 5.82
C ILE D 220 27.47 17.29 6.29
N ASN D 221 27.14 18.50 5.89
CA ASN D 221 25.83 19.06 6.17
C ASN D 221 25.22 19.54 4.86
N ARG D 222 24.10 18.93 4.43
CA ARG D 222 23.48 19.20 3.15
C ARG D 222 23.03 20.66 3.01
N THR D 223 22.99 21.44 4.11
CA THR D 223 22.51 22.80 4.08
C THR D 223 23.61 23.85 4.13
N GLN D 224 24.86 23.44 4.35
CA GLN D 224 25.99 24.35 4.48
C GLN D 224 26.84 24.30 3.21
N LYS D 225 27.26 25.46 2.73
CA LYS D 225 28.10 25.43 1.54
C LYS D 225 29.58 25.33 1.89
N GLU D 226 29.98 25.75 3.08
CA GLU D 226 31.35 25.53 3.56
C GLU D 226 31.75 24.06 3.42
N ILE D 227 32.99 23.84 2.97
CA ILE D 227 33.59 22.51 2.92
C ILE D 227 34.41 22.28 4.17
N PRO D 228 34.19 21.19 4.91
CA PRO D 228 35.02 20.93 6.10
C PRO D 228 36.45 20.60 5.72
N ASP D 229 37.40 20.96 6.60
CA ASP D 229 38.81 20.77 6.29
C ASP D 229 39.32 19.38 6.75
N HIS D 230 40.48 19.00 6.21
CA HIS D 230 40.99 17.64 6.35
C HIS D 230 41.13 17.26 7.82
N ALA D 231 41.62 18.18 8.64
CA ALA D 231 41.85 17.87 10.05
C ALA D 231 40.55 17.64 10.79
N THR D 232 39.51 18.42 10.47
CA THR D 232 38.22 18.21 11.12
C THR D 232 37.64 16.85 10.78
N LEU D 233 37.71 16.46 9.52
CA LEU D 233 37.24 15.14 9.13
C LEU D 233 38.04 14.05 9.83
N LYS D 234 39.36 14.20 9.93
CA LYS D 234 40.18 13.17 10.56
C LYS D 234 39.83 13.03 12.04
N GLU D 235 39.63 14.15 12.74
CA GLU D 235 39.28 14.11 14.15
C GLU D 235 37.93 13.46 14.34
N THR D 236 36.99 13.75 13.44
CA THR D 236 35.64 13.19 13.56
C THR D 236 35.66 11.70 13.40
N GLU D 237 36.41 11.21 12.41
N GLU D 237 36.42 11.21 12.41
CA GLU D 237 36.49 9.78 12.19
CA GLU D 237 36.49 9.76 12.18
C GLU D 237 37.08 9.09 13.40
C GLU D 237 37.11 9.06 13.37
N ALA D 238 38.18 9.65 13.93
CA ALA D 238 38.82 9.07 15.09
C ALA D 238 37.91 9.09 16.31
N ARG D 239 37.19 10.21 16.51
N ARG D 239 37.18 10.19 16.54
CA ARG D 239 36.28 10.29 17.64
CA ARG D 239 36.33 10.23 17.71
C ARG D 239 35.18 9.25 17.53
C ARG D 239 35.15 9.27 17.58
N SER D 240 34.64 9.05 16.33
N SER D 240 34.65 9.04 16.35
CA SER D 240 33.51 8.13 16.20
CA SER D 240 33.50 8.15 16.22
C SER D 240 33.86 6.74 16.68
C SER D 240 33.85 6.74 16.66
N ILE D 241 35.05 6.25 16.31
CA ILE D 241 35.39 4.88 16.68
C ILE D 241 35.81 4.79 18.15
N LYS D 242 36.42 5.83 18.70
CA LYS D 242 36.65 5.83 20.13
CA LYS D 242 36.64 5.85 20.14
C LYS D 242 35.32 5.79 20.90
N VAL D 243 34.34 6.55 20.45
CA VAL D 243 33.02 6.56 21.09
C VAL D 243 32.37 5.19 21.04
N VAL D 244 32.40 4.50 19.89
CA VAL D 244 31.70 3.23 19.84
C VAL D 244 32.36 2.18 20.73
N VAL D 245 33.69 2.21 20.88
CA VAL D 245 34.36 1.31 21.79
C VAL D 245 33.97 1.61 23.22
N GLU D 246 33.88 2.89 23.59
N GLU D 246 33.88 2.90 23.59
CA GLU D 246 33.43 3.20 24.94
CA GLU D 246 33.43 3.27 24.94
C GLU D 246 31.99 2.77 25.16
C GLU D 246 31.99 2.90 25.19
N ALA D 247 31.14 2.92 24.16
CA ALA D 247 29.78 2.43 24.31
C ALA D 247 29.76 0.92 24.50
N ALA D 248 30.60 0.19 23.77
CA ALA D 248 30.73 -1.24 23.98
C ALA D 248 31.16 -1.55 25.41
N ARG D 249 32.10 -0.78 25.97
CA ARG D 249 32.53 -1.00 27.36
CA ARG D 249 32.53 -0.96 27.36
C ARG D 249 31.34 -0.87 28.30
N LYS D 250 30.47 0.11 28.06
CA LYS D 250 29.32 0.31 28.89
C LYS D 250 28.28 -0.78 28.76
N MET D 251 28.29 -1.52 27.65
CA MET D 251 27.35 -2.61 27.48
C MET D 251 27.84 -3.91 28.11
N LEU D 252 29.13 -4.06 28.32
CA LEU D 252 29.63 -5.33 28.85
C LEU D 252 29.08 -5.56 30.25
N LYS D 253 28.72 -6.80 30.53
CA LYS D 253 28.02 -7.13 31.78
C LYS D 253 28.95 -7.77 32.81
N THR E 2 -4.17 36.08 21.84
CA THR E 2 -5.25 35.89 22.80
C THR E 2 -6.34 34.94 22.29
N LYS E 3 -5.97 33.91 21.53
CA LYS E 3 -6.94 32.93 21.05
C LYS E 3 -7.42 32.03 22.18
N THR E 4 -8.68 31.61 22.08
CA THR E 4 -9.21 30.47 22.82
C THR E 4 -9.28 29.27 21.88
N VAL E 5 -8.65 28.16 22.25
CA VAL E 5 -8.63 27.01 21.36
C VAL E 5 -9.99 26.35 21.30
N PHE E 6 -10.26 25.68 20.17
CA PHE E 6 -11.62 25.31 19.79
C PHE E 6 -12.26 24.28 20.70
N HIS E 7 -11.53 23.24 21.08
CA HIS E 7 -12.13 22.18 21.88
C HIS E 7 -11.84 22.34 23.35
N LEU E 8 -10.62 22.74 23.70
CA LEU E 8 -10.25 22.72 25.11
C LEU E 8 -10.80 23.89 25.91
N GLY E 9 -11.14 25.00 25.27
CA GLY E 9 -11.83 26.06 25.98
C GLY E 9 -10.97 26.83 26.93
N VAL E 10 -9.67 26.94 26.63
CA VAL E 10 -8.73 27.71 27.42
C VAL E 10 -7.90 28.61 26.53
N THR E 11 -7.31 29.63 27.15
CA THR E 11 -6.38 30.51 26.50
C THR E 11 -4.98 30.28 27.04
N GLU E 12 -4.00 30.85 26.34
CA GLU E 12 -2.63 30.67 26.77
C GLU E 12 -2.44 31.25 28.16
N ALA E 13 -3.13 32.36 28.46
CA ALA E 13 -2.97 32.99 29.76
C ALA E 13 -3.45 32.05 30.89
N ASP E 14 -4.49 31.26 30.63
CA ASP E 14 -5.00 30.31 31.62
C ASP E 14 -3.94 29.32 32.06
N LEU E 15 -2.94 29.03 31.22
CA LEU E 15 -1.93 28.03 31.53
C LEU E 15 -0.76 28.57 32.36
N ASN E 16 -0.70 29.89 32.61
CA ASN E 16 0.33 30.47 33.48
CA ASN E 16 0.32 30.50 33.47
C ASN E 16 1.73 30.05 33.11
N GLY E 17 2.03 30.01 31.82
CA GLY E 17 3.37 29.71 31.38
C GLY E 17 3.71 28.24 31.26
N ALA E 18 2.75 27.33 31.44
CA ALA E 18 3.07 25.91 31.39
C ALA E 18 3.63 25.54 30.02
N THR E 19 4.71 24.77 30.00
CA THR E 19 5.19 24.21 28.75
C THR E 19 5.23 22.68 28.78
N LEU E 20 4.72 22.09 29.84
CA LEU E 20 4.63 20.65 29.98
C LEU E 20 3.21 20.27 30.36
N ALA E 21 2.70 19.22 29.70
CA ALA E 21 1.40 18.67 29.99
C ALA E 21 1.50 17.20 30.32
N ILE E 22 0.72 16.77 31.31
CA ILE E 22 0.45 15.37 31.57
C ILE E 22 -0.92 15.07 30.99
N ILE E 23 -0.98 14.01 30.18
CA ILE E 23 -2.16 13.74 29.35
C ILE E 23 -2.66 12.33 29.60
N PRO E 24 -3.47 12.12 30.65
CA PRO E 24 -4.15 10.82 30.82
C PRO E 24 -5.30 10.67 29.83
N GLY E 25 -5.83 9.46 29.69
CA GLY E 25 -6.98 9.26 28.84
C GLY E 25 -8.30 9.64 29.44
N ASP E 26 -8.48 9.23 30.68
CA ASP E 26 -9.78 9.34 31.35
C ASP E 26 -9.93 10.71 31.99
N PRO E 27 -10.99 11.48 31.66
CA PRO E 27 -11.21 12.77 32.34
C PRO E 27 -11.18 12.67 33.87
N ALA E 28 -11.61 11.56 34.46
CA ALA E 28 -11.63 11.41 35.91
C ALA E 28 -10.25 11.36 36.54
N ARG E 29 -9.20 11.04 35.80
N ARG E 29 -9.20 11.04 35.80
N ARG E 29 -9.20 11.04 35.80
CA ARG E 29 -7.86 11.04 36.38
CA ARG E 29 -7.87 11.04 36.39
CA ARG E 29 -7.86 11.03 36.35
C ARG E 29 -7.27 12.43 36.48
C ARG E 29 -7.24 12.43 36.44
C ARG E 29 -7.23 12.41 36.42
N VAL E 30 -7.82 13.41 35.77
CA VAL E 30 -7.16 14.72 35.66
C VAL E 30 -7.02 15.35 37.03
N GLN E 31 -8.11 15.47 37.79
CA GLN E 31 -7.99 16.10 39.10
C GLN E 31 -7.09 15.28 40.01
N LYS E 32 -7.10 13.95 39.85
CA LYS E 32 -6.29 13.08 40.71
CA LYS E 32 -6.29 13.09 40.72
C LYS E 32 -4.81 13.33 40.49
N ILE E 33 -4.42 13.56 39.24
CA ILE E 33 -3.05 13.89 38.95
C ILE E 33 -2.74 15.30 39.44
N ALA E 34 -3.64 16.25 39.18
CA ALA E 34 -3.36 17.63 39.54
C ALA E 34 -3.15 17.77 41.04
N GLU E 35 -3.91 17.02 41.84
CA GLU E 35 -3.82 17.17 43.27
C GLU E 35 -2.53 16.61 43.85
N LEU E 36 -1.76 15.86 43.09
CA LEU E 36 -0.43 15.49 43.50
C LEU E 36 0.55 16.65 43.36
N MET E 37 0.15 17.77 42.78
CA MET E 37 0.99 18.95 42.58
C MET E 37 0.41 20.10 43.41
N ASP E 38 1.04 21.26 43.32
CA ASP E 38 0.64 22.38 44.14
C ASP E 38 -0.38 23.26 43.45
N ASN E 39 -1.26 23.86 44.23
CA ASN E 39 -2.23 24.81 43.75
C ASN E 39 -3.01 24.38 42.50
N PRO E 40 -3.59 23.20 42.50
CA PRO E 40 -4.36 22.79 41.33
C PRO E 40 -5.60 23.65 41.14
N VAL E 41 -5.87 23.98 39.89
N VAL E 41 -5.86 23.99 39.89
CA VAL E 41 -7.07 24.71 39.58
CA VAL E 41 -7.07 24.72 39.57
C VAL E 41 -7.78 24.12 38.33
C VAL E 41 -7.77 24.12 38.33
N PHE E 42 -9.07 23.96 38.42
CA PHE E 42 -9.87 23.54 37.27
C PHE E 42 -9.93 24.66 36.27
N LEU E 43 -9.69 24.34 35.01
CA LEU E 43 -9.79 25.32 33.94
C LEU E 43 -11.01 25.12 33.06
N ALA E 44 -11.31 23.92 32.60
CA ALA E 44 -12.40 23.73 31.64
C ALA E 44 -12.72 22.24 31.55
N SER E 45 -13.95 21.96 31.13
CA SER E 45 -14.31 20.59 30.75
C SER E 45 -15.29 20.65 29.58
N HIS E 46 -14.93 20.00 28.49
N HIS E 46 -14.95 20.01 28.48
CA HIS E 46 -15.74 19.96 27.27
CA HIS E 46 -15.84 19.93 27.33
C HIS E 46 -15.55 18.59 26.66
C HIS E 46 -15.57 18.60 26.67
N ARG E 47 -16.64 17.85 26.40
CA ARG E 47 -16.52 16.52 25.78
C ARG E 47 -15.57 15.68 26.65
N GLU E 48 -14.63 14.97 26.06
CA GLU E 48 -13.72 14.13 26.81
C GLU E 48 -12.51 14.92 27.37
N TYR E 49 -12.54 16.25 27.27
CA TYR E 49 -11.37 17.05 27.62
C TYR E 49 -11.61 17.81 28.93
N THR E 50 -10.98 17.37 30.00
CA THR E 50 -10.99 18.07 31.28
C THR E 50 -9.57 18.57 31.49
N VAL E 51 -9.45 19.85 31.84
CA VAL E 51 -8.19 20.57 31.88
C VAL E 51 -8.02 21.23 33.24
N TYR E 52 -6.91 20.94 33.90
CA TYR E 52 -6.50 21.57 35.15
C TYR E 52 -5.09 22.14 34.96
N ARG E 53 -4.77 23.16 35.74
N ARG E 53 -4.77 23.16 35.75
CA ARG E 53 -3.40 23.59 35.88
CA ARG E 53 -3.39 23.62 35.87
C ARG E 53 -2.95 23.26 37.29
C ARG E 53 -2.92 23.44 37.30
N ALA E 54 -1.64 23.17 37.48
CA ALA E 54 -1.05 23.05 38.83
C ALA E 54 0.39 23.52 38.73
N GLU E 55 1.11 23.43 39.84
CA GLU E 55 2.51 23.84 39.90
C GLU E 55 3.35 22.71 40.47
N LEU E 56 4.52 22.51 39.87
CA LEU E 56 5.41 21.43 40.24
C LEU E 56 6.77 22.08 40.41
N ASP E 57 7.32 22.04 41.62
CA ASP E 57 8.59 22.69 41.90
C ASP E 57 8.61 24.12 41.37
N GLY E 58 7.49 24.83 41.53
CA GLY E 58 7.42 26.23 41.16
C GLY E 58 7.06 26.51 39.72
N GLN E 59 6.94 25.48 38.87
CA GLN E 59 6.67 25.65 37.45
C GLN E 59 5.25 25.19 37.15
N SER E 60 4.61 25.85 36.21
N SER E 60 4.53 26.01 36.39
CA SER E 60 3.25 25.50 35.85
CA SER E 60 3.17 25.68 36.00
C SER E 60 3.21 24.23 35.00
C SER E 60 3.19 24.53 35.00
N VAL E 61 2.21 23.39 35.27
N VAL E 61 2.29 23.59 35.23
CA VAL E 61 2.00 22.15 34.54
CA VAL E 61 2.06 22.48 34.34
C VAL E 61 0.53 22.04 34.20
C VAL E 61 0.56 22.42 34.08
N VAL E 62 0.24 21.65 32.98
N VAL E 62 0.18 21.67 33.05
CA VAL E 62 -1.14 21.37 32.61
CA VAL E 62 -1.22 21.49 32.70
C VAL E 62 -1.40 19.90 32.79
C VAL E 62 -1.50 20.00 32.59
N VAL E 63 -2.66 19.59 33.12
CA VAL E 63 -3.13 18.21 33.05
C VAL E 63 -4.39 18.22 32.19
N CYS E 64 -4.43 17.38 31.15
CA CYS E 64 -5.53 17.43 30.19
C CYS E 64 -5.82 16.02 29.74
N SER E 65 -7.07 15.58 29.87
CA SER E 65 -7.43 14.27 29.36
C SER E 65 -7.53 14.28 27.83
N THR E 66 -7.36 13.09 27.25
CA THR E 66 -7.30 12.90 25.79
C THR E 66 -8.49 12.19 25.24
N GLY E 67 -9.24 11.46 26.05
CA GLY E 67 -10.17 10.48 25.53
C GLY E 67 -9.46 9.23 25.04
N ILE E 68 -10.25 8.31 24.52
CA ILE E 68 -9.72 7.08 23.95
C ILE E 68 -9.41 7.30 22.48
N GLY E 69 -8.20 6.94 22.08
CA GLY E 69 -7.82 6.85 20.70
C GLY E 69 -7.02 8.03 20.18
N GLY E 70 -6.34 7.75 19.06
CA GLY E 70 -5.57 8.76 18.40
C GLY E 70 -6.31 10.01 17.97
N PRO E 71 -7.51 9.90 17.40
CA PRO E 71 -8.18 11.13 16.94
C PRO E 71 -8.42 12.15 18.02
N SER E 72 -9.00 11.72 19.14
N SER E 72 -8.99 11.69 19.15
CA SER E 72 -9.24 12.70 20.20
CA SER E 72 -9.28 12.53 20.30
C SER E 72 -7.94 13.16 20.84
C SER E 72 -8.00 13.09 20.91
N THR E 73 -6.95 12.27 20.95
CA THR E 73 -5.64 12.68 21.46
C THR E 73 -5.03 13.76 20.57
N SER E 74 -5.12 13.62 19.26
CA SER E 74 -4.49 14.56 18.34
C SER E 74 -5.04 15.96 18.49
N ILE E 75 -6.33 16.08 18.77
CA ILE E 75 -6.93 17.40 19.01
C ILE E 75 -6.32 18.04 20.24
N ALA E 76 -6.25 17.29 21.36
CA ALA E 76 -5.74 17.87 22.60
C ALA E 76 -4.30 18.30 22.44
N VAL E 77 -3.47 17.47 21.81
CA VAL E 77 -2.06 17.82 21.65
C VAL E 77 -1.89 19.05 20.80
N GLU E 78 -2.62 19.10 19.67
CA GLU E 78 -2.53 20.28 18.81
C GLU E 78 -2.89 21.56 19.54
N GLU E 79 -4.04 21.51 20.24
CA GLU E 79 -4.51 22.72 20.91
C GLU E 79 -3.60 23.13 22.06
N LEU E 80 -3.08 22.18 22.82
CA LEU E 80 -2.11 22.51 23.86
C LEU E 80 -0.84 23.10 23.25
N ALA E 81 -0.39 22.58 22.11
CA ALA E 81 0.79 23.14 21.47
C ALA E 81 0.55 24.55 21.00
N GLN E 82 -0.66 24.83 20.49
CA GLN E 82 -1.02 26.22 20.16
C GLN E 82 -0.90 27.15 21.35
N LEU E 83 -1.10 26.63 22.55
CA LEU E 83 -1.08 27.42 23.77
C LEU E 83 0.27 27.35 24.46
N GLY E 84 1.30 26.84 23.80
CA GLY E 84 2.68 26.92 24.27
C GLY E 84 3.26 25.64 24.87
N VAL E 85 2.49 24.57 24.96
CA VAL E 85 2.99 23.34 25.51
C VAL E 85 3.93 22.66 24.51
N ARG E 86 5.06 22.20 25.01
CA ARG E 86 6.06 21.57 24.19
C ARG E 86 6.45 20.16 24.59
N THR E 87 6.10 19.74 25.80
CA THR E 87 6.42 18.41 26.32
C THR E 87 5.15 17.77 26.81
N PHE E 88 4.93 16.51 26.42
CA PHE E 88 3.70 15.77 26.68
C PHE E 88 4.06 14.42 27.29
N LEU E 89 3.54 14.16 28.48
CA LEU E 89 3.74 12.90 29.19
C LEU E 89 2.43 12.17 29.28
N ARG E 90 2.31 11.09 28.52
N ARG E 90 2.28 11.09 28.51
CA ARG E 90 1.12 10.27 28.57
CA ARG E 90 1.06 10.29 28.56
C ARG E 90 1.25 9.24 29.66
C ARG E 90 1.21 9.21 29.61
N VAL E 91 0.17 9.07 30.43
CA VAL E 91 0.03 7.96 31.35
C VAL E 91 -1.26 7.24 30.99
N GLY E 92 -1.23 5.93 30.97
CA GLY E 92 -2.41 5.19 30.62
C GLY E 92 -2.35 3.79 31.14
N THR E 93 -3.23 2.97 30.61
CA THR E 93 -3.32 1.57 30.96
C THR E 93 -3.01 0.74 29.72
N THR E 94 -2.64 -0.51 29.94
CA THR E 94 -2.22 -1.35 28.82
C THR E 94 -2.45 -2.81 29.10
N GLY E 95 -2.50 -3.60 28.04
CA GLY E 95 -2.56 -5.05 28.14
C GLY E 95 -1.25 -5.65 27.70
N ALA E 96 -0.64 -6.44 28.58
CA ALA E 96 0.60 -7.11 28.22
C ALA E 96 0.34 -8.30 27.32
N ILE E 97 1.29 -8.53 26.40
CA ILE E 97 1.23 -9.68 25.53
C ILE E 97 2.43 -10.61 25.72
N GLN E 98 3.30 -10.34 26.63
CA GLN E 98 4.36 -11.27 27.00
C GLN E 98 4.01 -11.92 28.33
N PRO E 99 4.20 -13.23 28.45
CA PRO E 99 3.75 -13.95 29.65
C PRO E 99 4.42 -13.49 30.93
N HIS E 100 5.66 -13.02 30.86
CA HIS E 100 6.41 -12.70 32.07
C HIS E 100 6.03 -11.37 32.68
N VAL E 101 5.32 -10.52 31.96
CA VAL E 101 4.90 -9.23 32.49
C VAL E 101 3.71 -9.47 33.41
N ASN E 102 3.74 -8.88 34.60
CA ASN E 102 2.66 -9.05 35.55
C ASN E 102 1.74 -7.86 35.55
N VAL E 103 0.48 -8.11 35.87
CA VAL E 103 -0.45 -7.04 36.18
C VAL E 103 0.16 -6.19 37.29
N GLY E 104 0.12 -4.87 37.13
CA GLY E 104 0.73 -3.91 38.05
C GLY E 104 2.11 -3.45 37.65
N ASP E 105 2.78 -4.16 36.76
CA ASP E 105 4.03 -3.69 36.20
C ASP E 105 3.78 -2.43 35.39
N MET E 106 4.87 -1.70 35.11
N MET E 106 4.87 -1.73 35.10
CA MET E 106 4.81 -0.49 34.27
CA MET E 106 4.83 -0.55 34.24
C MET E 106 5.64 -0.70 33.00
C MET E 106 5.59 -0.81 32.96
N ILE E 107 5.14 -0.18 31.88
CA ILE E 107 5.82 -0.27 30.60
C ILE E 107 6.09 1.14 30.09
N VAL E 108 7.33 1.41 29.70
CA VAL E 108 7.70 2.64 29.04
C VAL E 108 7.97 2.30 27.58
N THR E 109 7.21 2.93 26.69
CA THR E 109 7.32 2.64 25.26
C THR E 109 8.56 3.23 24.64
N THR E 110 9.36 2.41 23.95
CA THR E 110 10.52 2.89 23.20
C THR E 110 10.21 3.13 21.73
N GLY E 111 9.10 2.61 21.26
CA GLY E 111 8.62 2.79 19.90
C GLY E 111 7.29 2.09 19.77
N SER E 112 6.43 2.56 18.87
N SER E 112 6.50 2.52 18.81
CA SER E 112 5.13 1.95 18.69
CA SER E 112 5.13 2.02 18.68
C SER E 112 4.94 1.39 17.27
C SER E 112 4.88 1.43 17.29
N VAL E 113 4.31 0.22 17.25
CA VAL E 113 3.76 -0.32 16.01
C VAL E 113 2.51 0.51 15.65
N ARG E 114 2.53 1.11 14.46
CA ARG E 114 1.50 2.07 14.06
C ARG E 114 0.31 1.35 13.45
N LEU E 115 -0.57 0.85 14.31
CA LEU E 115 -1.79 0.16 13.93
C LEU E 115 -3.00 1.11 14.07
N ASP E 116 -2.72 2.39 13.85
CA ASP E 116 -3.65 3.50 13.94
C ASP E 116 -3.79 4.18 12.56
N GLY E 117 -4.63 5.16 12.48
CA GLY E 117 -4.79 6.00 11.34
C GLY E 117 -4.29 7.41 11.49
N ALA E 118 -4.42 8.01 12.66
CA ALA E 118 -4.11 9.42 12.82
C ALA E 118 -2.62 9.69 12.62
N SER E 119 -1.75 8.71 12.96
CA SER E 119 -0.33 8.95 12.77
C SER E 119 0.00 9.33 11.33
N LEU E 120 -0.72 8.70 10.36
CA LEU E 120 -0.52 8.94 8.94
C LEU E 120 -0.95 10.34 8.50
N HIS E 121 -1.67 11.06 9.37
CA HIS E 121 -2.02 12.43 9.11
C HIS E 121 -0.92 13.40 9.45
N PHE E 122 0.17 12.88 10.06
CA PHE E 122 1.35 13.64 10.40
C PHE E 122 2.61 13.21 9.71
N ALA E 123 2.77 11.93 9.42
CA ALA E 123 3.98 11.43 8.78
C ALA E 123 3.63 10.14 8.07
N PRO E 124 4.30 9.83 6.94
CA PRO E 124 4.02 8.57 6.25
C PRO E 124 4.45 7.39 7.12
N MET E 125 4.00 6.20 6.78
CA MET E 125 4.17 5.02 7.62
CA MET E 125 4.17 5.03 7.63
C MET E 125 5.63 4.71 7.92
N GLU E 126 6.53 5.05 7.00
N GLU E 126 6.55 5.04 7.03
CA GLU E 126 7.97 4.80 7.17
CA GLU E 126 7.95 4.71 7.27
C GLU E 126 8.54 5.49 8.41
C GLU E 126 8.58 5.51 8.41
N PHE E 127 7.94 6.59 8.83
CA PHE E 127 8.47 7.39 9.93
C PHE E 127 8.27 6.66 11.26
N PRO E 128 9.25 6.68 12.16
CA PRO E 128 9.16 5.88 13.39
C PRO E 128 8.31 6.59 14.44
N ALA E 129 7.41 5.83 15.07
CA ALA E 129 6.64 6.32 16.23
C ALA E 129 7.51 6.14 17.49
N VAL E 130 8.44 7.07 17.72
N VAL E 130 8.28 7.18 17.78
CA VAL E 130 9.34 6.94 18.86
CA VAL E 130 9.40 7.13 18.71
C VAL E 130 9.23 8.15 19.76
C VAL E 130 9.18 8.20 19.78
N PRO E 131 9.46 7.93 21.06
CA PRO E 131 9.41 9.01 22.05
C PRO E 131 10.66 9.86 22.01
N ASP E 132 10.54 11.03 22.61
CA ASP E 132 11.70 11.80 22.96
C ASP E 132 12.55 11.03 23.96
N PHE E 133 13.85 10.99 23.72
CA PHE E 133 14.73 10.18 24.54
C PHE E 133 14.78 10.67 25.99
N ASP E 134 14.73 11.98 26.20
CA ASP E 134 14.75 12.50 27.58
C ASP E 134 13.47 12.10 28.32
N VAL E 135 12.32 12.16 27.66
CA VAL E 135 11.09 11.78 28.33
C VAL E 135 11.10 10.30 28.68
N ALA E 136 11.50 9.44 27.74
CA ALA E 136 11.55 8.02 28.04
C ALA E 136 12.51 7.74 29.20
N THR E 137 13.63 8.41 29.21
CA THR E 137 14.61 8.24 30.28
C THR E 137 14.04 8.64 31.63
N ALA E 138 13.36 9.78 31.69
CA ALA E 138 12.72 10.24 32.92
C ALA E 138 11.64 9.29 33.38
N MET E 139 10.82 8.77 32.44
N MET E 139 10.81 8.81 32.43
CA MET E 139 9.79 7.83 32.82
CA MET E 139 9.78 7.83 32.74
C MET E 139 10.36 6.55 33.37
C MET E 139 10.41 6.60 33.39
N LYS E 140 11.44 6.02 32.76
CA LYS E 140 12.06 4.82 33.30
C LYS E 140 12.54 5.06 34.74
N ALA E 141 13.26 6.16 34.95
CA ALA E 141 13.81 6.45 36.27
C ALA E 141 12.68 6.60 37.29
N ALA E 142 11.64 7.36 36.94
CA ALA E 142 10.54 7.57 37.88
C ALA E 142 9.84 6.25 38.19
N ALA E 143 9.66 5.40 37.20
CA ALA E 143 9.01 4.13 37.42
C ALA E 143 9.85 3.26 38.34
N GLN E 144 11.14 3.19 38.09
CA GLN E 144 12.00 2.37 38.94
C GLN E 144 11.99 2.87 40.38
N GLU E 145 12.03 4.19 40.56
CA GLU E 145 12.13 4.78 41.89
C GLU E 145 10.87 4.53 42.69
N SER E 146 9.74 4.30 42.05
CA SER E 146 8.49 4.00 42.74
C SER E 146 8.44 2.58 43.29
N GLY E 147 9.41 1.74 42.93
CA GLY E 147 9.43 0.36 43.34
C GLY E 147 8.75 -0.58 42.38
N ALA E 148 8.20 -0.05 41.29
CA ALA E 148 7.54 -0.87 40.29
C ALA E 148 8.54 -1.71 39.51
N THR E 149 8.04 -2.81 38.97
CA THR E 149 8.78 -3.55 37.96
C THR E 149 8.51 -2.87 36.62
N VAL E 150 9.57 -2.45 35.93
CA VAL E 150 9.45 -1.63 34.73
C VAL E 150 10.04 -2.37 33.55
N HIS E 151 9.34 -2.30 32.42
CA HIS E 151 9.80 -2.88 31.16
C HIS E 151 9.91 -1.77 30.12
N MET E 152 10.99 -1.79 29.37
CA MET E 152 11.18 -0.86 28.25
C MET E 152 11.02 -1.66 26.98
N GLY E 153 10.22 -1.18 26.01
CA GLY E 153 10.17 -1.87 24.73
C GLY E 153 9.07 -1.36 23.84
N VAL E 154 8.85 -2.14 22.78
CA VAL E 154 7.91 -1.77 21.71
C VAL E 154 6.48 -2.07 22.14
N THR E 155 5.58 -1.17 21.78
CA THR E 155 4.15 -1.25 22.05
C THR E 155 3.39 -1.32 20.74
N ALA E 156 2.39 -2.16 20.65
CA ALA E 156 1.49 -2.17 19.49
C ALA E 156 0.30 -1.25 19.79
N SER E 157 0.12 -0.22 18.94
CA SER E 157 -0.85 0.82 19.20
C SER E 157 -1.97 0.79 18.17
N SER E 158 -3.14 0.38 18.62
CA SER E 158 -4.26 0.03 17.77
C SER E 158 -5.38 1.06 17.82
N ASP E 159 -6.01 1.29 16.66
CA ASP E 159 -7.23 2.11 16.56
C ASP E 159 -8.47 1.40 17.07
N THR E 160 -8.42 0.14 17.43
CA THR E 160 -9.54 -0.54 18.06
C THR E 160 -9.08 -1.22 19.35
N PHE E 161 -10.03 -1.39 20.24
CA PHE E 161 -9.83 -2.21 21.43
C PHE E 161 -9.98 -3.68 21.12
N TYR E 162 -10.88 -3.98 20.18
CA TYR E 162 -11.33 -5.34 19.94
C TYR E 162 -10.55 -6.00 18.80
N PRO E 163 -10.90 -5.87 17.51
CA PRO E 163 -10.20 -6.70 16.51
C PRO E 163 -8.74 -6.39 16.30
N GLY E 164 -8.34 -5.12 16.42
CA GLY E 164 -6.96 -4.75 16.25
C GLY E 164 -6.06 -5.20 17.37
N GLN E 165 -6.63 -5.63 18.47
CA GLN E 165 -5.90 -6.30 19.56
C GLN E 165 -6.16 -7.80 19.55
N GLU E 166 -6.71 -8.29 18.44
CA GLU E 166 -7.04 -9.68 18.21
C GLU E 166 -7.86 -10.28 19.36
N ARG E 167 -8.88 -9.54 19.82
CA ARG E 167 -9.86 -10.06 20.73
C ARG E 167 -10.94 -10.80 19.96
N TYR E 168 -11.30 -11.98 20.43
CA TYR E 168 -12.32 -12.83 19.85
C TYR E 168 -13.60 -12.90 20.65
N ASP E 169 -13.61 -12.45 21.91
CA ASP E 169 -14.85 -12.51 22.72
C ASP E 169 -15.67 -11.27 22.42
N THR E 170 -16.28 -11.28 21.25
CA THR E 170 -16.95 -10.13 20.67
C THR E 170 -18.26 -10.58 20.06
N PHE E 171 -19.04 -9.60 19.61
CA PHE E 171 -20.30 -9.85 18.96
C PHE E 171 -20.18 -10.79 17.77
N THR E 172 -19.27 -10.53 16.87
CA THR E 172 -19.13 -11.40 15.72
C THR E 172 -18.18 -12.55 15.95
N GLY E 173 -17.21 -12.39 16.84
CA GLY E 173 -16.19 -13.38 17.01
C GLY E 173 -15.22 -13.46 15.86
N ARG E 174 -15.22 -12.49 14.96
CA ARG E 174 -14.35 -12.49 13.79
CA ARG E 174 -14.34 -12.51 13.80
CA ARG E 174 -14.43 -12.42 13.72
C ARG E 174 -13.30 -11.42 13.91
N VAL E 175 -12.14 -11.68 13.30
CA VAL E 175 -11.09 -10.68 13.17
C VAL E 175 -10.68 -10.67 11.69
N VAL E 176 -10.61 -9.48 11.11
CA VAL E 176 -10.26 -9.29 9.70
C VAL E 176 -8.88 -9.90 9.43
N ARG E 177 -8.69 -10.34 8.18
N ARG E 177 -8.68 -10.26 8.16
CA ARG E 177 -7.46 -11.01 7.78
CA ARG E 177 -7.49 -10.99 7.75
C ARG E 177 -6.20 -10.33 8.30
C ARG E 177 -6.18 -10.34 8.22
N ARG E 178 -6.07 -9.02 8.12
CA ARG E 178 -4.89 -8.28 8.52
C ARG E 178 -4.48 -8.62 9.95
N PHE E 179 -5.46 -8.79 10.85
CA PHE E 179 -5.19 -8.95 12.26
C PHE E 179 -5.26 -10.39 12.75
N GLN E 180 -5.62 -11.32 11.92
CA GLN E 180 -5.61 -12.73 12.31
C GLN E 180 -4.17 -13.13 12.54
N GLY E 181 -3.91 -13.77 13.69
CA GLY E 181 -2.55 -14.17 14.05
C GLY E 181 -1.66 -13.05 14.50
N SER E 182 -2.15 -11.83 14.56
CA SER E 182 -1.29 -10.70 14.83
C SER E 182 -0.75 -10.68 16.25
N MET E 183 -1.52 -11.06 17.25
CA MET E 183 -0.96 -10.99 18.61
C MET E 183 0.26 -11.89 18.74
N LYS E 184 0.17 -13.12 18.24
CA LYS E 184 1.33 -14.02 18.24
CA LYS E 184 1.34 -14.00 18.28
C LYS E 184 2.48 -13.46 17.43
N GLU E 185 2.19 -12.85 16.29
CA GLU E 185 3.25 -12.24 15.51
CA GLU E 185 3.23 -12.23 15.50
C GLU E 185 3.97 -11.17 16.31
N TRP E 186 3.24 -10.27 16.94
CA TRP E 186 3.89 -9.26 17.75
C TRP E 186 4.63 -9.86 18.93
N GLN E 187 4.01 -10.83 19.60
N GLN E 187 4.05 -10.85 19.57
CA GLN E 187 4.66 -11.56 20.68
CA GLN E 187 4.71 -11.47 20.72
C GLN E 187 6.03 -12.04 20.25
C GLN E 187 6.03 -12.10 20.31
N ASP E 188 6.07 -12.74 19.14
CA ASP E 188 7.30 -13.35 18.65
C ASP E 188 8.33 -12.31 18.26
N MET E 189 7.92 -11.10 17.89
CA MET E 189 8.79 -9.98 17.57
C MET E 189 9.21 -9.21 18.82
N GLY E 190 8.79 -9.65 20.01
CA GLY E 190 9.22 -9.02 21.26
C GLY E 190 8.40 -7.84 21.70
N VAL E 191 7.27 -7.56 21.05
CA VAL E 191 6.42 -6.47 21.47
C VAL E 191 5.85 -6.78 22.85
N LEU E 192 5.79 -5.75 23.72
CA LEU E 192 5.40 -5.99 25.10
C LEU E 192 3.91 -5.92 25.34
N ASN E 193 3.19 -5.06 24.62
CA ASN E 193 1.88 -4.64 25.09
C ASN E 193 1.08 -4.01 23.96
N PHE E 194 -0.23 -3.91 24.20
CA PHE E 194 -1.19 -3.18 23.37
C PHE E 194 -1.73 -1.97 24.11
N GLU E 195 -1.92 -0.88 23.39
CA GLU E 195 -2.72 0.26 23.81
C GLU E 195 -3.23 0.95 22.56
N MET E 196 -3.80 2.16 22.69
CA MET E 196 -4.54 2.77 21.59
C MET E 196 -4.11 4.18 21.22
N GLU E 197 -3.15 4.80 21.87
CA GLU E 197 -2.87 6.23 21.65
C GLU E 197 -1.42 6.52 21.32
N SER E 198 -0.47 5.64 21.67
CA SER E 198 0.93 6.01 21.55
CA SER E 198 0.93 6.00 21.56
C SER E 198 1.38 6.23 20.12
N ALA E 199 0.91 5.44 19.18
CA ALA E 199 1.37 5.64 17.80
C ALA E 199 1.05 7.06 17.35
N THR E 200 -0.18 7.48 17.59
CA THR E 200 -0.57 8.81 17.17
C THR E 200 0.24 9.86 17.91
N LEU E 201 0.28 9.75 19.23
CA LEU E 201 0.98 10.75 20.04
C LEU E 201 2.45 10.87 19.68
N LEU E 202 3.13 9.72 19.60
CA LEU E 202 4.57 9.75 19.37
C LEU E 202 4.88 10.23 17.97
N THR E 203 4.10 9.79 16.96
CA THR E 203 4.39 10.22 15.59
C THR E 203 4.12 11.70 15.43
N MET E 204 2.95 12.15 15.89
N MET E 204 2.98 12.19 15.96
CA MET E 204 2.59 13.55 15.83
CA MET E 204 2.67 13.60 15.74
C MET E 204 3.71 14.40 16.43
C MET E 204 3.67 14.49 16.48
N CYS E 205 4.14 14.06 17.65
CA CYS E 205 5.09 14.91 18.36
C CYS E 205 6.49 14.84 17.74
N ALA E 206 6.96 13.64 17.40
CA ALA E 206 8.29 13.50 16.84
C ALA E 206 8.45 14.17 15.50
N SER E 207 7.35 14.37 14.77
CA SER E 207 7.36 15.03 13.48
C SER E 207 6.96 16.49 13.53
N SER E 208 6.71 17.04 14.74
CA SER E 208 6.19 18.39 14.92
C SER E 208 7.00 19.22 15.91
N GLY E 209 8.16 18.76 16.34
CA GLY E 209 8.99 19.54 17.24
C GLY E 209 8.52 19.53 18.69
N LEU E 210 7.81 18.50 19.10
CA LEU E 210 7.27 18.36 20.44
C LEU E 210 7.90 17.15 21.09
N LYS E 211 8.13 17.18 22.40
CA LYS E 211 8.71 16.07 23.12
CA LYS E 211 8.71 16.07 23.12
C LYS E 211 7.58 15.25 23.73
N ALA E 212 7.59 13.94 23.55
CA ALA E 212 6.54 13.11 24.11
C ALA E 212 7.09 11.78 24.57
N GLY E 213 6.38 11.18 25.51
CA GLY E 213 6.62 9.81 25.91
C GLY E 213 5.37 9.22 26.51
N CYS E 214 5.38 7.89 26.70
N CYS E 214 5.41 7.90 26.70
CA CYS E 214 4.20 7.15 27.19
CA CYS E 214 4.27 7.14 27.21
C CYS E 214 4.62 6.10 28.19
C CYS E 214 4.75 6.17 28.28
N VAL E 215 4.01 6.12 29.39
CA VAL E 215 4.17 5.11 30.42
C VAL E 215 2.80 4.57 30.75
N ALA E 216 2.70 3.27 31.00
CA ALA E 216 1.42 2.66 31.22
C ALA E 216 1.51 1.59 32.28
N GLY E 217 0.44 1.50 33.06
CA GLY E 217 0.28 0.42 34.01
C GLY E 217 -0.39 -0.79 33.35
N VAL E 218 0.14 -1.97 33.61
CA VAL E 218 -0.42 -3.19 33.04
C VAL E 218 -1.64 -3.60 33.84
N ILE E 219 -2.81 -3.65 33.19
CA ILE E 219 -4.06 -3.99 33.86
C ILE E 219 -4.56 -5.36 33.49
N ILE E 220 -3.94 -6.02 32.52
CA ILE E 220 -4.36 -7.33 32.05
C ILE E 220 -3.13 -7.96 31.38
N ASN E 221 -3.05 -9.29 31.43
CA ASN E 221 -2.12 -10.05 30.64
C ASN E 221 -2.94 -10.93 29.70
N ARG E 222 -2.75 -10.72 28.39
CA ARG E 222 -3.50 -11.44 27.37
C ARG E 222 -3.14 -12.94 27.30
N THR E 223 -2.08 -13.35 28.00
CA THR E 223 -1.84 -14.77 28.20
C THR E 223 -2.94 -15.43 29.00
N GLN E 224 -3.62 -14.67 29.87
CA GLN E 224 -4.71 -15.21 30.66
C GLN E 224 -6.10 -14.89 30.10
N LYS E 225 -6.37 -13.67 29.66
CA LYS E 225 -7.76 -13.25 29.45
CA LYS E 225 -7.76 -13.28 29.41
C LYS E 225 -7.79 -12.02 28.56
N GLU E 226 -9.00 -11.70 28.10
CA GLU E 226 -9.29 -10.56 27.25
C GLU E 226 -9.85 -9.35 27.97
N ILE E 227 -10.69 -9.55 28.98
CA ILE E 227 -11.46 -8.47 29.59
C ILE E 227 -10.76 -8.11 30.91
N PRO E 228 -10.32 -6.85 31.06
N PRO E 228 -10.26 -6.88 31.12
CA PRO E 228 -9.86 -6.40 32.36
CA PRO E 228 -9.46 -6.69 32.38
C PRO E 228 -11.07 -6.06 33.22
C PRO E 228 -10.27 -6.96 33.64
N ASP E 229 -10.77 -5.68 34.44
N ASP E 229 -9.61 -7.46 34.68
CA ASP E 229 -11.84 -5.31 35.34
CA ASP E 229 -10.25 -7.61 35.98
C ASP E 229 -11.45 -4.05 36.08
C ASP E 229 -10.50 -6.22 36.58
N HIS E 230 -12.46 -3.31 36.48
N HIS E 230 -11.75 -5.97 36.99
CA HIS E 230 -12.23 -2.01 37.07
CA HIS E 230 -12.19 -4.60 37.27
C HIS E 230 -11.50 -2.13 38.41
C HIS E 230 -11.60 -4.04 38.55
N ALA E 231 -11.62 -3.28 39.10
N ALA E 231 -11.30 -4.87 39.54
CA ALA E 231 -10.97 -3.42 40.41
CA ALA E 231 -10.71 -4.31 40.74
C ALA E 231 -9.45 -3.43 40.28
C ALA E 231 -9.27 -3.90 40.52
N THR E 232 -8.90 -4.27 39.38
N THR E 232 -8.71 -4.27 39.37
CA THR E 232 -7.44 -4.22 39.20
CA THR E 232 -7.28 -4.18 39.11
C THR E 232 -7.00 -2.81 38.85
C THR E 232 -6.86 -2.77 38.71
N LEU E 233 -7.92 -1.99 38.34
N LEU E 233 -7.66 -2.09 37.87
CA LEU E 233 -7.55 -0.64 37.93
CA LEU E 233 -7.33 -0.71 37.52
C LEU E 233 -7.03 0.20 39.10
C LEU E 233 -7.20 0.15 38.77
N LYS E 234 -7.69 0.14 40.26
N LYS E 234 -8.18 0.04 39.68
CA LYS E 234 -7.48 1.18 41.27
CA LYS E 234 -8.16 0.86 40.89
C LYS E 234 -6.02 1.25 41.76
C LYS E 234 -6.96 0.51 41.77
N GLU E 235 -5.46 0.13 42.22
N GLU E 235 -6.47 -0.72 41.69
CA GLU E 235 -4.07 0.13 42.70
CA GLU E 235 -5.32 -1.10 42.49
C GLU E 235 -3.10 0.44 41.57
C GLU E 235 -4.04 -0.47 41.96
N THR E 236 -3.31 -0.17 40.41
N THR E 236 -3.98 -0.21 40.65
CA THR E 236 -2.42 0.11 39.30
CA THR E 236 -2.78 0.23 39.97
C THR E 236 -2.45 1.59 38.94
C THR E 236 -2.78 1.73 39.67
N GLU E 237 -3.53 2.27 39.27
N GLU E 237 -3.96 2.35 39.59
CA GLU E 237 -3.69 3.65 38.86
CA GLU E 237 -4.04 3.71 39.07
C GLU E 237 -3.03 4.64 39.83
C GLU E 237 -3.13 4.63 39.85
N ALA E 238 -3.07 4.41 41.16
CA ALA E 238 -2.36 5.32 42.06
C ALA E 238 -0.87 5.33 41.76
N ARG E 239 -0.27 4.16 41.54
N ARG E 239 -0.30 4.12 41.55
CA ARG E 239 1.17 4.19 41.27
CA ARG E 239 1.12 3.98 41.20
C ARG E 239 1.47 4.79 39.90
C ARG E 239 1.45 4.73 39.92
N SER E 240 0.61 4.55 38.91
CA SER E 240 0.86 5.15 37.61
C SER E 240 0.91 6.65 37.69
N ILE E 241 -0.03 7.26 38.43
CA ILE E 241 -0.04 8.70 38.42
C ILE E 241 1.08 9.29 39.28
N LYS E 242 1.49 8.59 40.34
CA LYS E 242 2.67 9.02 41.08
C LYS E 242 3.91 9.02 40.17
N VAL E 243 4.05 7.97 39.38
CA VAL E 243 5.19 7.85 38.47
C VAL E 243 5.18 8.98 37.45
N VAL E 244 4.03 9.26 36.82
CA VAL E 244 4.07 10.28 35.76
C VAL E 244 4.38 11.66 36.33
N VAL E 245 3.94 11.95 37.56
CA VAL E 245 4.27 13.23 38.15
C VAL E 245 5.74 13.32 38.47
N GLU E 246 6.33 12.22 38.95
N GLU E 246 6.33 12.23 39.00
CA GLU E 246 7.76 12.22 39.19
CA GLU E 246 7.76 12.22 39.19
C GLU E 246 8.57 12.28 37.90
C GLU E 246 8.50 12.41 37.87
N ALA E 247 8.07 11.71 36.81
CA ALA E 247 8.72 11.89 35.52
C ALA E 247 8.67 13.35 35.09
N ALA E 248 7.52 14.00 35.30
CA ALA E 248 7.42 15.42 34.98
C ALA E 248 8.42 16.24 35.77
N ARG E 249 8.62 15.89 37.06
N ARG E 249 8.59 15.93 37.06
CA ARG E 249 9.56 16.63 37.90
CA ARG E 249 9.56 16.67 37.87
C ARG E 249 10.95 16.53 37.32
C ARG E 249 10.94 16.55 37.24
N LYS E 250 11.29 15.35 36.79
CA LYS E 250 12.60 15.14 36.19
C LYS E 250 12.75 15.91 34.90
N MET E 251 11.67 16.13 34.16
CA MET E 251 11.76 16.87 32.90
C MET E 251 11.87 18.36 33.12
N LEU E 252 11.42 18.87 34.25
CA LEU E 252 11.43 20.29 34.53
C LEU E 252 12.74 20.74 35.19
N LYS E 253 13.50 19.80 35.74
CA LYS E 253 14.72 20.11 36.51
C LYS E 253 15.76 20.87 35.68
N LYS F 3 -23.90 -9.58 33.65
CA LYS F 3 -22.66 -9.28 32.89
C LYS F 3 -22.62 -7.83 32.41
N THR F 4 -21.66 -7.07 32.92
N THR F 4 -21.72 -7.02 33.00
CA THR F 4 -21.58 -5.62 32.69
CA THR F 4 -21.61 -5.61 32.67
C THR F 4 -20.43 -5.32 31.75
C THR F 4 -20.48 -5.44 31.67
N VAL F 5 -20.72 -4.67 30.62
CA VAL F 5 -19.68 -4.44 29.63
C VAL F 5 -18.64 -3.47 30.19
N PHE F 6 -17.38 -3.66 29.76
CA PHE F 6 -16.26 -3.03 30.42
C PHE F 6 -16.27 -1.51 30.32
N HIS F 7 -16.52 -0.96 29.13
CA HIS F 7 -16.44 0.48 28.97
C HIS F 7 -17.76 1.17 29.28
N LEU F 8 -18.87 0.61 28.82
CA LEU F 8 -20.15 1.31 28.97
C LEU F 8 -20.77 1.17 30.35
N GLY F 9 -20.43 0.13 31.10
CA GLY F 9 -20.91 0.03 32.47
C GLY F 9 -22.37 -0.36 32.63
N VAL F 10 -22.95 -1.02 31.64
CA VAL F 10 -24.34 -1.42 31.65
C VAL F 10 -24.44 -2.91 31.34
N THR F 11 -25.60 -3.48 31.70
CA THR F 11 -25.92 -4.87 31.43
C THR F 11 -27.01 -4.93 30.38
N GLU F 12 -27.24 -6.14 29.87
CA GLU F 12 -28.32 -6.31 28.91
C GLU F 12 -29.66 -5.94 29.55
N ALA F 13 -29.89 -6.34 30.80
CA ALA F 13 -31.15 -6.03 31.47
C ALA F 13 -31.40 -4.53 31.58
N ASP F 14 -30.32 -3.74 31.74
CA ASP F 14 -30.45 -2.29 31.83
C ASP F 14 -31.09 -1.69 30.58
N LEU F 15 -30.94 -2.35 29.41
CA LEU F 15 -31.47 -1.82 28.17
CA LEU F 15 -31.47 -1.82 28.16
C LEU F 15 -32.95 -2.12 27.96
N ASN F 16 -33.56 -2.94 28.81
N ASN F 16 -33.53 -2.99 28.76
CA ASN F 16 -34.99 -3.26 28.74
CA ASN F 16 -34.98 -3.20 28.73
C ASN F 16 -35.43 -3.64 27.33
C ASN F 16 -35.46 -3.69 27.36
N GLY F 17 -34.64 -4.50 26.70
CA GLY F 17 -34.97 -5.05 25.40
C GLY F 17 -34.65 -4.16 24.22
N ALA F 18 -34.00 -3.02 24.41
CA ALA F 18 -33.69 -2.16 23.26
C ALA F 18 -32.86 -2.88 22.23
N THR F 19 -33.22 -2.69 20.97
CA THR F 19 -32.40 -3.15 19.87
C THR F 19 -31.95 -2.03 18.93
N LEU F 20 -32.26 -0.80 19.28
CA LEU F 20 -31.90 0.38 18.52
C LEU F 20 -31.22 1.37 19.44
N ALA F 21 -30.10 1.93 19.00
CA ALA F 21 -29.41 2.98 19.71
C ALA F 21 -29.25 4.22 18.86
N ILE F 22 -29.39 5.37 19.51
CA ILE F 22 -29.00 6.65 18.95
C ILE F 22 -27.64 6.99 19.57
N ILE F 23 -26.66 7.34 18.74
CA ILE F 23 -25.28 7.48 19.16
C ILE F 23 -24.74 8.84 18.77
N PRO F 24 -24.99 9.89 19.59
CA PRO F 24 -24.32 11.18 19.38
C PRO F 24 -22.86 11.09 19.80
N GLY F 25 -22.06 12.10 19.42
CA GLY F 25 -20.67 12.12 19.87
C GLY F 25 -20.42 12.68 21.26
N ASP F 26 -21.13 13.76 21.57
CA ASP F 26 -20.88 14.51 22.79
C ASP F 26 -21.69 13.93 23.94
N PRO F 27 -21.07 13.50 25.06
CA PRO F 27 -21.84 13.00 26.20
C PRO F 27 -22.95 13.94 26.65
N ALA F 28 -22.77 15.26 26.50
CA ALA F 28 -23.79 16.20 26.97
C ALA F 28 -25.06 16.16 26.14
N ARG F 29 -25.00 15.62 24.91
N ARG F 29 -25.01 15.65 24.90
N ARG F 29 -25.01 15.65 24.90
CA ARG F 29 -26.18 15.52 24.05
CA ARG F 29 -26.21 15.56 24.08
CA ARG F 29 -26.21 15.56 24.08
C ARG F 29 -27.09 14.36 24.43
C ARG F 29 -27.06 14.33 24.38
C ARG F 29 -27.11 14.38 24.47
N VAL F 30 -26.59 13.40 25.22
CA VAL F 30 -27.33 12.17 25.44
C VAL F 30 -28.64 12.45 26.18
N GLN F 31 -28.56 13.19 27.29
CA GLN F 31 -29.78 13.47 28.04
C GLN F 31 -30.77 14.27 27.21
N LYS F 32 -30.27 15.19 26.36
CA LYS F 32 -31.18 16.00 25.56
C LYS F 32 -31.94 15.14 24.57
N ILE F 33 -31.28 14.16 23.97
CA ILE F 33 -31.97 13.27 23.05
C ILE F 33 -32.93 12.39 23.82
N ALA F 34 -32.50 11.85 24.95
CA ALA F 34 -33.37 10.97 25.71
C ALA F 34 -34.62 11.69 26.14
N GLU F 35 -34.51 12.97 26.52
CA GLU F 35 -35.66 13.74 26.97
C GLU F 35 -36.65 14.07 25.86
N LEU F 36 -36.29 13.90 24.60
CA LEU F 36 -37.28 14.00 23.53
C LEU F 36 -38.20 12.79 23.50
N MET F 37 -37.85 11.72 24.21
CA MET F 37 -38.64 10.50 24.23
C MET F 37 -39.29 10.37 25.61
N ASP F 38 -39.96 9.26 25.84
CA ASP F 38 -40.69 9.05 27.08
C ASP F 38 -39.85 8.31 28.11
N ASN F 39 -40.08 8.61 29.37
CA ASN F 39 -39.45 7.88 30.46
C ASN F 39 -37.92 7.76 30.33
N PRO F 40 -37.22 8.88 30.15
CA PRO F 40 -35.76 8.80 30.08
C PRO F 40 -35.16 8.39 31.42
N VAL F 41 -34.18 7.49 31.37
CA VAL F 41 -33.52 6.97 32.56
C VAL F 41 -32.02 7.01 32.33
N PHE F 42 -31.29 7.68 33.22
CA PHE F 42 -29.85 7.65 33.20
C PHE F 42 -29.37 6.28 33.64
N LEU F 43 -28.50 5.65 32.83
CA LEU F 43 -27.93 4.35 33.15
C LEU F 43 -26.52 4.42 33.69
N ALA F 44 -25.62 5.13 33.02
CA ALA F 44 -24.23 5.12 33.44
C ALA F 44 -23.49 6.24 32.72
N SER F 45 -22.39 6.66 33.32
CA SER F 45 -21.43 7.52 32.66
C SER F 45 -20.02 7.10 33.06
N HIS F 46 -19.17 6.82 32.07
N HIS F 46 -19.19 6.85 32.07
CA HIS F 46 -17.76 6.44 32.25
CA HIS F 46 -17.79 6.50 32.30
C HIS F 46 -17.01 7.03 31.07
C HIS F 46 -17.02 7.04 31.12
N ARG F 47 -15.89 7.71 31.31
N ARG F 47 -16.01 7.86 31.38
CA ARG F 47 -15.08 8.28 30.23
CA ARG F 47 -15.24 8.45 30.30
C ARG F 47 -15.99 9.14 29.35
C ARG F 47 -16.21 9.11 29.32
N GLU F 48 -15.94 8.97 28.03
CA GLU F 48 -16.74 9.68 27.06
C GLU F 48 -18.10 9.02 26.82
N TYR F 49 -18.47 8.00 27.61
CA TYR F 49 -19.67 7.18 27.35
C TYR F 49 -20.74 7.48 28.40
N THR F 50 -21.74 8.25 28.04
CA THR F 50 -22.93 8.47 28.84
C THR F 50 -24.05 7.71 28.16
N VAL F 51 -24.78 6.94 28.98
CA VAL F 51 -25.78 5.99 28.50
C VAL F 51 -27.10 6.27 29.18
N TYR F 52 -28.16 6.48 28.41
CA TYR F 52 -29.54 6.57 28.83
C TYR F 52 -30.39 5.55 28.10
N ARG F 53 -31.51 5.23 28.71
N ARG F 53 -31.52 5.19 28.70
CA ARG F 53 -32.61 4.53 28.06
CA ARG F 53 -32.57 4.52 27.95
C ARG F 53 -33.79 5.48 27.94
C ARG F 53 -33.85 5.34 28.03
N ALA F 54 -34.68 5.19 27.00
CA ALA F 54 -35.96 5.89 26.95
C ALA F 54 -36.91 5.01 26.18
N GLU F 55 -38.14 5.51 26.00
CA GLU F 55 -39.16 4.75 25.29
C GLU F 55 -39.71 5.59 24.16
N LEU F 56 -39.85 4.97 22.99
CA LEU F 56 -40.34 5.64 21.79
C LEU F 56 -41.46 4.79 21.24
N ASP F 57 -42.67 5.34 21.23
CA ASP F 57 -43.85 4.59 20.83
C ASP F 57 -43.93 3.28 21.59
N GLY F 58 -43.58 3.30 22.86
CA GLY F 58 -43.71 2.10 23.67
C GLY F 58 -42.52 1.16 23.63
N GLN F 59 -41.52 1.42 22.80
CA GLN F 59 -40.37 0.52 22.63
C GLN F 59 -39.13 1.14 23.25
N SER F 60 -38.29 0.32 23.85
N SER F 60 -38.40 0.34 24.01
CA SER F 60 -37.06 0.83 24.45
CA SER F 60 -37.18 0.83 24.63
C SER F 60 -36.05 1.27 23.37
C SER F 60 -36.11 1.04 23.58
N VAL F 61 -35.39 2.41 23.62
N VAL F 61 -35.42 2.18 23.71
CA VAL F 61 -34.32 2.94 22.79
CA VAL F 61 -34.27 2.51 22.90
C VAL F 61 -33.15 3.31 23.70
C VAL F 61 -33.17 2.93 23.86
N VAL F 62 -31.95 2.97 23.31
N VAL F 62 -31.93 2.96 23.38
CA VAL F 62 -30.75 3.41 24.00
CA VAL F 62 -30.78 3.39 24.16
C VAL F 62 -30.27 4.70 23.38
C VAL F 62 -30.08 4.53 23.44
N VAL F 63 -29.65 5.53 24.22
CA VAL F 63 -28.90 6.68 23.72
C VAL F 63 -27.53 6.59 24.37
N CYS F 64 -26.47 6.61 23.57
CA CYS F 64 -25.12 6.39 24.08
C CYS F 64 -24.15 7.28 23.33
N SER F 65 -23.35 8.09 24.01
CA SER F 65 -22.35 8.88 23.31
C SER F 65 -21.16 8.03 22.92
N THR F 66 -20.44 8.52 21.90
CA THR F 66 -19.31 7.81 21.32
C THR F 66 -17.95 8.40 21.62
N GLY F 67 -17.90 9.68 22.00
CA GLY F 67 -16.65 10.40 21.94
C GLY F 67 -16.28 10.81 20.52
N ILE F 68 -15.17 11.48 20.40
CA ILE F 68 -14.59 11.88 19.11
C ILE F 68 -13.74 10.75 18.55
N GLY F 69 -14.01 10.40 17.30
CA GLY F 69 -13.18 9.50 16.56
C GLY F 69 -13.68 8.07 16.46
N GLY F 70 -13.19 7.41 15.42
CA GLY F 70 -13.49 6.02 15.20
C GLY F 70 -13.12 5.09 16.34
N PRO F 71 -11.95 5.26 16.98
CA PRO F 71 -11.58 4.29 18.03
C PRO F 71 -12.59 4.25 19.17
N SER F 72 -12.95 5.43 19.68
N SER F 72 -12.96 5.40 19.72
CA SER F 72 -13.90 5.55 20.77
CA SER F 72 -13.92 5.35 20.81
C SER F 72 -15.29 5.07 20.36
C SER F 72 -15.30 4.95 20.34
N THR F 73 -15.67 5.34 19.11
CA THR F 73 -16.93 4.90 18.56
C THR F 73 -17.02 3.38 18.44
N SER F 74 -15.92 2.75 17.98
CA SER F 74 -15.93 1.33 17.77
C SER F 74 -16.16 0.55 19.05
N ILE F 75 -15.66 1.05 20.19
CA ILE F 75 -15.87 0.40 21.45
C ILE F 75 -17.35 0.44 21.80
N ALA F 76 -17.99 1.61 21.69
CA ALA F 76 -19.39 1.72 22.06
C ALA F 76 -20.26 0.83 21.21
N VAL F 77 -20.03 0.83 19.89
CA VAL F 77 -20.85 -0.01 19.01
C VAL F 77 -20.70 -1.48 19.36
N GLU F 78 -19.46 -1.93 19.54
CA GLU F 78 -19.23 -3.33 19.88
C GLU F 78 -19.96 -3.72 21.15
N GLU F 79 -19.80 -2.91 22.20
CA GLU F 79 -20.38 -3.27 23.49
C GLU F 79 -21.90 -3.23 23.44
N LEU F 80 -22.48 -2.23 22.75
CA LEU F 80 -23.91 -2.22 22.56
C LEU F 80 -24.41 -3.43 21.76
N ALA F 81 -23.66 -3.84 20.74
CA ALA F 81 -24.04 -5.04 20.00
C ALA F 81 -24.01 -6.28 20.90
N GLN F 82 -23.01 -6.37 21.78
CA GLN F 82 -22.98 -7.48 22.73
C GLN F 82 -24.22 -7.54 23.59
N LEU F 83 -24.84 -6.39 23.84
CA LEU F 83 -26.03 -6.28 24.66
C LEU F 83 -27.32 -6.31 23.88
N GLY F 84 -27.25 -6.62 22.58
CA GLY F 84 -28.44 -6.85 21.79
C GLY F 84 -28.82 -5.76 20.80
N VAL F 85 -28.08 -4.66 20.76
CA VAL F 85 -28.41 -3.60 19.83
C VAL F 85 -27.99 -3.98 18.41
N ARG F 86 -28.88 -3.76 17.46
CA ARG F 86 -28.65 -4.14 16.07
C ARG F 86 -28.72 -2.98 15.10
N THR F 87 -29.30 -1.85 15.49
CA THR F 87 -29.49 -0.68 14.65
C THR F 87 -28.92 0.53 15.37
N PHE F 88 -28.09 1.30 14.66
CA PHE F 88 -27.33 2.42 15.20
C PHE F 88 -27.59 3.65 14.36
N LEU F 89 -28.12 4.70 14.97
CA LEU F 89 -28.41 5.96 14.29
C LEU F 89 -27.47 7.01 14.86
N ARG F 90 -26.47 7.40 14.07
CA ARG F 90 -25.56 8.46 14.46
C ARG F 90 -26.12 9.81 14.11
N VAL F 91 -26.09 10.71 15.07
CA VAL F 91 -26.37 12.13 14.85
C VAL F 91 -25.13 12.89 15.24
N GLY F 92 -24.72 13.83 14.43
CA GLY F 92 -23.51 14.52 14.74
C GLY F 92 -23.54 15.89 14.11
N THR F 93 -22.37 16.52 14.14
CA THR F 93 -22.14 17.83 13.55
C THR F 93 -21.14 17.67 12.43
N THR F 94 -21.17 18.63 11.49
CA THR F 94 -20.32 18.49 10.34
C THR F 94 -19.99 19.83 9.75
N GLY F 95 -18.87 19.86 9.02
CA GLY F 95 -18.43 21.02 8.30
C GLY F 95 -18.58 20.75 6.83
N ALA F 96 -19.38 21.56 6.16
CA ALA F 96 -19.57 21.42 4.72
C ALA F 96 -18.37 21.96 3.99
N ILE F 97 -18.11 21.38 2.82
CA ILE F 97 -17.04 21.84 1.95
C ILE F 97 -17.54 22.26 0.57
N GLN F 98 -18.85 22.18 0.32
CA GLN F 98 -19.45 22.61 -0.95
C GLN F 98 -20.14 23.95 -0.76
N PRO F 99 -20.00 24.85 -1.72
CA PRO F 99 -20.61 26.16 -1.56
C PRO F 99 -22.14 26.11 -1.52
N HIS F 100 -22.77 25.09 -2.07
CA HIS F 100 -24.22 25.09 -2.12
C HIS F 100 -24.85 24.58 -0.83
N VAL F 101 -24.06 24.13 0.15
CA VAL F 101 -24.57 23.56 1.38
C VAL F 101 -24.49 24.62 2.46
N ASN F 102 -25.60 24.97 3.06
CA ASN F 102 -25.59 26.04 4.02
C ASN F 102 -25.62 25.54 5.46
N VAL F 103 -25.12 26.39 6.37
CA VAL F 103 -25.28 26.15 7.78
C VAL F 103 -26.76 25.98 8.10
N GLY F 104 -27.09 24.93 8.86
CA GLY F 104 -28.47 24.62 9.17
C GLY F 104 -29.07 23.57 8.25
N ASP F 105 -28.44 23.29 7.11
CA ASP F 105 -28.87 22.18 6.29
C ASP F 105 -28.49 20.88 7.00
N MET F 106 -29.12 19.79 6.57
N MET F 106 -29.06 19.80 6.52
CA MET F 106 -28.83 18.44 7.07
CA MET F 106 -28.73 18.49 7.03
C MET F 106 -28.19 17.60 5.96
C MET F 106 -28.11 17.66 5.93
N ILE F 107 -27.22 16.77 6.34
CA ILE F 107 -26.57 15.83 5.44
C ILE F 107 -26.85 14.41 5.91
N VAL F 108 -27.29 13.53 5.01
CA VAL F 108 -27.38 12.12 5.25
C VAL F 108 -26.31 11.46 4.40
N THR F 109 -25.37 10.78 5.04
CA THR F 109 -24.23 10.20 4.34
C THR F 109 -24.65 8.96 3.58
N THR F 110 -24.32 8.92 2.30
CA THR F 110 -24.54 7.76 1.47
C THR F 110 -23.31 6.85 1.34
N GLY F 111 -22.17 7.37 1.73
CA GLY F 111 -20.92 6.65 1.75
C GLY F 111 -19.85 7.56 2.30
N SER F 112 -18.84 6.99 2.91
CA SER F 112 -17.76 7.77 3.48
CA SER F 112 -17.76 7.77 3.48
C SER F 112 -16.42 7.47 2.84
N VAL F 113 -15.66 8.54 2.62
CA VAL F 113 -14.24 8.44 2.29
C VAL F 113 -13.51 8.01 3.57
N ARG F 114 -12.83 6.90 3.51
CA ARG F 114 -12.21 6.27 4.68
C ARG F 114 -10.85 6.87 4.95
N LEU F 115 -10.82 8.05 5.60
CA LEU F 115 -9.59 8.73 5.96
C LEU F 115 -9.26 8.46 7.45
N ASP F 116 -9.67 7.29 7.92
CA ASP F 116 -9.55 6.81 9.28
C ASP F 116 -8.65 5.56 9.32
N GLY F 117 -8.41 5.04 10.47
CA GLY F 117 -7.70 3.80 10.64
C GLY F 117 -8.58 2.68 11.15
N ALA F 118 -9.57 2.94 11.99
CA ALA F 118 -10.31 1.87 12.62
C ALA F 118 -11.13 1.08 11.62
N SER F 119 -11.61 1.71 10.52
CA SER F 119 -12.37 0.96 9.55
C SER F 119 -11.60 -0.25 9.02
N LEU F 120 -10.27 -0.11 8.87
CA LEU F 120 -9.38 -1.16 8.40
C LEU F 120 -9.29 -2.34 9.36
N HIS F 121 -9.73 -2.15 10.60
CA HIS F 121 -9.75 -3.23 11.57
C HIS F 121 -10.97 -4.10 11.43
N PHE F 122 -11.89 -3.73 10.51
CA PHE F 122 -13.09 -4.49 10.21
C PHE F 122 -13.14 -4.97 8.77
N ALA F 123 -12.61 -4.22 7.82
CA ALA F 123 -12.68 -4.60 6.41
C ALA F 123 -11.55 -3.94 5.70
N PRO F 124 -11.00 -4.56 4.65
CA PRO F 124 -9.92 -3.92 3.89
C PRO F 124 -10.45 -2.67 3.18
N MET F 125 -9.54 -1.84 2.72
CA MET F 125 -9.91 -0.52 2.19
C MET F 125 -10.88 -0.58 1.02
N GLU F 126 -10.83 -1.67 0.23
N GLU F 126 -10.84 -1.64 0.23
CA GLU F 126 -11.70 -1.85 -0.93
CA GLU F 126 -11.73 -1.71 -0.93
C GLU F 126 -13.18 -1.85 -0.53
C GLU F 126 -13.19 -1.85 -0.54
N PHE F 127 -13.49 -2.22 0.70
CA PHE F 127 -14.86 -2.37 1.13
C PHE F 127 -15.51 -0.99 1.31
N PRO F 128 -16.78 -0.82 0.89
CA PRO F 128 -17.39 0.51 0.96
C PRO F 128 -17.90 0.85 2.35
N ALA F 129 -17.62 2.07 2.80
CA ALA F 129 -18.18 2.58 4.05
C ALA F 129 -19.56 3.13 3.74
N VAL F 130 -20.56 2.26 3.91
N VAL F 130 -20.55 2.24 3.67
CA VAL F 130 -21.88 2.42 3.32
CA VAL F 130 -21.90 2.66 3.30
C VAL F 130 -22.93 2.28 4.42
C VAL F 130 -22.90 2.33 4.38
N PRO F 131 -23.97 3.14 4.49
CA PRO F 131 -25.03 2.90 5.46
C PRO F 131 -25.95 1.78 5.03
N ASP F 132 -26.68 1.27 6.00
CA ASP F 132 -27.83 0.45 5.71
C ASP F 132 -28.87 1.29 4.96
N PHE F 133 -29.45 0.70 3.91
CA PHE F 133 -30.35 1.45 3.06
C PHE F 133 -31.62 1.87 3.80
N ASP F 134 -32.16 1.01 4.67
CA ASP F 134 -33.33 1.38 5.44
C ASP F 134 -33.03 2.55 6.38
N VAL F 135 -31.88 2.54 7.05
CA VAL F 135 -31.58 3.65 7.96
C VAL F 135 -31.42 4.93 7.17
N ALA F 136 -30.67 4.88 6.06
CA ALA F 136 -30.48 6.09 5.26
C ALA F 136 -31.81 6.62 4.75
N THR F 137 -32.70 5.73 4.33
CA THR F 137 -34.04 6.12 3.86
C THR F 137 -34.83 6.82 4.98
N ALA F 138 -34.81 6.23 6.18
CA ALA F 138 -35.51 6.80 7.33
C ALA F 138 -34.94 8.15 7.69
N MET F 139 -33.60 8.29 7.65
N MET F 139 -33.61 8.27 7.67
CA MET F 139 -33.00 9.57 7.97
CA MET F 139 -32.96 9.56 7.96
C MET F 139 -33.36 10.64 6.93
C MET F 139 -33.40 10.61 6.95
N LYS F 140 -33.31 10.28 5.66
CA LYS F 140 -33.71 11.25 4.63
CA LYS F 140 -33.71 11.24 4.62
C LYS F 140 -35.16 11.69 4.84
N ALA F 141 -36.06 10.74 5.08
CA ALA F 141 -37.46 11.07 5.28
C ALA F 141 -37.65 11.97 6.48
N ALA F 142 -37.04 11.62 7.60
CA ALA F 142 -37.20 12.43 8.80
C ALA F 142 -36.63 13.82 8.58
N ALA F 143 -35.47 13.89 7.94
CA ALA F 143 -34.84 15.19 7.71
C ALA F 143 -35.70 16.07 6.80
N GLN F 144 -36.19 15.50 5.71
CA GLN F 144 -37.03 16.26 4.76
C GLN F 144 -38.35 16.66 5.38
N GLU F 145 -38.97 15.77 6.15
CA GLU F 145 -40.25 16.10 6.77
C GLU F 145 -40.10 17.23 7.77
N SER F 146 -38.92 17.41 8.34
CA SER F 146 -38.74 18.49 9.30
C SER F 146 -38.78 19.86 8.66
N GLY F 147 -38.64 19.93 7.33
CA GLY F 147 -38.59 21.20 6.65
C GLY F 147 -37.19 21.65 6.33
N ALA F 148 -36.19 20.89 6.75
CA ALA F 148 -34.82 21.23 6.49
C ALA F 148 -34.48 21.01 5.02
N THR F 149 -33.44 21.69 4.56
CA THR F 149 -32.82 21.38 3.29
C THR F 149 -31.84 20.25 3.51
N VAL F 150 -32.01 19.17 2.76
CA VAL F 150 -31.32 17.91 3.02
C VAL F 150 -30.46 17.55 1.82
N HIS F 151 -29.23 17.13 2.07
CA HIS F 151 -28.32 16.68 1.04
C HIS F 151 -27.96 15.23 1.30
N MET F 152 -28.03 14.40 0.29
CA MET F 152 -27.59 13.01 0.33
C MET F 152 -26.25 12.99 -0.40
N GLY F 153 -25.22 12.42 0.19
CA GLY F 153 -23.99 12.29 -0.56
C GLY F 153 -22.84 11.82 0.30
N VAL F 154 -21.65 11.93 -0.29
CA VAL F 154 -20.44 11.36 0.26
C VAL F 154 -19.84 12.30 1.29
N THR F 155 -19.34 11.72 2.37
CA THR F 155 -18.72 12.43 3.49
C THR F 155 -17.27 11.99 3.63
N ALA F 156 -16.35 12.92 3.84
CA ALA F 156 -14.97 12.56 4.11
C ALA F 156 -14.78 12.43 5.62
N SER F 157 -14.35 11.24 6.06
CA SER F 157 -14.29 10.91 7.48
C SER F 157 -12.86 10.73 7.92
N SER F 158 -12.37 11.69 8.68
CA SER F 158 -10.96 11.86 8.99
C SER F 158 -10.63 11.48 10.44
N ASP F 159 -9.48 10.83 10.64
CA ASP F 159 -8.94 10.58 11.98
C ASP F 159 -8.38 11.81 12.65
N THR F 160 -8.28 12.94 11.98
CA THR F 160 -7.86 14.17 12.64
C THR F 160 -8.85 15.30 12.32
N PHE F 161 -8.86 16.27 13.22
CA PHE F 161 -9.63 17.49 13.01
C PHE F 161 -8.84 18.50 12.18
N TYR F 162 -7.52 18.45 12.30
CA TYR F 162 -6.63 19.48 11.76
C TYR F 162 -6.03 19.05 10.41
N PRO F 163 -4.93 18.30 10.34
CA PRO F 163 -4.32 18.07 9.01
C PRO F 163 -5.18 17.28 8.04
N GLY F 164 -5.93 16.29 8.54
CA GLY F 164 -6.78 15.47 7.68
C GLY F 164 -7.98 16.19 7.14
N GLN F 165 -8.29 17.37 7.67
CA GLN F 165 -9.30 18.27 7.14
C GLN F 165 -8.64 19.47 6.47
N GLU F 166 -7.35 19.37 6.20
CA GLU F 166 -6.53 20.37 5.53
C GLU F 166 -6.67 21.73 6.18
N ARG F 167 -6.53 21.76 7.51
CA ARG F 167 -6.43 23.00 8.24
C ARG F 167 -4.97 23.39 8.40
N TYR F 168 -4.65 24.64 8.07
CA TYR F 168 -3.30 25.17 8.18
C TYR F 168 -3.12 26.13 9.36
N ASP F 169 -4.17 26.58 10.04
N ASP F 169 -4.20 26.54 10.01
CA ASP F 169 -3.97 27.55 11.13
CA ASP F 169 -4.15 27.44 11.17
C ASP F 169 -3.71 26.85 12.46
C ASP F 169 -3.83 26.62 12.41
N THR F 170 -2.58 26.18 12.48
CA THR F 170 -2.17 25.20 13.48
C THR F 170 -0.80 25.60 14.02
N PHE F 171 -0.36 24.83 15.02
CA PHE F 171 0.94 25.02 15.61
C PHE F 171 2.07 24.98 14.59
N THR F 172 2.09 23.96 13.73
CA THR F 172 3.15 23.86 12.75
C THR F 172 2.82 24.58 11.46
N GLY F 173 1.54 24.71 11.13
CA GLY F 173 1.17 25.25 9.84
C GLY F 173 1.43 24.34 8.69
N ARG F 174 1.77 23.09 8.93
N ARG F 174 1.77 23.05 8.99
N ARG F 174 1.78 23.08 8.92
CA ARG F 174 2.07 22.16 7.85
CA ARG F 174 2.21 21.98 8.06
CA ARG F 174 2.09 22.17 7.84
C ARG F 174 0.98 21.12 7.78
C ARG F 174 1.06 21.01 7.85
C ARG F 174 1.06 21.07 7.80
N VAL F 175 0.85 20.54 6.60
CA VAL F 175 0.02 19.38 6.35
C VAL F 175 0.85 18.37 5.54
N VAL F 176 0.85 17.14 5.98
CA VAL F 176 1.60 16.07 5.33
C VAL F 176 1.18 15.95 3.87
N ARG F 177 2.10 15.43 3.07
N ARG F 177 2.12 15.49 3.04
CA ARG F 177 1.94 15.36 1.62
CA ARG F 177 1.93 15.37 1.60
C ARG F 177 0.62 14.73 1.20
C ARG F 177 0.59 14.76 1.24
N ARG F 178 0.22 13.65 1.87
CA ARG F 178 -1.03 12.96 1.54
C ARG F 178 -2.23 13.91 1.55
N PHE F 179 -2.25 14.86 2.46
CA PHE F 179 -3.39 15.73 2.66
C PHE F 179 -3.24 17.11 2.02
N GLN F 180 -2.08 17.45 1.49
CA GLN F 180 -1.95 18.71 0.78
C GLN F 180 -2.83 18.69 -0.46
N GLY F 181 -3.66 19.72 -0.64
CA GLY F 181 -4.57 19.79 -1.77
C GLY F 181 -5.79 18.91 -1.64
N SER F 182 -5.97 18.23 -0.52
CA SER F 182 -7.01 17.25 -0.42
C SER F 182 -8.40 17.88 -0.35
N MET F 183 -8.57 19.05 0.33
CA MET F 183 -9.93 19.57 0.43
C MET F 183 -10.43 19.89 -1.01
N LYS F 184 -9.61 20.51 -1.86
CA LYS F 184 -10.02 20.80 -3.23
CA LYS F 184 -10.02 20.79 -3.24
CA LYS F 184 -9.99 20.80 -3.25
C LYS F 184 -10.30 19.51 -4.00
N GLU F 185 -9.48 18.48 -3.81
N GLU F 185 -9.49 18.47 -3.79
CA GLU F 185 -9.73 17.20 -4.46
CA GLU F 185 -9.74 17.19 -4.45
C GLU F 185 -11.12 16.66 -4.07
C GLU F 185 -11.11 16.65 -4.07
N TRP F 186 -11.44 16.64 -2.78
CA TRP F 186 -12.75 16.15 -2.37
C TRP F 186 -13.86 17.05 -2.91
N GLN F 187 -13.66 18.36 -2.86
CA GLN F 187 -14.65 19.27 -3.43
C GLN F 187 -14.94 18.95 -4.87
N ASP F 188 -13.89 18.75 -5.67
CA ASP F 188 -14.06 18.45 -7.09
C ASP F 188 -14.72 17.13 -7.30
N MET F 189 -14.57 16.18 -6.41
CA MET F 189 -15.20 14.88 -6.44
C MET F 189 -16.62 14.90 -5.90
N GLY F 190 -17.13 16.04 -5.46
CA GLY F 190 -18.51 16.15 -5.01
C GLY F 190 -18.76 15.80 -3.57
N VAL F 191 -17.70 15.58 -2.79
CA VAL F 191 -17.85 15.26 -1.37
C VAL F 191 -18.49 16.46 -0.67
N LEU F 192 -19.43 16.19 0.23
CA LEU F 192 -20.21 17.26 0.83
C LEU F 192 -19.55 17.89 2.05
N ASN F 193 -18.84 17.10 2.86
CA ASN F 193 -18.59 17.48 4.24
C ASN F 193 -17.47 16.64 4.84
N PHE F 194 -16.93 17.14 5.94
CA PHE F 194 -15.99 16.45 6.81
C PHE F 194 -16.62 16.12 8.17
N GLU F 195 -16.28 14.95 8.68
CA GLU F 195 -16.49 14.60 10.09
C GLU F 195 -15.45 13.55 10.43
N MET F 196 -15.61 12.88 11.58
CA MET F 196 -14.53 12.06 12.12
C MET F 196 -14.96 10.65 12.55
N GLU F 197 -16.17 10.20 12.33
CA GLU F 197 -16.62 8.92 12.88
C GLU F 197 -17.30 8.01 11.87
N SER F 198 -17.86 8.55 10.81
CA SER F 198 -18.72 7.76 9.95
C SER F 198 -18.01 6.64 9.22
N ALA F 199 -16.78 6.83 8.78
CA ALA F 199 -16.11 5.73 8.09
C ALA F 199 -16.00 4.52 8.98
N THR F 200 -15.60 4.74 10.24
CA THR F 200 -15.48 3.61 11.16
C THR F 200 -16.83 2.99 11.43
N LEU F 201 -17.83 3.83 11.78
CA LEU F 201 -19.14 3.30 12.11
C LEU F 201 -19.74 2.49 10.95
N LEU F 202 -19.73 3.10 9.77
CA LEU F 202 -20.40 2.47 8.63
C LEU F 202 -19.69 1.21 8.22
N THR F 203 -18.35 1.21 8.19
CA THR F 203 -17.62 0.03 7.79
C THR F 203 -17.81 -1.09 8.78
N MET F 204 -17.70 -0.79 10.08
N MET F 204 -17.62 -0.76 10.06
CA MET F 204 -17.83 -1.86 11.06
CA MET F 204 -17.82 -1.72 11.13
C MET F 204 -19.22 -2.44 11.08
C MET F 204 -19.17 -2.40 10.98
N CYS F 205 -20.24 -1.60 10.89
CA CYS F 205 -21.57 -2.14 10.92
C CYS F 205 -21.90 -2.93 9.64
N ALA F 206 -21.55 -2.38 8.47
CA ALA F 206 -21.86 -3.02 7.20
C ALA F 206 -21.17 -4.35 7.03
N SER F 207 -20.05 -4.56 7.73
CA SER F 207 -19.28 -5.79 7.66
C SER F 207 -19.57 -6.73 8.83
N SER F 208 -20.47 -6.36 9.74
CA SER F 208 -20.72 -7.08 10.98
C SER F 208 -22.19 -7.43 11.20
N GLY F 209 -23.05 -7.22 10.23
CA GLY F 209 -24.44 -7.57 10.39
C GLY F 209 -25.25 -6.60 11.22
N LEU F 210 -24.83 -5.36 11.29
CA LEU F 210 -25.50 -4.31 12.05
C LEU F 210 -25.99 -3.25 11.08
N LYS F 211 -27.10 -2.61 11.38
CA LYS F 211 -27.65 -1.57 10.52
CA LYS F 211 -27.67 -1.57 10.52
C LYS F 211 -27.25 -0.21 11.07
N ALA F 212 -26.65 0.64 10.25
CA ALA F 212 -26.19 1.94 10.70
C ALA F 212 -26.44 3.00 9.64
N GLY F 213 -26.53 4.23 10.11
CA GLY F 213 -26.57 5.40 9.26
C GLY F 213 -26.13 6.61 10.04
N CYS F 214 -25.85 7.69 9.31
N CYS F 214 -25.88 7.71 9.32
CA CYS F 214 -25.39 8.96 9.85
CA CYS F 214 -25.38 8.95 9.91
C CYS F 214 -26.19 10.11 9.27
C CYS F 214 -26.06 10.16 9.29
N VAL F 215 -26.62 11.01 10.16
CA VAL F 215 -27.22 12.28 9.79
C VAL F 215 -26.56 13.37 10.61
N ALA F 216 -26.35 14.51 9.99
CA ALA F 216 -25.65 15.58 10.66
C ALA F 216 -26.20 16.93 10.27
N GLY F 217 -26.20 17.83 11.24
CA GLY F 217 -26.46 19.22 10.97
C GLY F 217 -25.18 19.94 10.60
N VAL F 218 -25.28 20.80 9.60
CA VAL F 218 -24.13 21.57 9.15
C VAL F 218 -23.96 22.76 10.07
N ILE F 219 -22.82 22.83 10.74
CA ILE F 219 -22.51 23.89 11.71
C ILE F 219 -21.50 24.91 11.20
N ILE F 220 -20.81 24.59 10.11
CA ILE F 220 -19.88 25.49 9.48
C ILE F 220 -19.75 25.08 8.03
N ASN F 221 -19.37 26.03 7.20
CA ASN F 221 -19.03 25.76 5.81
C ASN F 221 -17.64 26.33 5.56
N ARG F 222 -16.71 25.44 5.21
CA ARG F 222 -15.30 25.80 5.03
C ARG F 222 -15.07 26.80 3.93
N THR F 223 -16.02 26.98 3.03
CA THR F 223 -15.89 27.92 1.93
C THR F 223 -16.53 29.27 2.21
N GLN F 224 -17.24 29.42 3.32
CA GLN F 224 -17.95 30.66 3.64
C GLN F 224 -17.15 31.45 4.66
N LYS F 225 -17.25 32.77 4.57
CA LYS F 225 -16.58 33.65 5.51
C LYS F 225 -17.50 34.15 6.61
N GLU F 226 -18.80 34.13 6.40
CA GLU F 226 -19.74 34.57 7.43
CA GLU F 226 -19.69 34.60 7.45
C GLU F 226 -19.73 33.57 8.57
N ILE F 227 -19.77 34.07 9.80
CA ILE F 227 -19.89 33.23 11.00
C ILE F 227 -21.37 33.07 11.33
N PRO F 228 -21.89 31.86 11.50
CA PRO F 228 -23.31 31.71 11.81
C PRO F 228 -23.66 32.29 13.17
N ASP F 229 -24.86 32.86 13.27
CA ASP F 229 -25.23 33.44 14.56
C ASP F 229 -25.76 32.39 15.53
N HIS F 230 -25.84 32.83 16.79
CA HIS F 230 -26.14 31.91 17.88
C HIS F 230 -27.48 31.24 17.70
N ALA F 231 -28.50 31.99 17.25
CA ALA F 231 -29.83 31.42 17.08
C ALA F 231 -29.82 30.34 15.99
N THR F 232 -29.10 30.59 14.89
CA THR F 232 -29.04 29.59 13.83
C THR F 232 -28.40 28.30 14.31
N LEU F 233 -27.33 28.42 15.10
CA LEU F 233 -26.68 27.24 15.62
C LEU F 233 -27.58 26.49 16.59
N LYS F 234 -28.28 27.22 17.45
CA LYS F 234 -29.16 26.55 18.41
C LYS F 234 -30.30 25.84 17.69
N GLU F 235 -30.88 26.47 16.65
N GLU F 235 -30.87 26.47 16.65
CA GLU F 235 -31.92 25.81 15.88
CA GLU F 235 -31.92 25.83 15.88
C GLU F 235 -31.39 24.57 15.19
C GLU F 235 -31.40 24.58 15.19
N THR F 236 -30.17 24.63 14.66
CA THR F 236 -29.59 23.49 13.95
C THR F 236 -29.38 22.33 14.91
N GLU F 237 -28.89 22.62 16.12
CA GLU F 237 -28.69 21.55 17.09
C GLU F 237 -30.02 20.91 17.44
N ALA F 238 -31.02 21.74 17.71
CA ALA F 238 -32.31 21.21 18.10
C ALA F 238 -32.94 20.40 16.99
N ARG F 239 -32.84 20.86 15.75
N ARG F 239 -32.85 20.91 15.76
CA ARG F 239 -33.48 20.10 14.68
CA ARG F 239 -33.37 20.23 14.59
C ARG F 239 -32.73 18.79 14.42
C ARG F 239 -32.74 18.84 14.45
N SER F 240 -31.42 18.76 14.62
CA SER F 240 -30.70 17.53 14.38
CA SER F 240 -30.73 17.52 14.35
C SER F 240 -31.18 16.42 15.29
N ILE F 241 -31.39 16.74 16.57
CA ILE F 241 -31.79 15.68 17.49
C ILE F 241 -33.26 15.33 17.33
N LYS F 242 -34.11 16.30 16.95
CA LYS F 242 -35.49 15.98 16.61
CA LYS F 242 -35.49 15.96 16.62
C LYS F 242 -35.53 15.01 15.41
N VAL F 243 -34.73 15.29 14.40
CA VAL F 243 -34.68 14.46 13.20
C VAL F 243 -34.24 13.04 13.52
N VAL F 244 -33.19 12.88 14.34
CA VAL F 244 -32.71 11.53 14.57
C VAL F 244 -33.73 10.71 15.34
N VAL F 245 -34.48 11.34 16.25
CA VAL F 245 -35.53 10.63 16.97
C VAL F 245 -36.66 10.22 16.03
N GLU F 246 -37.03 11.10 15.09
N GLU F 246 -37.05 11.12 15.12
CA GLU F 246 -38.04 10.73 14.11
CA GLU F 246 -38.04 10.76 14.11
C GLU F 246 -37.55 9.65 13.16
C GLU F 246 -37.54 9.60 13.25
N ALA F 247 -36.26 9.63 12.87
CA ALA F 247 -35.70 8.53 12.08
C ALA F 247 -35.76 7.22 12.85
N ALA F 248 -35.48 7.27 14.17
CA ALA F 248 -35.63 6.09 15.00
C ALA F 248 -37.07 5.57 14.99
N ARG F 249 -38.03 6.48 15.08
N ARG F 249 -38.04 6.48 15.13
CA ARG F 249 -39.43 6.07 15.06
CA ARG F 249 -39.43 6.07 15.06
C ARG F 249 -39.76 5.35 13.76
C ARG F 249 -39.68 5.28 13.79
N LYS F 250 -39.18 5.79 12.64
CA LYS F 250 -39.41 5.12 11.36
C LYS F 250 -38.74 3.76 11.26
N MET F 251 -37.70 3.51 12.06
CA MET F 251 -37.03 2.21 12.06
C MET F 251 -37.71 1.19 12.96
N LEU F 252 -38.50 1.62 13.94
CA LEU F 252 -39.14 0.66 14.82
C LEU F 252 -40.19 -0.14 14.08
N LYS F 253 -40.95 0.56 13.24
CA LYS F 253 -42.26 0.21 12.64
C LYS F 253 -42.79 1.52 12.06
N1 URI G . -21.25 -11.98 -13.51
C2 URI G . -20.09 -12.29 -12.82
N3 URI G . -20.20 -13.27 -11.86
C4 URI G . -21.33 -14.02 -11.58
C5 URI G . -22.45 -13.72 -12.40
C6 URI G . -22.38 -12.74 -13.28
O2 URI G . -19.08 -11.74 -13.05
O4 URI G . -21.28 -14.91 -10.71
C1' URI G . -21.29 -11.05 -14.68
C2' URI G . -20.39 -9.80 -14.74
C3' URI G . -19.72 -9.85 -16.13
C4' URI G . -20.34 -11.06 -16.78
O2' URI G . -21.13 -8.62 -14.56
O3' URI G . -19.91 -8.70 -16.95
O4' URI G . -20.87 -11.87 -15.72
C5' URI G . -19.37 -11.89 -17.54
O5' URI G . -20.02 -13.05 -18.02
H3 URI G . -19.48 -13.45 -11.41
H5 URI G . -23.26 -14.14 -12.24
H6 URI G . -23.14 -12.56 -13.80
H1' URI G . -22.21 -10.79 -14.84
H2' URI G . -19.71 -9.85 -14.05
H3' URI G . -18.77 -10.00 -16.02
H4' URI G . -21.05 -10.77 -17.36
HO2' URI G . -20.62 -7.96 -14.60
HO3' URI G . -19.24 -8.28 -17.24
H5'1 URI G . -19.03 -11.37 -18.29
H5'2 URI G . -18.64 -12.14 -16.96
HO5' URI G . -19.79 -13.80 -17.73
NA NA H . -14.54 -5.31 -22.70
N1 URI I . -5.24 2.43 -27.26
C2 URI I . -5.06 3.11 -26.09
N3 URI I . -4.56 4.37 -26.22
C4 URI I . -4.29 5.10 -27.35
C5 URI I . -4.55 4.35 -28.54
C6 URI I . -4.97 3.08 -28.46
O2 URI I . -5.29 2.62 -25.02
O4 URI I . -3.93 6.26 -27.29
C1' URI I . -5.88 1.11 -27.40
C2' URI I . -6.21 0.26 -26.16
C3' URI I . -7.63 -0.25 -26.38
C4' URI I . -8.12 0.53 -27.57
O2' URI I . -5.28 -0.74 -25.90
O3' URI I . -7.71 -1.64 -26.65
O4' URI I . -7.15 1.50 -27.89
C5' URI I . -9.46 1.18 -27.41
O5' URI I . -9.73 1.96 -28.56
H3 URI I . -4.46 4.79 -25.48
H5 URI I . -4.38 4.74 -29.38
H6 URI I . -5.17 2.65 -29.25
H1' URI I . -5.43 0.58 -28.07
H2' URI I . -6.21 0.85 -25.39
H3' URI I . -8.18 -0.04 -25.60
H4' URI I . -8.18 -0.08 -28.32
HO2' URI I . -5.52 -1.16 -25.21
HO3' URI I . -8.18 -2.13 -26.17
H5'1 URI I . -10.14 0.50 -27.31
H5'2 URI I . -9.45 1.76 -26.63
HO5' URI I . -9.64 2.79 -28.54
CL CL J . -7.43 -3.97 -31.74
N1 URI K . 22.52 -15.65 -4.44
C2 URI K . 21.39 -15.56 -3.66
N3 URI K . 20.67 -16.74 -3.49
C4 URI K . 21.02 -18.00 -3.93
C5 URI K . 22.23 -18.00 -4.70
C6 URI K . 22.91 -16.89 -4.90
O2 URI K . 21.08 -14.54 -3.19
O4 URI K . 20.25 -18.95 -3.71
C1' URI K . 23.49 -14.54 -4.57
C2' URI K . 23.04 -13.04 -4.62
C3' URI K . 23.98 -12.31 -3.62
C4' URI K . 24.92 -13.40 -3.13
O2' URI K . 23.11 -12.47 -5.92
O3' URI K . 24.73 -11.22 -4.16
O4' URI K . 24.26 -14.66 -3.39
C5' URI K . 25.22 -13.33 -1.68
O5' URI K . 26.13 -14.36 -1.34
H3 URI K . 19.95 -16.68 -3.02
H5 URI K . 22.53 -18.80 -5.08
H6 URI K . 23.72 -16.94 -5.37
H1' URI K . 24.07 -14.72 -5.33
H2' URI K . 22.13 -12.98 -4.30
H3' URI K . 23.45 -12.00 -2.87
H4' URI K . 25.75 -13.36 -3.64
HO2' URI K . 22.86 -11.68 -5.87
HO3' URI K . 24.66 -10.46 -3.82
H5'1 URI K . 25.62 -12.46 -1.48
H5'2 URI K . 24.40 -13.42 -1.17
HO5' URI K . 25.88 -14.98 -0.82
CL CL L . 30.15 -12.24 -8.60
CL CL M . 14.54 -3.15 -24.75
NA NA N . 26.95 -4.10 -0.17
N1 URI O . 26.17 8.23 4.18
C2 URI O . 25.07 8.52 3.39
N3 URI O . 24.74 9.84 3.23
C4 URI O . 25.43 10.90 3.71
C5 URI O . 26.59 10.55 4.46
C6 URI O . 26.92 9.28 4.67
O2 URI O . 24.47 7.68 2.90
O4 URI O . 25.04 12.05 3.46
C1' URI O . 26.75 6.88 4.30
C2' URI O . 25.85 5.62 4.33
C3' URI O . 26.54 4.63 3.35
C4' URI O . 27.78 5.36 2.87
O2' URI O . 25.66 5.07 5.63
O3' URI O . 26.92 3.37 3.92
O4' URI O . 27.55 6.77 3.14
C5' URI O . 28.08 5.25 1.41
O5' URI O . 29.27 5.97 1.12
H3 URI O . 24.04 10.00 2.75
H5 URI O . 27.10 11.22 4.85
H6 URI O . 27.70 9.09 5.15
H1' URI O . 27.34 6.86 5.09
H2' URI O . 24.98 5.85 3.97
H3' URI O . 25.95 4.47 2.60
H4' URI O . 28.55 5.07 3.37
HO2' URI O . 25.17 4.39 5.57
HO3' URI O . 26.62 2.66 3.60
H5'1 URI O . 28.20 4.33 1.17
H5'2 URI O . 27.35 5.64 0.90
HO5' URI O . 29.23 6.67 0.65
CL CL P . 14.47 -1.18 24.36
CL CL Q . 32.36 2.76 8.37
MG MG R . 14.40 -5.29 21.93
N1 URI S . -5.88 -0.46 26.83
C2 URI S . -5.91 -1.20 25.67
N3 URI S . -5.78 -2.53 25.78
C4 URI S . -5.73 -3.28 26.91
C5 URI S . -5.74 -2.50 28.11
C6 URI S . -5.79 -1.16 28.03
O2 URI S . -6.05 -0.66 24.60
O4 URI S . -5.70 -4.52 26.84
C1' URI S . -6.21 0.94 26.94
C2' URI S . -6.12 1.92 25.74
C3' URI S . -7.38 2.79 25.88
C4' URI S . -8.13 2.22 27.06
O2' URI S . -4.93 2.62 25.69
O3' URI S . -7.12 4.16 26.09
O4' URI S . -7.61 0.90 27.24
C5' URI S . -9.61 2.09 26.86
O5' URI S . -10.20 1.55 28.02
H3 URI S . -5.82 -2.96 25.05
H5 URI S . -5.67 -2.92 28.94
H6 URI S . -5.86 -0.68 28.82
H1' URI S . -5.73 1.32 27.69
H2' URI S . -6.21 1.40 24.92
H3' URI S . -7.93 2.70 25.09
H4' URI S . -7.95 2.75 27.85
HO2' URI S . -4.94 3.12 25.02
HO3' URI S . -7.42 4.74 25.56
H5'1 URI S . -9.98 2.96 26.68
H5'2 URI S . -9.77 1.50 26.11
HO5' URI S . -10.54 0.78 27.99
NA NA T . -12.51 9.81 22.07
C1 EDO U . -5.92 4.16 29.38
O1 EDO U . -6.33 5.07 30.38
C2 EDO U . -4.90 4.77 28.48
O2 EDO U . -4.00 3.81 27.89
H11 EDO U . -6.78 3.85 28.80
H12 EDO U . -5.50 3.27 29.86
HO1 EDO U . -7.00 4.64 30.94
H21 EDO U . -4.31 5.49 29.05
H22 EDO U . -5.41 5.31 27.69
HO2 EDO U . -3.37 4.27 27.32
N1 URI V . -16.68 17.90 12.92
C2 URI V . -15.50 17.88 12.20
N3 URI V . -15.29 18.87 11.27
C4 URI V . -16.08 19.95 11.09
C5 URI V . -17.28 19.97 11.88
C6 URI V . -17.52 18.99 12.75
O2 URI V . -14.70 17.02 12.37
O4 URI V . -15.72 20.81 10.26
C1' URI V . -16.97 17.05 14.06
C2' URI V . -16.49 15.59 14.12
C3' URI V . -15.89 15.45 15.54
C4' URI V . -16.11 16.81 16.19
O2' URI V . -17.51 14.66 13.84
O3' URI V . -16.53 14.45 16.31
O4' URI V . -16.33 17.74 15.12
C5' URI V . -14.95 17.32 16.97
O5' URI V . -15.26 18.59 17.53
H3 URI V . -14.55 18.84 10.85
H5 URI V . -17.89 20.67 11.78
H6 URI V . -18.27 19.05 13.28
H1' URI V . -17.93 17.06 14.22
H2' URI V . -15.78 15.47 13.47
H3' URI V . -14.94 15.26 15.48
H4' URI V . -16.89 16.77 16.76
HO2' URI V . -17.19 13.89 13.88
HO3' URI V . -16.07 13.82 16.64
H5'1 URI V . -14.74 16.70 17.69
H5'2 URI V . -14.17 17.41 16.38
HO5' URI V . -14.89 19.28 17.24
CL CL W . -22.81 15.18 18.88
#